data_8YRE
#
_entry.id   8YRE
#
_cell.length_a   158.268
_cell.length_b   134.987
_cell.length_c   168.473
_cell.angle_alpha   90.00
_cell.angle_beta   117.14
_cell.angle_gamma   90.00
#
_symmetry.space_group_name_H-M   'C 1 2 1'
#
loop_
_entity.id
_entity.type
_entity.pdbx_description
1 polymer 'ADP-glucose pyrophosphorylase family protein'
2 polymer 'Mannose-1-phosphate guanylyltransferase 1'
3 non-polymer 'SULFATE ION'
4 water water
#
loop_
_entity_poly.entity_id
_entity_poly.type
_entity_poly.pdbx_seq_one_letter_code
_entity_poly.pdbx_strand_id
1 'polypeptide(L)'
;MSEEKVVAVIMVGGPTKGTRFRPLSFNTPKPLIPLAGQPMIHHPISACKKISNLAQIFLIGFYEEREFALYVSSISNELK
IPVRYLKEDKPHGSAGALYYFRDRIMEEKPSHVFLLNCDVCCSFPLQGILDAHRRYGGIGTMLVIKVSAEAASQFGELIA
DPDTKELLHYTEKPETFVSDLINCGVYVFTSDIFNAIEEVYSQIRDTSSNYQSATRSVPADFVRLDQDILSPLAGKKQLY
TYENKDFWEQIKTPGKSLKCSALYLSQFRETSPHILASGDGTNRKPTIIGDVYIHPSVKLHPTAKIGPNVSISANVRVGP
GVRLISCIILDDVEIKENAVVINSIIGWKSSIGRWSRVQASGDYNDRLGITILGEAVTVEDEVAVIGSIVLQNKTLNVSV
QDDIIL
;
A,B,C
2 'polypeptide(L)'
;MKALILVGGFGTRLRPLTLSFPKPLVDFANKPMILHQIEALKAVGVDEVVLAINYQPEVMLNFLKDFETKLEIKITCSQE
TEPLGTAGPLALARDKLLDGSGEPFFVLNSDVISEYPLKEMLEFHKSHGGEASIMVTKVDEPSKYGVVVMEESTGRVEKF
VEKPKLYVGNKINAGIYLLNPSVLDKIELRPTSIEKETFPKIAAAQGLYAMVLPGFWMDIGQPRDYITGLRLYLDSLRKK
SPAKLTSGPHIVGNVLVDETATIGEGCLIGPDVAIGPGCIVESGVRLSRCTVMRGVRIKKHACISSSIIGWHSTVGQWAR
IENMTILGEDVHVSDEIYSNGGVVLPHKEIKSNILKPEIVM
;
D,E,F
#
# COMPACT_ATOMS: atom_id res chain seq x y z
N GLU A 4 36.15 50.99 -17.16
CA GLU A 4 35.08 50.75 -16.21
C GLU A 4 35.54 49.90 -15.02
N LYS A 5 34.60 49.56 -14.16
CA LYS A 5 34.87 48.68 -13.03
C LYS A 5 33.62 47.86 -12.75
N VAL A 6 33.81 46.60 -12.39
CA VAL A 6 32.73 45.65 -12.17
C VAL A 6 32.87 45.06 -10.77
N VAL A 7 31.74 44.98 -10.07
CA VAL A 7 31.68 44.34 -8.76
C VAL A 7 30.69 43.19 -8.83
N ALA A 8 30.86 42.23 -7.93
CA ALA A 8 30.04 41.02 -7.91
C ALA A 8 29.53 40.78 -6.50
N VAL A 9 28.23 40.47 -6.39
CA VAL A 9 27.60 40.17 -5.11
C VAL A 9 26.87 38.84 -5.26
N ILE A 10 27.18 37.88 -4.38
CA ILE A 10 26.58 36.55 -4.42
C ILE A 10 25.67 36.40 -3.20
N MET A 11 24.45 35.93 -3.44
CA MET A 11 23.56 35.58 -2.35
C MET A 11 23.97 34.25 -1.74
N VAL A 12 23.82 34.13 -0.42
CA VAL A 12 24.25 32.96 0.33
C VAL A 12 23.09 32.29 1.05
N GLY A 13 22.24 33.08 1.71
CA GLY A 13 21.17 32.55 2.51
C GLY A 13 21.64 32.17 3.91
N GLY A 14 20.68 31.90 4.78
CA GLY A 14 20.98 31.58 6.15
C GLY A 14 20.66 30.14 6.53
N PRO A 15 20.72 29.84 7.83
CA PRO A 15 20.47 28.47 8.30
C PRO A 15 19.04 28.01 8.12
N THR A 16 18.14 28.88 7.69
CA THR A 16 16.77 28.51 7.43
C THR A 16 16.55 28.12 5.98
N LYS A 17 17.51 28.36 5.11
CA LYS A 17 17.44 27.92 3.72
C LYS A 17 18.08 26.55 3.52
N GLY A 18 19.23 26.32 4.14
CA GLY A 18 19.87 25.02 4.09
C GLY A 18 19.21 24.03 5.03
N THR A 19 17.92 24.25 5.33
CA THR A 19 17.14 23.36 6.16
C THR A 19 16.64 22.14 5.39
N ARG A 20 17.00 22.00 4.12
CA ARG A 20 16.73 20.79 3.37
C ARG A 20 17.95 19.88 3.27
N PHE A 21 19.14 20.45 3.40
CA PHE A 21 20.39 19.70 3.41
C PHE A 21 20.80 19.26 4.82
N ARG A 22 19.84 19.16 5.75
CA ARG A 22 20.03 18.96 7.19
C ARG A 22 21.16 17.99 7.56
N PRO A 23 21.17 16.74 7.07
CA PRO A 23 22.24 15.81 7.49
C PRO A 23 23.64 16.38 7.25
N LEU A 24 23.85 17.03 6.11
CA LEU A 24 25.12 17.69 5.82
C LEU A 24 25.17 19.12 6.34
N SER A 25 24.02 19.80 6.38
CA SER A 25 24.00 21.18 6.87
C SER A 25 24.42 21.27 8.32
N PHE A 26 24.22 20.21 9.10
CA PHE A 26 24.63 20.22 10.49
C PHE A 26 26.15 20.32 10.62
N ASN A 27 26.89 19.75 9.67
CA ASN A 27 28.34 19.87 9.67
C ASN A 27 28.79 21.08 8.86
N THR A 28 28.28 21.24 7.64
CA THR A 28 28.69 22.31 6.74
C THR A 28 27.47 22.97 6.11
N PRO A 29 27.36 24.30 6.15
CA PRO A 29 26.20 24.98 5.54
C PRO A 29 26.08 24.69 4.05
N LYS A 30 24.89 24.99 3.52
CA LYS A 30 24.56 24.72 2.11
C LYS A 30 25.58 25.27 1.11
N PRO A 31 25.98 26.54 1.16
CA PRO A 31 26.88 27.05 0.10
C PRO A 31 28.25 26.42 0.10
N LEU A 32 28.66 25.81 1.21
CA LEU A 32 30.01 25.27 1.35
C LEU A 32 30.06 23.76 1.12
N ILE A 33 28.94 23.15 0.74
CA ILE A 33 28.91 21.71 0.51
C ILE A 33 29.59 21.41 -0.82
N PRO A 34 30.58 20.51 -0.85
CA PRO A 34 31.39 20.31 -2.07
C PRO A 34 30.59 19.65 -3.19
N LEU A 35 30.43 20.39 -4.29
CA LEU A 35 29.84 19.86 -5.51
C LEU A 35 30.95 19.61 -6.52
N ALA A 36 31.05 18.36 -6.98
CA ALA A 36 32.13 17.94 -7.88
C ALA A 36 33.51 18.21 -7.29
N GLY A 37 33.62 18.08 -5.96
CA GLY A 37 34.85 18.29 -5.24
C GLY A 37 34.98 19.68 -4.65
N GLN A 38 34.36 20.68 -5.27
CA GLN A 38 34.46 22.05 -4.79
C GLN A 38 33.14 22.52 -4.18
N PRO A 39 33.18 23.43 -3.22
CA PRO A 39 31.94 23.93 -2.60
C PRO A 39 30.95 24.48 -3.62
N MET A 40 29.72 24.65 -3.15
CA MET A 40 28.63 25.05 -4.04
C MET A 40 28.94 26.39 -4.72
N ILE A 41 29.32 27.40 -3.93
CA ILE A 41 29.65 28.71 -4.46
C ILE A 41 31.04 28.79 -5.06
N HIS A 42 31.82 27.70 -5.00
CA HIS A 42 33.18 27.71 -5.54
C HIS A 42 33.21 27.80 -7.05
N HIS A 43 32.09 27.53 -7.73
CA HIS A 43 32.05 27.60 -9.19
C HIS A 43 31.64 28.98 -9.69
N PRO A 44 30.65 29.64 -9.07
CA PRO A 44 30.40 31.06 -9.45
C PRO A 44 31.63 31.92 -9.25
N ILE A 45 32.31 31.80 -8.12
CA ILE A 45 33.52 32.57 -7.87
C ILE A 45 34.58 32.23 -8.91
N SER A 46 34.62 30.98 -9.36
CA SER A 46 35.59 30.58 -10.38
C SER A 46 35.34 31.33 -11.69
N ALA A 47 34.09 31.70 -11.96
CA ALA A 47 33.76 32.43 -13.16
C ALA A 47 34.00 33.92 -13.02
N CYS A 48 34.22 34.40 -11.80
CA CYS A 48 34.46 35.82 -11.58
C CYS A 48 35.87 36.24 -11.99
N LYS A 49 36.82 35.31 -11.99
CA LYS A 49 38.19 35.67 -12.34
C LYS A 49 38.34 35.93 -13.84
N LYS A 50 37.46 35.37 -14.67
CA LYS A 50 37.55 35.59 -16.10
C LYS A 50 37.19 37.02 -16.50
N ILE A 51 36.63 37.81 -15.60
CA ILE A 51 36.36 39.22 -15.86
C ILE A 51 37.57 40.03 -15.38
N SER A 52 38.35 40.55 -16.32
CA SER A 52 39.58 41.25 -15.95
C SER A 52 39.28 42.58 -15.27
N ASN A 53 38.13 43.18 -15.56
CA ASN A 53 37.73 44.44 -14.95
C ASN A 53 36.86 44.25 -13.72
N LEU A 54 36.86 43.06 -13.13
CA LEU A 54 36.14 42.79 -11.90
C LEU A 54 37.11 42.93 -10.72
N ALA A 55 36.57 43.40 -9.60
CA ALA A 55 37.39 43.65 -8.42
C ALA A 55 36.81 42.95 -7.19
N GLN A 56 36.11 43.71 -6.36
CA GLN A 56 35.60 43.18 -5.11
C GLN A 56 34.49 42.15 -5.36
N ILE A 57 34.41 41.17 -4.46
CA ILE A 57 33.35 40.17 -4.47
C ILE A 57 32.69 40.18 -3.12
N PHE A 58 31.36 40.06 -3.10
CA PHE A 58 30.57 40.24 -1.89
C PHE A 58 29.67 39.03 -1.71
N LEU A 59 29.83 38.32 -0.60
CA LEU A 59 28.93 37.25 -0.21
C LEU A 59 28.08 37.75 0.94
N ILE A 60 26.77 37.80 0.73
CA ILE A 60 25.84 38.33 1.73
C ILE A 60 24.84 37.27 2.10
N GLY A 61 24.46 37.25 3.38
CA GLY A 61 23.51 36.30 3.92
C GLY A 61 23.59 36.28 5.43
N PHE A 62 22.50 35.93 6.11
CA PHE A 62 22.43 36.00 7.56
C PHE A 62 22.99 34.76 8.24
N TYR A 63 23.95 34.08 7.61
CA TYR A 63 24.78 33.09 8.28
C TYR A 63 25.73 33.80 9.23
N GLU A 64 26.50 33.01 9.98
CA GLU A 64 27.52 33.56 10.85
C GLU A 64 28.84 33.70 10.09
N GLU A 65 29.48 34.86 10.25
CA GLU A 65 30.73 35.13 9.53
C GLU A 65 31.85 34.17 9.94
N ARG A 66 31.75 33.56 11.11
CA ARG A 66 32.80 32.67 11.60
C ARG A 66 33.01 31.48 10.67
N GLU A 67 31.94 30.96 10.07
CA GLU A 67 32.08 29.81 9.20
C GLU A 67 32.71 30.19 7.87
N PHE A 68 32.37 31.36 7.33
CA PHE A 68 32.83 31.77 6.01
C PHE A 68 34.21 32.42 6.03
N ALA A 69 34.62 33.00 7.16
CA ALA A 69 35.90 33.69 7.23
C ALA A 69 37.07 32.75 6.91
N LEU A 70 36.98 31.50 7.37
CA LEU A 70 38.05 30.54 7.10
C LEU A 70 38.06 30.13 5.64
N TYR A 71 36.89 30.07 5.00
CA TYR A 71 36.80 29.63 3.61
C TYR A 71 37.23 30.73 2.66
N VAL A 72 36.77 31.96 2.90
CA VAL A 72 37.12 33.08 2.03
C VAL A 72 38.63 33.30 2.01
N SER A 73 39.31 32.97 3.11
CA SER A 73 40.75 33.15 3.17
C SER A 73 41.50 32.29 2.16
N SER A 74 40.89 31.19 1.71
CA SER A 74 41.56 30.26 0.80
C SER A 74 41.27 30.55 -0.67
N ILE A 75 40.15 31.20 -0.97
CA ILE A 75 39.78 31.43 -2.38
C ILE A 75 40.73 32.45 -3.00
N SER A 76 40.93 33.59 -2.33
CA SER A 76 41.80 34.64 -2.85
C SER A 76 43.24 34.19 -2.98
N ASN A 77 43.63 33.08 -2.35
CA ASN A 77 44.95 32.51 -2.57
C ASN A 77 45.05 31.80 -3.91
N GLU A 78 43.92 31.45 -4.52
CA GLU A 78 43.90 30.74 -5.80
C GLU A 78 43.69 31.69 -6.97
N LEU A 79 42.60 32.45 -6.96
CA LEU A 79 42.25 33.33 -8.07
C LEU A 79 42.65 34.78 -7.84
N LYS A 80 43.12 35.13 -6.64
CA LYS A 80 43.59 36.48 -6.32
C LYS A 80 42.49 37.52 -6.54
N ILE A 81 41.37 37.31 -5.86
CA ILE A 81 40.23 38.22 -5.95
C ILE A 81 39.75 38.58 -4.55
N PRO A 82 39.51 39.86 -4.27
CA PRO A 82 39.05 40.24 -2.92
C PRO A 82 37.63 39.80 -2.64
N VAL A 83 37.48 38.65 -1.99
CA VAL A 83 36.18 38.13 -1.60
C VAL A 83 35.90 38.53 -0.16
N ARG A 84 34.66 38.91 0.14
CA ARG A 84 34.29 39.36 1.46
C ARG A 84 32.88 38.88 1.78
N TYR A 85 32.67 38.46 3.02
CA TYR A 85 31.36 38.04 3.49
C TYR A 85 30.75 39.13 4.36
N LEU A 86 29.47 39.43 4.14
CA LEU A 86 28.73 40.42 4.90
C LEU A 86 27.46 39.77 5.43
N LYS A 87 27.25 39.86 6.75
CA LYS A 87 26.08 39.28 7.38
C LYS A 87 24.99 40.35 7.50
N GLU A 88 23.95 40.22 6.69
CA GLU A 88 22.80 41.12 6.80
C GLU A 88 22.07 40.83 8.11
N ASP A 89 22.22 41.73 9.08
CA ASP A 89 21.56 41.54 10.38
C ASP A 89 20.05 41.48 10.22
N LYS A 90 19.51 42.30 9.33
CA LYS A 90 18.08 42.29 9.01
C LYS A 90 17.89 41.66 7.63
N PRO A 91 17.60 40.38 7.54
CA PRO A 91 17.46 39.74 6.22
C PRO A 91 16.18 40.22 5.52
N HIS A 92 16.34 40.70 4.29
CA HIS A 92 15.20 41.19 3.53
C HIS A 92 15.07 40.43 2.21
N GLY A 93 15.14 39.11 2.27
CA GLY A 93 15.06 38.31 1.07
C GLY A 93 16.19 38.62 0.11
N SER A 94 15.89 39.33 -0.97
CA SER A 94 16.88 39.65 -1.99
C SER A 94 17.02 41.16 -2.22
N ALA A 95 15.93 41.85 -2.55
CA ALA A 95 16.03 43.26 -2.93
C ALA A 95 16.53 44.12 -1.78
N GLY A 96 15.90 43.98 -0.60
CA GLY A 96 16.38 44.71 0.56
C GLY A 96 17.74 44.25 1.05
N ALA A 97 18.14 43.03 0.70
CA ALA A 97 19.43 42.51 1.13
C ALA A 97 20.58 43.34 0.56
N LEU A 98 20.51 43.66 -0.74
CA LEU A 98 21.59 44.40 -1.38
C LEU A 98 21.44 45.91 -1.27
N TYR A 99 20.22 46.42 -1.07
CA TYR A 99 20.07 47.84 -0.77
C TYR A 99 20.70 48.16 0.57
N TYR A 100 20.53 47.28 1.56
CA TYR A 100 21.35 47.31 2.76
C TYR A 100 22.82 47.34 2.37
N PHE A 101 23.59 48.19 3.07
CA PHE A 101 24.99 48.48 2.76
C PHE A 101 25.24 48.55 1.26
N ARG A 102 24.46 49.40 0.58
CA ARG A 102 24.73 49.72 -0.82
C ARG A 102 26.00 50.53 -0.96
N ASP A 103 26.46 51.17 0.12
CA ASP A 103 27.69 51.95 0.08
C ASP A 103 28.92 51.05 -0.09
N ARG A 104 28.95 49.93 0.63
CA ARG A 104 30.10 49.03 0.57
C ARG A 104 30.29 48.43 -0.82
N ILE A 105 29.18 48.19 -1.53
CA ILE A 105 29.27 47.58 -2.86
C ILE A 105 29.70 48.63 -3.88
N MET A 106 29.07 49.79 -3.86
CA MET A 106 29.43 50.89 -4.76
C MET A 106 30.55 51.75 -4.19
N GLU A 107 31.45 51.17 -3.39
CA GLU A 107 32.51 51.95 -2.77
C GLU A 107 33.60 52.31 -3.77
N GLU A 108 33.83 51.47 -4.78
CA GLU A 108 34.82 51.73 -5.81
C GLU A 108 34.19 52.27 -7.10
N LYS A 109 32.96 52.78 -7.00
CA LYS A 109 32.20 53.24 -8.16
C LYS A 109 32.24 52.21 -9.29
N PRO A 110 31.76 50.98 -9.06
CA PRO A 110 31.75 49.99 -10.14
C PRO A 110 30.66 50.32 -11.13
N SER A 111 30.98 50.13 -12.42
CA SER A 111 30.01 50.42 -13.46
C SER A 111 28.83 49.44 -13.40
N HIS A 112 29.12 48.15 -13.34
CA HIS A 112 28.09 47.13 -13.29
C HIS A 112 28.31 46.24 -12.06
N VAL A 113 27.20 45.74 -11.51
CA VAL A 113 27.22 44.87 -10.34
C VAL A 113 26.58 43.55 -10.71
N PHE A 114 27.30 42.46 -10.45
CA PHE A 114 26.80 41.11 -10.68
C PHE A 114 26.02 40.63 -9.47
N LEU A 115 24.86 40.03 -9.72
CA LEU A 115 24.02 39.46 -8.66
C LEU A 115 23.54 38.09 -9.11
N LEU A 116 24.07 37.04 -8.49
CA LEU A 116 23.65 35.67 -8.77
C LEU A 116 23.36 34.95 -7.45
N ASN A 117 22.59 33.88 -7.56
CA ASN A 117 22.16 33.14 -6.38
C ASN A 117 23.12 31.99 -6.09
N CYS A 118 23.03 31.48 -4.86
CA CYS A 118 23.90 30.39 -4.43
C CYS A 118 23.50 29.08 -5.09
N ASP A 119 22.23 28.70 -4.98
CA ASP A 119 21.75 27.40 -5.47
C ASP A 119 21.36 27.51 -6.94
N VAL A 120 22.39 27.64 -7.78
CA VAL A 120 22.23 27.75 -9.23
C VAL A 120 23.32 26.92 -9.90
N CYS A 121 22.96 26.18 -10.94
CA CYS A 121 23.90 25.30 -11.65
C CYS A 121 23.79 25.54 -13.15
N CYS A 122 24.42 26.61 -13.62
CA CYS A 122 24.49 26.95 -15.03
C CYS A 122 25.95 26.98 -15.48
N SER A 123 26.17 27.37 -16.73
CA SER A 123 27.52 27.44 -17.27
C SER A 123 28.26 28.71 -16.87
N PHE A 124 27.54 29.72 -16.38
CA PHE A 124 28.09 30.99 -15.94
C PHE A 124 28.91 31.67 -17.04
N PRO A 125 28.27 32.19 -18.09
CA PRO A 125 28.99 32.96 -19.12
C PRO A 125 29.05 34.45 -18.76
N LEU A 126 29.75 34.76 -17.65
CA LEU A 126 29.70 36.09 -17.08
C LEU A 126 30.25 37.14 -18.06
N GLN A 127 31.27 36.79 -18.83
CA GLN A 127 31.84 37.76 -19.76
C GLN A 127 30.98 37.98 -20.99
N GLY A 128 30.14 37.01 -21.34
CA GLY A 128 29.24 37.15 -22.48
C GLY A 128 28.00 37.96 -22.14
N ILE A 129 27.47 37.77 -20.93
CA ILE A 129 26.31 38.54 -20.51
C ILE A 129 26.69 39.97 -20.16
N LEU A 130 27.91 40.18 -19.65
CA LEU A 130 28.39 41.53 -19.39
C LEU A 130 28.42 42.34 -20.68
N ASP A 131 28.97 41.77 -21.74
CA ASP A 131 29.05 42.48 -23.02
C ASP A 131 27.69 42.61 -23.67
N ALA A 132 26.80 41.63 -23.45
CA ALA A 132 25.44 41.76 -23.96
C ALA A 132 24.68 42.87 -23.25
N HIS A 133 24.97 43.10 -21.96
CA HIS A 133 24.31 44.17 -21.23
C HIS A 133 24.84 45.54 -21.64
N ARG A 134 26.15 45.64 -21.90
CA ARG A 134 26.73 46.90 -22.35
C ARG A 134 26.11 47.34 -23.68
N ARG A 135 25.80 46.37 -24.55
CA ARG A 135 25.14 46.70 -25.80
C ARG A 135 23.66 47.00 -25.59
N TYR A 136 22.98 46.18 -24.78
CA TYR A 136 21.57 46.41 -24.48
C TYR A 136 21.37 47.71 -23.71
N GLY A 137 22.23 47.96 -22.73
CA GLY A 137 22.01 49.10 -21.85
C GLY A 137 20.90 48.80 -20.84
N GLY A 138 20.22 49.85 -20.41
CA GLY A 138 19.19 49.68 -19.41
C GLY A 138 19.77 49.27 -18.07
N ILE A 139 18.88 48.85 -17.17
CA ILE A 139 19.28 48.50 -15.82
C ILE A 139 19.90 47.11 -15.83
N GLY A 140 19.09 46.09 -16.09
CA GLY A 140 19.55 44.71 -16.01
C GLY A 140 19.49 43.98 -17.33
N THR A 141 19.76 42.67 -17.29
CA THR A 141 19.75 41.85 -18.51
C THR A 141 19.33 40.42 -18.23
N MET A 142 19.26 40.03 -16.97
CA MET A 142 18.76 38.71 -16.58
C MET A 142 19.54 37.59 -17.28
N LEU A 143 18.89 36.43 -17.42
CA LEU A 143 19.36 35.32 -18.22
C LEU A 143 18.21 34.35 -18.41
N VAL A 144 18.12 33.78 -19.60
CA VAL A 144 17.01 32.90 -19.96
C VAL A 144 17.56 31.65 -20.62
N ILE A 145 16.70 30.64 -20.73
CA ILE A 145 17.06 29.38 -21.36
C ILE A 145 15.78 28.73 -21.88
N LYS A 146 15.83 28.25 -23.12
CA LYS A 146 14.65 27.66 -23.75
C LYS A 146 14.33 26.32 -23.10
N VAL A 147 13.13 26.22 -22.53
CA VAL A 147 12.66 24.98 -21.91
C VAL A 147 11.34 24.60 -22.56
N SER A 148 10.92 23.36 -22.32
CA SER A 148 9.64 22.90 -22.85
C SER A 148 8.49 23.60 -22.13
N ALA A 149 7.39 23.79 -22.87
CA ALA A 149 6.21 24.42 -22.27
C ALA A 149 5.59 23.53 -21.20
N GLU A 150 5.79 22.21 -21.29
CA GLU A 150 5.33 21.32 -20.25
C GLU A 150 6.04 21.61 -18.92
N ALA A 151 7.30 22.04 -19.00
CA ALA A 151 8.04 22.45 -17.81
C ALA A 151 7.72 23.91 -17.50
N ALA A 152 6.50 24.12 -17.00
CA ALA A 152 6.02 25.45 -16.67
C ALA A 152 5.47 25.59 -15.26
N SER A 153 5.13 24.50 -14.57
CA SER A 153 4.67 24.58 -13.19
C SER A 153 5.80 24.97 -12.25
N GLN A 154 7.04 24.62 -12.61
CA GLN A 154 8.18 24.93 -11.75
C GLN A 154 8.33 26.43 -11.54
N PHE A 155 8.15 27.22 -12.59
CA PHE A 155 8.25 28.66 -12.49
C PHE A 155 6.90 29.31 -12.78
N GLY A 156 6.58 29.48 -14.05
CA GLY A 156 5.44 30.23 -14.47
C GLY A 156 5.67 30.81 -15.86
N GLU A 157 5.30 32.07 -16.04
CA GLU A 157 5.33 32.72 -17.34
C GLU A 157 6.42 33.78 -17.38
N LEU A 158 7.04 33.93 -18.55
CA LEU A 158 8.03 34.98 -18.78
C LEU A 158 8.04 35.28 -20.27
N ILE A 159 7.81 36.54 -20.62
CA ILE A 159 7.67 36.97 -22.02
C ILE A 159 8.84 37.88 -22.35
N ALA A 160 9.49 37.61 -23.48
CA ALA A 160 10.62 38.42 -23.94
C ALA A 160 10.59 38.50 -25.45
N ASP A 161 10.65 39.73 -25.98
CA ASP A 161 10.64 39.96 -27.42
C ASP A 161 12.01 39.65 -28.01
N PRO A 162 12.13 38.61 -28.85
CA PRO A 162 13.45 38.16 -29.28
C PRO A 162 14.18 39.15 -30.18
N ASP A 163 13.52 40.19 -30.67
CA ASP A 163 14.20 41.18 -31.51
C ASP A 163 15.07 42.10 -30.68
N THR A 164 14.48 42.71 -29.64
CA THR A 164 15.22 43.56 -28.72
C THR A 164 15.63 42.80 -27.45
N LYS A 165 15.24 41.54 -27.33
CA LYS A 165 15.55 40.72 -26.15
C LYS A 165 15.14 41.44 -24.87
N GLU A 166 13.95 42.05 -24.89
CA GLU A 166 13.45 42.84 -23.78
C GLU A 166 12.32 42.10 -23.08
N LEU A 167 12.34 42.11 -21.75
CA LEU A 167 11.32 41.42 -20.97
C LEU A 167 10.01 42.20 -21.08
N LEU A 168 9.05 41.63 -21.81
CA LEU A 168 7.77 42.31 -22.01
C LEU A 168 6.79 42.08 -20.88
N HIS A 169 6.96 41.00 -20.12
CA HIS A 169 6.03 40.67 -19.03
C HIS A 169 6.68 39.61 -18.15
N TYR A 170 6.32 39.63 -16.87
CA TYR A 170 6.91 38.70 -15.92
C TYR A 170 5.93 38.45 -14.78
N THR A 171 5.54 37.19 -14.61
CA THR A 171 4.76 36.74 -13.46
C THR A 171 5.49 35.59 -12.80
N GLU A 172 5.69 35.68 -11.49
CA GLU A 172 6.50 34.72 -10.77
C GLU A 172 5.87 33.32 -10.80
N LYS A 173 4.68 33.17 -10.20
CA LYS A 173 4.08 31.85 -10.07
C LYS A 173 2.81 31.70 -10.89
N PRO A 174 1.84 32.65 -10.81
CA PRO A 174 0.66 32.53 -11.69
C PRO A 174 1.05 32.69 -13.15
N GLU A 175 1.21 31.56 -13.85
CA GLU A 175 1.72 31.61 -15.21
C GLU A 175 0.68 32.19 -16.16
N THR A 176 -0.49 31.55 -16.26
CA THR A 176 -1.53 31.93 -17.21
C THR A 176 -0.94 32.15 -18.60
N PHE A 177 -0.56 31.03 -19.23
CA PHE A 177 0.11 30.97 -20.52
C PHE A 177 1.55 31.45 -20.40
N VAL A 178 2.48 30.68 -20.96
CA VAL A 178 3.91 30.96 -20.80
C VAL A 178 4.52 31.26 -22.17
N SER A 179 5.84 31.32 -22.23
CA SER A 179 6.54 31.55 -23.49
C SER A 179 7.76 30.65 -23.63
N ASP A 180 7.84 29.58 -22.83
CA ASP A 180 8.90 28.58 -22.81
C ASP A 180 10.17 29.15 -22.18
N LEU A 181 10.15 30.41 -21.75
CA LEU A 181 11.30 31.05 -21.14
C LEU A 181 11.10 31.17 -19.63
N ILE A 182 12.21 31.08 -18.89
CA ILE A 182 12.19 31.08 -17.43
C ILE A 182 13.43 31.81 -16.94
N ASN A 183 13.36 32.30 -15.70
CA ASN A 183 14.52 32.93 -15.07
C ASN A 183 15.61 31.90 -14.82
N CYS A 184 16.85 32.40 -14.70
CA CYS A 184 17.99 31.57 -14.32
C CYS A 184 18.62 31.95 -13.00
N GLY A 185 18.32 33.13 -12.46
CA GLY A 185 18.87 33.58 -11.20
C GLY A 185 20.17 34.35 -11.30
N VAL A 186 20.87 34.26 -12.43
CA VAL A 186 22.11 35.00 -12.63
C VAL A 186 21.76 36.31 -13.34
N TYR A 187 21.90 37.43 -12.64
CA TYR A 187 21.53 38.74 -13.14
C TYR A 187 22.73 39.67 -13.08
N VAL A 188 22.70 40.71 -13.93
CA VAL A 188 23.72 41.74 -13.94
C VAL A 188 23.04 43.08 -14.16
N PHE A 189 23.28 44.04 -13.27
CA PHE A 189 22.70 45.36 -13.37
C PHE A 189 23.78 46.40 -13.62
N THR A 190 23.34 47.66 -13.68
CA THR A 190 24.20 48.82 -13.69
C THR A 190 24.19 49.46 -12.31
N SER A 191 24.93 50.57 -12.17
CA SER A 191 24.95 51.26 -10.88
C SER A 191 23.61 51.87 -10.52
N ASP A 192 22.68 51.95 -11.46
CA ASP A 192 21.38 52.58 -11.26
C ASP A 192 20.37 51.68 -10.56
N ILE A 193 20.73 50.43 -10.26
CA ILE A 193 19.76 49.52 -9.66
C ILE A 193 19.43 49.92 -8.24
N PHE A 194 20.39 50.49 -7.51
CA PHE A 194 20.14 50.92 -6.14
C PHE A 194 19.12 52.04 -6.07
N ASN A 195 19.04 52.87 -7.12
CA ASN A 195 18.04 53.93 -7.14
C ASN A 195 16.64 53.37 -7.36
N ALA A 196 16.53 52.24 -8.05
CA ALA A 196 15.22 51.63 -8.27
C ALA A 196 14.64 51.05 -6.99
N ILE A 197 15.48 50.62 -6.06
CA ILE A 197 14.97 50.09 -4.80
C ILE A 197 14.51 51.22 -3.89
N GLU A 198 15.16 52.37 -3.94
CA GLU A 198 14.73 53.51 -3.14
C GLU A 198 13.35 54.00 -3.55
N GLU A 199 13.00 53.86 -4.83
CA GLU A 199 11.68 54.25 -5.30
C GLU A 199 10.62 53.20 -4.97
N VAL A 200 11.00 52.08 -4.39
CA VAL A 200 10.04 51.11 -3.89
C VAL A 200 10.15 50.89 -2.38
N TYR A 201 11.30 51.18 -1.78
CA TYR A 201 11.46 51.07 -0.33
C TYR A 201 11.19 52.38 0.39
N SER A 202 11.57 53.51 -0.20
CA SER A 202 11.31 54.82 0.38
C SER A 202 10.05 55.47 -0.17
N GLN A 203 9.79 55.33 -1.48
CA GLN A 203 8.64 55.98 -2.08
C GLN A 203 7.36 55.16 -1.91
N ILE A 204 7.44 53.86 -2.17
CA ILE A 204 6.26 53.00 -2.09
C ILE A 204 6.28 52.26 -0.75
N ARG A 205 7.47 52.03 -0.21
CA ARG A 205 7.64 51.38 1.08
C ARG A 205 7.01 49.99 1.12
N PHE A 222 11.65 43.24 3.11
CA PHE A 222 10.45 42.52 2.74
C PHE A 222 10.10 42.74 1.28
N VAL A 223 10.94 43.51 0.58
CA VAL A 223 10.74 43.78 -0.84
C VAL A 223 11.35 42.64 -1.64
N ARG A 224 10.54 41.99 -2.45
CA ARG A 224 10.98 40.86 -3.26
C ARG A 224 11.43 41.36 -4.62
N LEU A 225 12.61 40.93 -5.05
CA LEU A 225 13.17 41.42 -6.31
C LEU A 225 12.28 41.02 -7.49
N ASP A 226 11.83 39.77 -7.53
CA ASP A 226 11.07 39.24 -8.66
C ASP A 226 9.56 39.35 -8.47
N GLN A 227 9.07 40.46 -7.93
CA GLN A 227 7.64 40.62 -7.73
C GLN A 227 7.23 42.08 -7.91
N ASP A 228 8.01 42.99 -7.34
CA ASP A 228 7.72 44.42 -7.40
C ASP A 228 8.85 45.21 -8.04
N ILE A 229 9.83 44.53 -8.64
CA ILE A 229 10.92 45.18 -9.34
C ILE A 229 11.06 44.59 -10.73
N LEU A 230 10.99 43.26 -10.83
CA LEU A 230 11.09 42.61 -12.13
C LEU A 230 9.78 42.71 -12.92
N SER A 231 8.66 42.45 -12.27
CA SER A 231 7.36 42.53 -12.95
C SER A 231 7.03 43.94 -13.42
N PRO A 232 7.22 45.00 -12.62
CA PRO A 232 6.88 46.35 -13.12
C PRO A 232 7.70 46.80 -14.32
N LEU A 233 8.97 46.43 -14.40
CA LEU A 233 9.82 46.82 -15.53
C LEU A 233 9.56 45.89 -16.71
N ALA A 234 8.39 46.08 -17.32
CA ALA A 234 7.95 45.28 -18.46
C ALA A 234 8.00 46.08 -19.76
N GLY A 235 7.08 47.03 -19.94
CA GLY A 235 7.07 47.81 -21.17
C GLY A 235 8.29 48.72 -21.32
N LYS A 236 8.77 49.27 -20.21
CA LYS A 236 9.93 50.16 -20.26
C LYS A 236 11.17 49.39 -20.71
N LYS A 237 11.81 49.88 -21.78
CA LYS A 237 12.96 49.22 -22.39
C LYS A 237 14.19 49.38 -21.50
N GLN A 238 14.23 48.58 -20.44
CA GLN A 238 15.39 48.53 -19.55
C GLN A 238 15.79 47.12 -19.15
N LEU A 239 14.85 46.18 -19.04
CA LEU A 239 15.15 44.80 -18.69
C LEU A 239 15.32 43.98 -19.96
N TYR A 240 16.46 43.29 -20.05
CA TYR A 240 16.76 42.54 -21.26
C TYR A 240 16.94 41.06 -20.94
N THR A 241 17.39 40.30 -21.94
CA THR A 241 17.54 38.85 -21.81
C THR A 241 18.73 38.39 -22.65
N TYR A 242 19.27 37.23 -22.27
CA TYR A 242 20.40 36.63 -22.97
C TYR A 242 20.36 35.13 -22.76
N GLU A 243 20.33 34.38 -23.85
CA GLU A 243 20.13 32.93 -23.76
C GLU A 243 21.35 32.24 -23.15
N ASN A 244 21.09 31.13 -22.45
CA ASN A 244 22.14 30.32 -21.86
C ASN A 244 22.87 29.50 -22.90
N LYS A 245 22.11 28.65 -23.64
CA LYS A 245 22.65 27.75 -24.65
C LYS A 245 23.54 26.66 -24.04
N ASP A 246 23.26 26.28 -22.80
CA ASP A 246 24.01 25.21 -22.14
C ASP A 246 23.13 24.45 -21.16
N PHE A 247 23.52 24.42 -19.88
CA PHE A 247 22.81 23.66 -18.87
C PHE A 247 22.35 24.57 -17.74
N TRP A 248 21.32 24.12 -17.02
CA TRP A 248 20.86 24.80 -15.82
C TRP A 248 19.99 23.87 -15.01
N GLU A 249 20.22 23.86 -13.70
CA GLU A 249 19.45 23.00 -12.80
C GLU A 249 19.42 23.66 -11.41
N GLN A 250 18.22 23.98 -10.94
CA GLN A 250 18.07 24.53 -9.59
C GLN A 250 18.36 23.46 -8.55
N ILE A 251 19.19 23.79 -7.57
CA ILE A 251 19.65 22.80 -6.60
C ILE A 251 19.29 23.21 -5.18
N LYS A 252 17.99 23.23 -4.87
CA LYS A 252 17.54 23.38 -3.49
C LYS A 252 17.39 22.05 -2.78
N THR A 253 17.40 20.94 -3.52
CA THR A 253 17.30 19.57 -3.04
C THR A 253 18.71 18.99 -2.83
N PRO A 254 18.93 18.28 -1.73
CA PRO A 254 20.19 17.55 -1.59
C PRO A 254 20.35 16.43 -2.60
N GLY A 255 19.25 15.95 -3.17
CA GLY A 255 19.34 14.94 -4.21
C GLY A 255 19.85 15.50 -5.52
N LYS A 256 19.48 16.74 -5.84
CA LYS A 256 19.96 17.39 -7.05
C LYS A 256 21.48 17.58 -7.05
N SER A 257 22.14 17.37 -5.91
CA SER A 257 23.58 17.55 -5.81
C SER A 257 24.35 16.58 -6.70
N LEU A 258 23.69 15.56 -7.26
CA LEU A 258 24.33 14.62 -8.18
C LEU A 258 24.09 14.95 -9.64
N LYS A 259 22.83 15.21 -10.02
CA LYS A 259 22.52 15.53 -11.41
C LYS A 259 23.31 16.74 -11.89
N CYS A 260 23.45 17.75 -11.02
CA CYS A 260 24.26 18.92 -11.38
C CYS A 260 25.75 18.62 -11.29
N SER A 261 26.15 17.73 -10.37
CA SER A 261 27.56 17.37 -10.26
C SER A 261 28.09 16.75 -11.55
N ALA A 262 27.23 16.02 -12.26
CA ALA A 262 27.64 15.43 -13.54
C ALA A 262 27.89 16.49 -14.60
N LEU A 263 27.09 17.57 -14.57
CA LEU A 263 27.25 18.63 -15.56
C LEU A 263 28.54 19.41 -15.35
N TYR A 264 28.91 19.69 -14.10
CA TYR A 264 30.16 20.38 -13.83
C TYR A 264 31.36 19.53 -14.25
N LEU A 265 31.30 18.21 -13.98
CA LEU A 265 32.36 17.32 -14.44
C LEU A 265 32.40 17.28 -15.96
N SER A 266 31.24 17.25 -16.60
CA SER A 266 31.20 17.38 -18.06
C SER A 266 31.80 18.70 -18.51
N GLN A 267 31.61 19.76 -17.72
CA GLN A 267 32.26 21.03 -18.01
C GLN A 267 33.77 20.94 -17.82
N PHE A 268 34.23 20.13 -16.87
CA PHE A 268 35.66 19.87 -16.69
C PHE A 268 36.16 18.76 -17.57
N ARG A 269 35.28 18.12 -18.34
CA ARG A 269 35.69 17.15 -19.35
C ARG A 269 35.75 17.75 -20.74
N GLU A 270 34.93 18.78 -21.00
CA GLU A 270 35.11 19.59 -22.20
C GLU A 270 36.32 20.49 -22.06
N THR A 271 36.35 21.33 -21.03
CA THR A 271 37.46 22.23 -20.76
C THR A 271 38.41 21.59 -19.75
N SER A 272 39.72 21.64 -20.06
CA SER A 272 40.79 21.07 -19.26
C SER A 272 40.41 19.72 -18.68
N PRO A 273 40.42 18.65 -19.50
CA PRO A 273 40.05 17.33 -18.97
C PRO A 273 41.12 16.67 -18.13
N HIS A 274 42.36 17.13 -18.25
CA HIS A 274 43.46 16.58 -17.46
C HIS A 274 43.30 16.87 -15.97
N ILE A 275 42.50 17.87 -15.61
CA ILE A 275 42.20 18.11 -14.20
C ILE A 275 41.32 16.99 -13.64
N LEU A 276 40.61 16.26 -14.49
CA LEU A 276 39.81 15.14 -14.08
C LEU A 276 40.64 13.87 -14.15
N ALA A 277 40.50 13.01 -13.15
CA ALA A 277 41.20 11.74 -13.15
C ALA A 277 40.74 10.89 -14.33
N SER A 278 41.70 10.44 -15.15
CA SER A 278 41.42 9.59 -16.29
C SER A 278 42.49 8.50 -16.31
N GLY A 279 42.40 7.59 -15.36
CA GLY A 279 43.35 6.48 -15.27
C GLY A 279 43.12 5.48 -16.38
N ASP A 280 41.94 4.85 -16.38
CA ASP A 280 41.53 3.93 -17.43
C ASP A 280 42.58 2.82 -17.62
N GLY A 281 42.91 2.16 -16.53
CA GLY A 281 43.94 1.14 -16.55
C GLY A 281 44.26 0.69 -15.14
N THR A 282 45.42 0.04 -14.98
CA THR A 282 45.86 -0.46 -13.68
C THR A 282 47.39 -0.41 -13.61
N ASN A 283 47.93 0.80 -13.54
CA ASN A 283 49.35 1.00 -13.27
C ASN A 283 49.52 1.62 -11.88
N ARG A 284 49.01 0.91 -10.87
CA ARG A 284 48.75 1.41 -9.52
C ARG A 284 47.60 2.42 -9.50
N LYS A 285 47.05 2.78 -10.67
CA LYS A 285 45.90 3.65 -10.84
C LYS A 285 44.66 2.82 -11.09
N PRO A 286 43.56 3.06 -10.38
CA PRO A 286 42.37 2.23 -10.55
C PRO A 286 41.71 2.46 -11.90
N THR A 287 40.69 1.65 -12.17
CA THR A 287 39.92 1.73 -13.41
C THR A 287 38.96 2.89 -13.31
N ILE A 288 39.31 4.01 -13.92
CA ILE A 288 38.47 5.19 -13.94
C ILE A 288 37.64 5.16 -15.22
N ILE A 289 36.34 5.33 -15.09
CA ILE A 289 35.44 5.17 -16.23
C ILE A 289 34.86 6.53 -16.62
N GLY A 290 35.72 7.53 -16.75
CA GLY A 290 35.31 8.82 -17.25
C GLY A 290 34.51 9.64 -16.25
N ASP A 291 34.66 10.97 -16.32
CA ASP A 291 33.92 11.90 -15.48
C ASP A 291 34.13 11.59 -14.00
N VAL A 292 35.39 11.59 -13.59
CA VAL A 292 35.80 11.31 -12.21
C VAL A 292 36.76 12.40 -11.77
N TYR A 293 36.49 13.01 -10.63
CA TYR A 293 37.42 13.95 -10.01
C TYR A 293 38.02 13.29 -8.78
N ILE A 294 39.33 13.08 -8.80
CA ILE A 294 40.04 12.42 -7.70
C ILE A 294 40.98 13.44 -7.07
N HIS A 295 40.81 13.67 -5.77
CA HIS A 295 41.69 14.56 -5.04
C HIS A 295 43.06 13.91 -4.85
N PRO A 296 44.14 14.69 -4.86
CA PRO A 296 45.48 14.11 -4.64
C PRO A 296 45.68 13.52 -3.26
N SER A 297 44.87 13.89 -2.27
CA SER A 297 45.02 13.41 -0.90
C SER A 297 44.28 12.10 -0.64
N VAL A 298 43.72 11.47 -1.67
CA VAL A 298 42.98 10.24 -1.46
C VAL A 298 43.94 9.05 -1.45
N LYS A 299 43.45 7.94 -0.89
CA LYS A 299 44.17 6.68 -0.88
C LYS A 299 43.36 5.66 -1.68
N LEU A 300 43.98 5.06 -2.68
CA LEU A 300 43.28 4.21 -3.63
C LEU A 300 43.94 2.83 -3.72
N HIS A 301 43.18 1.88 -4.26
CA HIS A 301 43.63 0.53 -4.55
C HIS A 301 43.34 0.21 -6.01
N PRO A 302 44.30 -0.39 -6.72
CA PRO A 302 44.12 -0.60 -8.17
C PRO A 302 42.99 -1.56 -8.54
N THR A 303 42.45 -2.32 -7.59
CA THR A 303 41.40 -3.28 -7.89
C THR A 303 40.01 -2.67 -7.87
N ALA A 304 39.87 -1.42 -7.46
CA ALA A 304 38.57 -0.76 -7.39
C ALA A 304 38.18 -0.17 -8.74
N LYS A 305 36.89 -0.24 -9.07
CA LYS A 305 36.35 0.32 -10.29
C LYS A 305 35.56 1.59 -9.94
N ILE A 306 36.11 2.74 -10.32
CA ILE A 306 35.51 4.05 -10.07
C ILE A 306 34.75 4.45 -11.33
N GLY A 307 33.44 4.24 -11.33
CA GLY A 307 32.64 4.46 -12.51
C GLY A 307 32.39 5.92 -12.83
N PRO A 308 31.31 6.20 -13.56
CA PRO A 308 31.05 7.58 -14.00
C PRO A 308 30.39 8.41 -12.93
N ASN A 309 30.62 9.73 -13.03
CA ASN A 309 29.96 10.72 -12.19
C ASN A 309 30.20 10.45 -10.72
N VAL A 310 31.47 10.50 -10.33
CA VAL A 310 31.88 10.31 -8.94
C VAL A 310 32.89 11.40 -8.59
N SER A 311 32.66 12.07 -7.47
CA SER A 311 33.48 13.20 -7.04
C SER A 311 34.05 12.86 -5.66
N ILE A 312 35.30 12.47 -5.62
CA ILE A 312 35.96 12.04 -4.39
C ILE A 312 36.68 13.23 -3.77
N SER A 313 36.53 13.39 -2.46
CA SER A 313 37.10 14.51 -1.74
C SER A 313 38.46 14.13 -1.15
N ALA A 314 39.06 15.03 -0.37
CA ALA A 314 40.39 14.82 0.14
C ALA A 314 40.37 13.91 1.38
N ASN A 315 41.50 13.25 1.62
CA ASN A 315 41.75 12.48 2.84
C ASN A 315 40.66 11.43 3.07
N VAL A 316 40.38 10.66 2.03
CA VAL A 316 39.43 9.56 2.10
C VAL A 316 40.17 8.27 1.75
N ARG A 317 39.85 7.20 2.47
CA ARG A 317 40.53 5.92 2.29
C ARG A 317 39.60 4.98 1.52
N VAL A 318 39.96 4.70 0.27
CA VAL A 318 39.19 3.83 -0.61
C VAL A 318 39.79 2.43 -0.55
N GLY A 319 38.98 1.44 -0.23
CA GLY A 319 39.43 0.07 -0.14
C GLY A 319 39.56 -0.57 -1.50
N PRO A 320 39.92 -1.85 -1.48
CA PRO A 320 40.11 -2.59 -2.73
C PRO A 320 38.83 -3.20 -3.26
N GLY A 321 38.77 -3.29 -4.58
CA GLY A 321 37.63 -3.91 -5.24
C GLY A 321 36.30 -3.27 -4.94
N VAL A 322 36.27 -1.95 -4.72
CA VAL A 322 35.04 -1.24 -4.42
C VAL A 322 34.56 -0.56 -5.69
N ARG A 323 33.24 -0.35 -5.78
CA ARG A 323 32.59 0.16 -6.97
C ARG A 323 31.92 1.50 -6.65
N LEU A 324 32.25 2.53 -7.42
CA LEU A 324 31.76 3.88 -7.16
C LEU A 324 31.23 4.49 -8.46
N ILE A 325 29.90 4.63 -8.56
CA ILE A 325 29.25 5.29 -9.67
C ILE A 325 28.17 6.21 -9.11
N SER A 326 27.99 7.36 -9.77
CA SER A 326 26.86 8.26 -9.50
C SER A 326 26.80 8.67 -8.02
N CYS A 327 27.96 9.06 -7.49
CA CYS A 327 28.04 9.37 -6.07
C CYS A 327 29.05 10.48 -5.83
N ILE A 328 28.92 11.14 -4.68
CA ILE A 328 29.88 12.12 -4.21
C ILE A 328 30.21 11.77 -2.76
N ILE A 329 31.49 11.77 -2.44
CA ILE A 329 31.98 11.31 -1.14
C ILE A 329 32.68 12.48 -0.44
N LEU A 330 32.33 12.71 0.81
CA LEU A 330 32.90 13.81 1.58
C LEU A 330 34.20 13.36 2.24
N ASP A 331 34.76 14.22 3.10
CA ASP A 331 36.08 13.99 3.65
C ASP A 331 36.04 12.95 4.76
N ASP A 332 37.19 12.28 4.95
CA ASP A 332 37.45 11.41 6.09
C ASP A 332 36.56 10.17 6.11
N VAL A 333 36.10 9.74 4.94
CA VAL A 333 35.27 8.54 4.83
C VAL A 333 36.17 7.33 4.73
N GLU A 334 35.73 6.22 5.32
CA GLU A 334 36.47 4.96 5.32
C GLU A 334 35.63 3.92 4.58
N ILE A 335 36.13 3.47 3.43
CA ILE A 335 35.46 2.46 2.61
C ILE A 335 36.19 1.14 2.81
N LYS A 336 35.47 0.13 3.29
CA LYS A 336 36.09 -1.15 3.64
C LYS A 336 35.99 -2.13 2.47
N GLU A 337 36.32 -3.39 2.75
CA GLU A 337 36.46 -4.41 1.72
C GLU A 337 35.17 -4.63 0.94
N ASN A 338 35.26 -4.54 -0.38
CA ASN A 338 34.20 -4.93 -1.31
C ASN A 338 32.89 -4.19 -0.99
N ALA A 339 32.97 -2.87 -1.01
CA ALA A 339 31.81 -2.01 -0.80
C ALA A 339 31.26 -1.52 -2.13
N VAL A 340 29.98 -1.19 -2.12
CA VAL A 340 29.27 -0.73 -3.31
C VAL A 340 28.49 0.54 -2.94
N VAL A 341 28.64 1.58 -3.75
CA VAL A 341 27.99 2.87 -3.51
C VAL A 341 27.36 3.32 -4.82
N ILE A 342 26.03 3.40 -4.84
CA ILE A 342 25.27 3.80 -6.02
C ILE A 342 24.30 4.90 -5.62
N ASN A 343 24.31 6.01 -6.36
CA ASN A 343 23.36 7.11 -6.16
C ASN A 343 23.31 7.54 -4.69
N SER A 344 24.48 7.88 -4.15
CA SER A 344 24.59 8.15 -2.73
C SER A 344 25.42 9.41 -2.51
N ILE A 345 25.33 9.94 -1.29
CA ILE A 345 26.13 11.09 -0.85
C ILE A 345 26.63 10.73 0.55
N ILE A 346 27.91 10.39 0.65
CA ILE A 346 28.49 9.94 1.91
C ILE A 346 28.99 11.15 2.68
N GLY A 347 28.56 11.25 3.94
CA GLY A 347 28.88 12.41 4.76
C GLY A 347 30.31 12.45 5.27
N TRP A 348 30.55 13.30 6.25
CA TRP A 348 31.89 13.47 6.79
C TRP A 348 32.19 12.38 7.81
N LYS A 349 33.44 11.90 7.81
CA LYS A 349 33.93 10.90 8.77
C LYS A 349 33.07 9.65 8.80
N SER A 350 32.29 9.40 7.75
CA SER A 350 31.44 8.22 7.73
C SER A 350 32.29 6.97 7.53
N SER A 351 31.77 5.85 8.02
CA SER A 351 32.48 4.58 7.97
C SER A 351 31.60 3.54 7.30
N ILE A 352 32.07 3.01 6.18
CA ILE A 352 31.34 2.03 5.38
C ILE A 352 31.99 0.67 5.61
N GLY A 353 31.25 -0.25 6.23
CA GLY A 353 31.78 -1.55 6.55
C GLY A 353 32.07 -2.39 5.32
N ARG A 354 32.73 -3.52 5.55
CA ARG A 354 33.12 -4.39 4.46
C ARG A 354 31.91 -5.20 3.98
N TRP A 355 31.84 -5.39 2.66
CA TRP A 355 30.71 -6.05 2.00
C TRP A 355 29.38 -5.37 2.27
N SER A 356 29.40 -4.08 2.60
CA SER A 356 28.20 -3.29 2.81
C SER A 356 27.86 -2.51 1.55
N ARG A 357 26.57 -2.25 1.36
CA ARG A 357 26.06 -1.64 0.13
C ARG A 357 25.18 -0.44 0.45
N VAL A 358 25.39 0.64 -0.28
CA VAL A 358 24.61 1.88 -0.14
C VAL A 358 24.18 2.29 -1.53
N GLN A 359 22.92 2.02 -1.89
CA GLN A 359 22.41 2.32 -3.21
C GLN A 359 21.11 3.10 -3.12
N ALA A 360 20.66 3.57 -4.29
CA ALA A 360 19.40 4.27 -4.43
C ALA A 360 18.97 4.19 -5.88
N SER A 361 17.74 4.61 -6.15
CA SER A 361 17.20 4.52 -7.50
C SER A 361 17.85 5.53 -8.43
N GLY A 362 18.09 6.74 -7.94
CA GLY A 362 18.59 7.82 -8.78
C GLY A 362 17.54 8.79 -9.26
N ASP A 363 16.30 8.65 -8.79
CA ASP A 363 15.21 9.52 -9.20
C ASP A 363 15.38 10.87 -8.49
N TYR A 364 15.78 11.90 -9.24
CA TYR A 364 15.94 13.23 -8.67
C TYR A 364 14.61 13.91 -8.36
N ASN A 365 13.48 13.26 -8.67
CA ASN A 365 12.17 13.75 -8.29
C ASN A 365 11.64 13.09 -7.03
N ASP A 366 12.07 11.87 -6.73
CA ASP A 366 11.68 11.19 -5.52
C ASP A 366 12.56 11.65 -4.36
N ARG A 367 11.95 11.75 -3.18
CA ARG A 367 12.69 12.20 -1.99
C ARG A 367 13.79 11.21 -1.63
N LEU A 368 13.48 9.91 -1.67
CA LEU A 368 14.46 8.87 -1.38
C LEU A 368 15.16 8.36 -2.64
N GLY A 369 15.15 9.15 -3.71
CA GLY A 369 15.84 8.76 -4.93
C GLY A 369 17.34 8.83 -4.82
N ILE A 370 17.86 9.61 -3.86
CA ILE A 370 19.29 9.74 -3.62
C ILE A 370 19.51 9.49 -2.14
N THR A 371 20.09 8.33 -1.80
CA THR A 371 20.36 8.04 -0.40
C THR A 371 21.49 8.92 0.11
N ILE A 372 21.27 9.53 1.27
CA ILE A 372 22.18 10.52 1.82
C ILE A 372 22.62 10.06 3.22
N LEU A 373 23.93 10.04 3.45
CA LEU A 373 24.50 9.61 4.72
C LEU A 373 25.05 10.83 5.45
N GLY A 374 24.75 10.92 6.75
CA GLY A 374 25.16 12.04 7.55
C GLY A 374 26.65 12.00 7.89
N GLU A 375 27.03 12.86 8.82
CA GLU A 375 28.41 12.94 9.27
C GLU A 375 28.71 11.83 10.26
N ALA A 376 29.82 11.11 10.03
CA ALA A 376 30.28 10.06 10.93
C ALA A 376 29.20 9.00 11.16
N VAL A 377 28.60 8.56 10.07
CA VAL A 377 27.67 7.45 10.11
C VAL A 377 28.44 6.19 9.81
N THR A 378 28.29 5.17 10.66
CA THR A 378 29.08 3.96 10.56
C THR A 378 28.17 2.85 10.06
N VAL A 379 28.30 2.53 8.78
CA VAL A 379 27.62 1.39 8.20
C VAL A 379 28.46 0.16 8.48
N GLU A 380 27.92 -0.77 9.24
CA GLU A 380 28.68 -1.94 9.64
C GLU A 380 28.84 -2.89 8.45
N ASP A 381 29.63 -3.94 8.66
CA ASP A 381 29.91 -4.90 7.60
C ASP A 381 28.63 -5.60 7.17
N GLU A 382 28.49 -5.81 5.85
CA GLU A 382 27.36 -6.43 5.16
C GLU A 382 26.07 -5.63 5.27
N VAL A 383 26.05 -4.51 5.99
CA VAL A 383 24.82 -3.74 6.16
C VAL A 383 24.47 -3.03 4.86
N ALA A 384 23.19 -3.06 4.51
CA ALA A 384 22.71 -2.50 3.25
C ALA A 384 21.81 -1.30 3.51
N VAL A 385 21.98 -0.25 2.70
CA VAL A 385 21.18 0.96 2.80
C VAL A 385 20.67 1.29 1.41
N ILE A 386 19.38 1.08 1.18
CA ILE A 386 18.77 1.30 -0.13
C ILE A 386 17.80 2.46 0.01
N GLY A 387 18.13 3.58 -0.64
CA GLY A 387 17.24 4.74 -0.69
C GLY A 387 16.72 5.23 0.64
N SER A 388 17.63 5.63 1.53
CA SER A 388 17.25 6.10 2.86
C SER A 388 18.14 7.28 3.24
N ILE A 389 17.74 7.97 4.31
CA ILE A 389 18.45 9.14 4.81
C ILE A 389 18.85 8.89 6.24
N VAL A 390 20.15 8.89 6.51
CA VAL A 390 20.70 8.64 7.84
C VAL A 390 21.30 9.94 8.37
N LEU A 391 21.04 10.22 9.65
CA LEU A 391 21.55 11.43 10.29
C LEU A 391 23.02 11.24 10.68
N GLN A 392 23.62 12.33 11.15
CA GLN A 392 25.04 12.29 11.49
C GLN A 392 25.25 11.54 12.80
N ASN A 393 26.46 11.00 12.95
CA ASN A 393 26.88 10.29 14.16
C ASN A 393 25.93 9.13 14.46
N LYS A 394 25.86 8.20 13.51
CA LYS A 394 24.89 7.12 13.57
C LYS A 394 25.55 5.79 13.23
N THR A 395 25.18 4.74 13.97
CA THR A 395 25.71 3.41 13.76
C THR A 395 24.61 2.49 13.24
N LEU A 396 24.95 1.68 12.23
CA LEU A 396 24.00 0.80 11.57
C LEU A 396 24.53 -0.62 11.59
N ASN A 397 23.90 -1.49 12.38
CA ASN A 397 24.19 -2.92 12.37
C ASN A 397 23.22 -3.71 11.52
N VAL A 398 22.07 -3.15 11.17
CA VAL A 398 21.04 -3.83 10.41
C VAL A 398 20.77 -3.07 9.12
N SER A 399 20.39 -3.81 8.08
CA SER A 399 20.10 -3.20 6.79
C SER A 399 18.79 -2.40 6.84
N VAL A 400 18.79 -1.24 6.18
CA VAL A 400 17.62 -0.38 6.10
C VAL A 400 17.22 -0.23 4.63
N GLN A 401 15.96 0.14 4.42
CA GLN A 401 15.42 0.25 3.06
C GLN A 401 14.19 1.14 3.08
N ASP A 402 14.19 2.19 2.26
CA ASP A 402 13.04 3.07 2.06
C ASP A 402 12.52 3.61 3.39
N ASP A 403 13.41 4.29 4.11
CA ASP A 403 13.09 4.85 5.41
C ASP A 403 13.90 6.12 5.61
N ILE A 404 13.65 6.80 6.73
CA ILE A 404 14.38 7.99 7.13
C ILE A 404 14.85 7.74 8.56
N ILE A 405 16.12 7.43 8.72
CA ILE A 405 16.67 7.00 10.01
C ILE A 405 17.20 8.21 10.76
N LEU A 406 16.66 8.45 11.95
CA LEU A 406 17.09 9.56 12.79
C LEU A 406 18.25 9.18 13.69
N GLU B 4 25.76 2.86 59.40
CA GLU B 4 26.37 2.62 58.10
C GLU B 4 26.39 3.89 57.25
N LYS B 5 26.84 3.75 56.01
CA LYS B 5 26.84 4.86 55.07
C LYS B 5 26.57 4.32 53.68
N VAL B 6 25.79 5.06 52.91
CA VAL B 6 25.31 4.62 51.61
C VAL B 6 25.67 5.65 50.55
N VAL B 7 26.15 5.17 49.40
CA VAL B 7 26.43 6.02 48.26
C VAL B 7 25.60 5.53 47.08
N ALA B 8 25.36 6.43 46.14
CA ALA B 8 24.53 6.14 44.98
C ALA B 8 25.26 6.55 43.71
N VAL B 9 25.25 5.67 42.71
CA VAL B 9 25.88 5.94 41.42
C VAL B 9 24.85 5.68 40.32
N ILE B 10 24.60 6.68 39.50
CA ILE B 10 23.61 6.61 38.43
C ILE B 10 24.32 6.62 37.09
N MET B 11 23.94 5.71 36.21
CA MET B 11 24.44 5.74 34.85
C MET B 11 23.71 6.83 34.05
N VAL B 12 24.46 7.45 33.13
CA VAL B 12 23.96 8.59 32.36
C VAL B 12 23.96 8.28 30.86
N GLY B 13 25.05 7.72 30.36
CA GLY B 13 25.21 7.49 28.94
C GLY B 13 25.70 8.74 28.23
N GLY B 14 26.10 8.55 26.98
CA GLY B 14 26.65 9.63 26.19
C GLY B 14 25.77 10.03 25.03
N PRO B 15 26.31 10.86 24.14
CA PRO B 15 25.51 11.33 22.99
C PRO B 15 25.17 10.24 21.99
N THR B 16 25.70 9.03 22.16
CA THR B 16 25.37 7.92 21.31
C THR B 16 24.21 7.08 21.84
N LYS B 17 23.80 7.32 23.08
CA LYS B 17 22.64 6.65 23.65
C LYS B 17 21.35 7.44 23.40
N GLY B 18 21.40 8.76 23.59
CA GLY B 18 20.27 9.61 23.29
C GLY B 18 20.13 9.87 21.81
N THR B 19 20.62 8.95 20.98
CA THR B 19 20.51 9.06 19.53
C THR B 19 19.14 8.68 19.01
N ARG B 20 18.19 8.37 19.90
CA ARG B 20 16.80 8.17 19.52
C ARG B 20 15.94 9.39 19.83
N PHE B 21 16.35 10.21 20.78
CA PHE B 21 15.66 11.45 21.14
C PHE B 21 16.14 12.63 20.31
N ARG B 22 16.73 12.39 19.13
CA ARG B 22 17.45 13.37 18.30
C ARG B 22 16.80 14.75 18.28
N PRO B 23 15.52 14.88 17.89
CA PRO B 23 14.93 16.23 17.85
C PRO B 23 15.05 16.98 19.16
N LEU B 24 14.84 16.29 20.28
CA LEU B 24 15.03 16.88 21.59
C LEU B 24 16.46 16.72 22.10
N SER B 25 17.15 15.65 21.69
CA SER B 25 18.53 15.44 22.14
C SER B 25 19.45 16.54 21.64
N PHE B 26 19.11 17.16 20.51
CA PHE B 26 19.95 18.23 19.97
C PHE B 26 19.99 19.45 20.89
N ASN B 27 18.90 19.74 21.61
CA ASN B 27 18.90 20.85 22.54
C ASN B 27 19.31 20.42 23.94
N THR B 28 18.70 19.35 24.45
CA THR B 28 18.96 18.88 25.80
C THR B 28 19.19 17.38 25.76
N PRO B 29 20.26 16.88 26.38
CA PRO B 29 20.54 15.43 26.37
C PRO B 29 19.40 14.62 26.98
N LYS B 30 19.41 13.34 26.67
CA LYS B 30 18.36 12.42 27.13
C LYS B 30 18.10 12.47 28.63
N PRO B 31 19.11 12.38 29.51
CA PRO B 31 18.80 12.33 30.96
C PRO B 31 18.18 13.62 31.49
N LEU B 32 18.36 14.74 30.79
CA LEU B 32 17.89 16.03 31.28
C LEU B 32 16.58 16.48 30.66
N ILE B 33 15.96 15.64 29.83
CA ILE B 33 14.70 16.02 29.18
C ILE B 33 13.57 15.90 30.20
N PRO B 34 12.73 16.92 30.35
CA PRO B 34 11.75 16.94 31.46
C PRO B 34 10.68 15.88 31.32
N LEU B 35 10.64 14.97 32.29
CA LEU B 35 9.58 13.97 32.42
C LEU B 35 8.65 14.39 33.54
N ALA B 36 7.36 14.57 33.21
CA ALA B 36 6.36 15.02 34.17
C ALA B 36 6.75 16.34 34.81
N GLY B 37 7.40 17.21 34.04
CA GLY B 37 7.83 18.52 34.48
C GLY B 37 9.27 18.58 34.95
N GLN B 38 9.81 17.47 35.43
CA GLN B 38 11.17 17.35 35.92
C GLN B 38 12.02 16.52 34.96
N PRO B 39 13.32 16.78 34.89
CA PRO B 39 14.18 15.98 34.00
C PRO B 39 14.10 14.50 34.28
N MET B 40 14.61 13.71 33.34
CA MET B 40 14.48 12.26 33.42
C MET B 40 15.08 11.72 34.71
N ILE B 41 16.32 12.10 35.01
CA ILE B 41 16.99 11.63 36.22
C ILE B 41 16.55 12.37 37.47
N HIS B 42 15.68 13.37 37.34
CA HIS B 42 15.22 14.11 38.50
C HIS B 42 14.33 13.28 39.41
N HIS B 43 13.84 12.14 38.93
CA HIS B 43 12.99 11.29 39.75
C HIS B 43 13.82 10.29 40.55
N PRO B 44 14.85 9.67 39.95
CA PRO B 44 15.75 8.84 40.78
C PRO B 44 16.42 9.63 41.90
N ILE B 45 16.97 10.80 41.60
CA ILE B 45 17.63 11.61 42.64
C ILE B 45 16.63 12.02 43.71
N SER B 46 15.37 12.22 43.34
CA SER B 46 14.35 12.59 44.32
C SER B 46 14.14 11.49 45.34
N ALA B 47 14.37 10.23 44.95
CA ALA B 47 14.21 9.11 45.87
C ALA B 47 15.42 8.90 46.77
N CYS B 48 16.56 9.52 46.47
CA CYS B 48 17.75 9.33 47.29
C CYS B 48 17.71 10.09 48.61
N LYS B 49 16.92 11.15 48.70
CA LYS B 49 16.86 11.92 49.94
C LYS B 49 16.14 11.16 51.05
N LYS B 50 15.28 10.21 50.69
CA LYS B 50 14.57 9.43 51.71
C LYS B 50 15.49 8.48 52.47
N ILE B 51 16.72 8.27 52.01
CA ILE B 51 17.71 7.49 52.73
C ILE B 51 18.52 8.45 53.58
N SER B 52 18.30 8.42 54.89
CA SER B 52 18.95 9.37 55.78
C SER B 52 20.45 9.10 55.92
N ASN B 53 20.89 7.86 55.73
CA ASN B 53 22.30 7.53 55.83
C ASN B 53 23.01 7.57 54.48
N LEU B 54 22.41 8.24 53.50
CA LEU B 54 23.01 8.41 52.19
C LEU B 54 23.76 9.74 52.13
N ALA B 55 24.86 9.75 51.37
CA ALA B 55 25.69 10.95 51.28
C ALA B 55 25.93 11.37 49.84
N GLN B 56 27.11 11.04 49.31
CA GLN B 56 27.49 11.49 47.98
C GLN B 56 26.65 10.80 46.90
N ILE B 57 26.44 11.51 45.80
CA ILE B 57 25.74 11.00 44.63
C ILE B 57 26.64 11.19 43.42
N PHE B 58 26.66 10.20 42.54
CA PHE B 58 27.61 10.15 41.43
C PHE B 58 26.86 9.90 40.13
N LEU B 59 26.99 10.83 39.19
CA LEU B 59 26.48 10.67 37.84
C LEU B 59 27.66 10.43 36.91
N ILE B 60 27.70 9.25 36.28
CA ILE B 60 28.80 8.88 35.41
C ILE B 60 28.27 8.62 34.01
N GLY B 61 29.05 9.04 33.02
CA GLY B 61 28.70 8.91 31.62
C GLY B 61 29.60 9.79 30.78
N PHE B 62 29.83 9.42 29.53
CA PHE B 62 30.80 10.14 28.72
C PHE B 62 30.18 11.35 28.03
N TYR B 63 29.17 11.95 28.65
CA TYR B 63 28.74 13.27 28.26
C TYR B 63 29.77 14.31 28.68
N GLU B 64 29.56 15.56 28.26
CA GLU B 64 30.43 16.64 28.66
C GLU B 64 29.94 17.27 29.96
N GLU B 65 30.86 17.48 30.89
CA GLU B 65 30.50 18.00 32.21
C GLU B 65 29.91 19.40 32.15
N ARG B 66 30.19 20.16 31.08
CA ARG B 66 29.67 21.52 30.98
C ARG B 66 28.15 21.54 31.03
N GLU B 67 27.51 20.51 30.47
CA GLU B 67 26.05 20.44 30.49
C GLU B 67 25.54 20.09 31.88
N PHE B 68 26.26 19.21 32.58
CA PHE B 68 25.81 18.72 33.87
C PHE B 68 26.20 19.65 35.03
N ALA B 69 27.27 20.42 34.86
CA ALA B 69 27.71 21.31 35.93
C ALA B 69 26.64 22.34 36.27
N LEU B 70 25.96 22.87 35.25
CA LEU B 70 24.92 23.86 35.50
C LEU B 70 23.68 23.23 36.13
N TYR B 71 23.36 22.00 35.76
CA TYR B 71 22.15 21.35 36.28
C TYR B 71 22.36 20.86 37.70
N VAL B 72 23.51 20.24 37.98
CA VAL B 72 23.80 19.71 39.31
C VAL B 72 23.77 20.82 40.36
N SER B 73 24.09 22.06 39.96
CA SER B 73 24.10 23.17 40.90
C SER B 73 22.71 23.45 41.48
N SER B 74 21.64 23.06 40.78
CA SER B 74 20.29 23.39 41.23
C SER B 74 19.64 22.31 42.07
N ILE B 75 20.05 21.05 41.92
CA ILE B 75 19.41 19.97 42.67
C ILE B 75 19.76 20.04 44.14
N SER B 76 21.06 20.17 44.45
CA SER B 76 21.50 20.22 45.84
C SER B 76 20.92 21.41 46.59
N ASN B 77 20.37 22.39 45.89
CA ASN B 77 19.64 23.48 46.52
C ASN B 77 18.26 23.06 46.99
N GLU B 78 17.73 21.95 46.46
CA GLU B 78 16.40 21.47 46.81
C GLU B 78 16.44 20.39 47.89
N LEU B 79 17.14 19.28 47.63
CA LEU B 79 17.16 18.15 48.54
C LEU B 79 18.38 18.10 49.45
N LYS B 80 19.35 19.00 49.26
CA LYS B 80 20.54 19.10 50.10
C LYS B 80 21.34 17.79 50.09
N ILE B 81 21.74 17.38 48.89
CA ILE B 81 22.54 16.16 48.72
C ILE B 81 23.73 16.45 47.83
N PRO B 82 24.94 16.03 48.22
CA PRO B 82 26.13 16.28 47.39
C PRO B 82 26.16 15.44 46.13
N VAL B 83 25.69 16.02 45.02
CA VAL B 83 25.68 15.35 43.72
C VAL B 83 26.89 15.79 42.92
N ARG B 84 27.49 14.87 42.17
CA ARG B 84 28.68 15.13 41.37
C ARG B 84 28.60 14.36 40.07
N TYR B 85 29.02 15.00 38.98
CA TYR B 85 29.07 14.35 37.67
C TYR B 85 30.51 13.96 37.35
N LEU B 86 30.69 12.74 36.85
CA LEU B 86 31.99 12.25 36.43
C LEU B 86 31.90 11.77 34.99
N LYS B 87 32.77 12.29 34.14
CA LYS B 87 32.82 11.88 32.74
C LYS B 87 33.85 10.77 32.60
N GLU B 88 33.38 9.56 32.36
CA GLU B 88 34.27 8.44 32.10
C GLU B 88 34.94 8.65 30.75
N ASP B 89 36.22 9.02 30.76
CA ASP B 89 36.95 9.25 29.52
C ASP B 89 36.99 7.98 28.68
N LYS B 90 37.15 6.84 29.32
CA LYS B 90 37.13 5.54 28.65
C LYS B 90 35.83 4.82 29.00
N PRO B 91 34.79 4.93 28.18
CA PRO B 91 33.51 4.28 28.53
C PRO B 91 33.61 2.77 28.41
N HIS B 92 33.22 2.08 29.48
CA HIS B 92 33.26 0.63 29.50
C HIS B 92 31.88 0.06 29.81
N GLY B 93 30.86 0.55 29.11
CA GLY B 93 29.50 0.10 29.33
C GLY B 93 28.99 0.36 30.73
N SER B 94 28.90 -0.68 31.54
CA SER B 94 28.40 -0.56 32.91
C SER B 94 29.41 -1.03 33.94
N ALA B 95 29.88 -2.28 33.84
CA ALA B 95 30.74 -2.85 34.87
C ALA B 95 32.07 -2.10 34.95
N GLY B 96 32.74 -1.93 33.80
CA GLY B 96 33.98 -1.18 33.79
C GLY B 96 33.82 0.29 34.09
N ALA B 97 32.63 0.85 33.91
CA ALA B 97 32.40 2.26 34.20
C ALA B 97 32.60 2.56 35.67
N LEU B 98 32.07 1.71 36.56
CA LEU B 98 32.18 1.97 37.99
C LEU B 98 33.44 1.41 38.61
N TYR B 99 34.06 0.39 37.98
CA TYR B 99 35.38 -0.04 38.44
C TYR B 99 36.40 1.08 38.23
N TYR B 100 36.32 1.76 37.09
CA TYR B 100 37.00 3.03 36.92
C TYR B 100 36.60 3.98 38.05
N PHE B 101 37.59 4.71 38.56
CA PHE B 101 37.46 5.58 39.73
C PHE B 101 36.56 4.96 40.81
N ARG B 102 36.89 3.72 41.16
CA ARG B 102 36.27 3.10 42.33
C ARG B 102 36.73 3.76 43.62
N ASP B 103 37.86 4.45 43.58
CA ASP B 103 38.37 5.15 44.76
C ASP B 103 37.47 6.31 45.14
N ARG B 104 37.02 7.09 44.16
CA ARG B 104 36.17 8.23 44.43
C ARG B 104 34.82 7.78 45.00
N ILE B 105 34.35 6.60 44.59
CA ILE B 105 33.07 6.11 45.06
C ILE B 105 33.19 5.60 46.49
N MET B 106 34.21 4.79 46.76
CA MET B 106 34.49 4.29 48.10
C MET B 106 35.36 5.25 48.91
N GLU B 107 35.27 6.55 48.65
CA GLU B 107 36.11 7.52 49.36
C GLU B 107 35.65 7.73 50.79
N GLU B 108 34.35 7.64 51.06
CA GLU B 108 33.81 7.77 52.40
C GLU B 108 33.47 6.43 53.03
N LYS B 109 34.06 5.34 52.52
CA LYS B 109 33.79 4.00 53.00
C LYS B 109 32.29 3.71 53.11
N PRO B 110 31.55 3.78 51.99
CA PRO B 110 30.12 3.48 52.07
C PRO B 110 29.88 1.98 52.22
N SER B 111 28.90 1.63 53.04
CA SER B 111 28.57 0.22 53.23
C SER B 111 27.98 -0.38 51.97
N HIS B 112 26.99 0.29 51.40
CA HIS B 112 26.32 -0.17 50.19
C HIS B 112 26.36 0.94 49.14
N VAL B 113 26.41 0.53 47.87
CA VAL B 113 26.45 1.45 46.74
C VAL B 113 25.25 1.17 45.84
N PHE B 114 24.49 2.21 45.56
CA PHE B 114 23.36 2.12 44.64
C PHE B 114 23.84 2.28 43.20
N LEU B 115 23.33 1.42 42.31
CA LEU B 115 23.63 1.52 40.88
C LEU B 115 22.32 1.35 40.12
N LEU B 116 21.83 2.44 39.54
CA LEU B 116 20.63 2.41 38.72
C LEU B 116 20.89 3.15 37.41
N ASN B 117 20.10 2.83 36.40
CA ASN B 117 20.28 3.36 35.06
C ASN B 117 19.45 4.62 34.82
N CYS B 118 19.78 5.31 33.74
CA CYS B 118 19.11 6.56 33.39
C CYS B 118 17.67 6.31 32.92
N ASP B 119 17.50 5.44 31.93
CA ASP B 119 16.20 5.22 31.30
C ASP B 119 15.41 4.11 32.01
N VAL B 120 14.92 4.45 33.20
CA VAL B 120 14.11 3.54 34.02
C VAL B 120 12.98 4.34 34.65
N CYS B 121 11.77 3.75 34.64
CA CYS B 121 10.56 4.42 35.16
C CYS B 121 9.81 3.46 36.09
N CYS B 122 10.30 3.35 37.33
CA CYS B 122 9.67 2.56 38.38
C CYS B 122 9.29 3.45 39.55
N SER B 123 8.80 2.82 40.62
CA SER B 123 8.41 3.57 41.81
C SER B 123 9.59 3.94 42.69
N PHE B 124 10.75 3.30 42.50
CA PHE B 124 11.99 3.55 43.24
C PHE B 124 11.81 3.41 44.76
N PRO B 125 11.66 2.18 45.27
CA PRO B 125 11.61 1.97 46.75
C PRO B 125 13.00 1.73 47.33
N LEU B 126 13.84 2.75 47.25
CA LEU B 126 15.25 2.60 47.62
C LEU B 126 15.41 2.20 49.08
N GLN B 127 14.54 2.71 49.96
CA GLN B 127 14.65 2.38 51.38
C GLN B 127 14.19 0.96 51.67
N GLY B 128 13.31 0.41 50.83
CA GLY B 128 12.84 -0.95 51.03
C GLY B 128 13.81 -1.98 50.50
N ILE B 129 14.44 -1.68 49.38
CA ILE B 129 15.42 -2.61 48.80
C ILE B 129 16.73 -2.57 49.60
N LEU B 130 17.08 -1.41 50.15
CA LEU B 130 18.28 -1.33 50.99
C LEU B 130 18.13 -2.24 52.21
N ASP B 131 16.97 -2.17 52.88
CA ASP B 131 16.76 -3.00 54.06
C ASP B 131 16.59 -4.46 53.69
N ALA B 132 16.01 -4.76 52.52
CA ALA B 132 15.94 -6.13 52.06
C ALA B 132 17.33 -6.69 51.77
N HIS B 133 18.25 -5.84 51.33
CA HIS B 133 19.62 -6.29 51.06
C HIS B 133 20.39 -6.54 52.34
N ARG B 134 20.18 -5.70 53.37
CA ARG B 134 20.83 -5.92 54.65
C ARG B 134 20.43 -7.26 55.26
N ARG B 135 19.18 -7.67 55.07
CA ARG B 135 18.73 -8.96 55.59
C ARG B 135 19.27 -10.12 54.75
N TYR B 136 19.21 -9.99 53.42
CA TYR B 136 19.73 -11.05 52.56
C TYR B 136 21.23 -11.19 52.70
N GLY B 137 21.95 -10.08 52.79
CA GLY B 137 23.38 -10.10 52.76
C GLY B 137 23.88 -10.30 51.34
N GLY B 138 25.06 -10.91 51.21
CA GLY B 138 25.63 -11.11 49.91
C GLY B 138 26.03 -9.82 49.24
N ILE B 139 26.33 -9.93 47.94
CA ILE B 139 26.81 -8.81 47.16
C ILE B 139 25.66 -7.88 46.77
N GLY B 140 24.76 -8.36 45.91
CA GLY B 140 23.71 -7.51 45.37
C GLY B 140 22.31 -7.98 45.74
N THR B 141 21.30 -7.31 45.17
CA THR B 141 19.91 -7.67 45.47
C THR B 141 18.97 -7.45 44.29
N MET B 142 19.43 -6.74 43.26
CA MET B 142 18.67 -6.54 42.03
C MET B 142 17.28 -5.93 42.28
N LEU B 143 16.37 -6.15 41.34
CA LEU B 143 14.96 -5.83 41.47
C LEU B 143 14.21 -6.54 40.36
N VAL B 144 13.01 -7.03 40.67
CA VAL B 144 12.22 -7.81 39.73
C VAL B 144 10.79 -7.31 39.76
N ILE B 145 10.02 -7.76 38.77
CA ILE B 145 8.60 -7.40 38.65
C ILE B 145 7.89 -8.51 37.89
N LYS B 146 6.75 -8.96 38.41
CA LYS B 146 6.01 -10.04 37.79
C LYS B 146 5.36 -9.57 36.49
N VAL B 147 5.76 -10.19 35.38
CA VAL B 147 5.20 -9.86 34.07
C VAL B 147 4.67 -11.15 33.44
N SER B 148 3.88 -10.98 32.38
CA SER B 148 3.33 -12.11 31.66
C SER B 148 4.43 -12.87 30.91
N ALA B 149 4.22 -14.17 30.76
CA ALA B 149 5.18 -15.00 30.03
C ALA B 149 5.23 -14.65 28.55
N GLU B 150 4.12 -14.13 28.01
CA GLU B 150 4.13 -13.68 26.61
C GLU B 150 5.09 -12.51 26.42
N ALA B 151 5.26 -11.67 27.44
CA ALA B 151 6.21 -10.57 27.39
C ALA B 151 7.59 -11.10 27.78
N ALA B 152 8.17 -11.85 26.85
CA ALA B 152 9.47 -12.47 27.05
C ALA B 152 10.49 -12.15 25.97
N SER B 153 10.06 -11.67 24.79
CA SER B 153 11.00 -11.29 23.76
C SER B 153 11.76 -10.02 24.12
N GLN B 154 11.17 -9.14 24.93
CA GLN B 154 11.83 -7.90 25.31
C GLN B 154 13.12 -8.16 26.08
N PHE B 155 13.10 -9.12 26.99
CA PHE B 155 14.30 -9.45 27.76
C PHE B 155 14.76 -10.87 27.46
N GLY B 156 14.14 -11.85 28.10
CA GLY B 156 14.61 -13.22 28.05
C GLY B 156 14.21 -13.96 29.32
N GLU B 157 15.14 -14.73 29.86
CA GLU B 157 14.88 -15.62 30.98
C GLU B 157 15.58 -15.13 32.25
N LEU B 158 14.92 -15.35 33.39
CA LEU B 158 15.48 -15.01 34.70
C LEU B 158 14.85 -15.91 35.74
N ILE B 159 15.69 -16.63 36.50
CA ILE B 159 15.24 -17.61 37.48
C ILE B 159 15.65 -17.13 38.87
N ALA B 160 14.70 -17.15 39.81
CA ALA B 160 14.97 -16.74 41.18
C ALA B 160 14.14 -17.59 42.13
N ASP B 161 14.80 -18.19 43.14
CA ASP B 161 14.14 -19.05 44.12
C ASP B 161 13.39 -18.23 45.16
N PRO B 162 12.05 -18.29 45.17
CA PRO B 162 11.28 -17.38 46.03
C PRO B 162 11.40 -17.62 47.53
N ASP B 163 11.99 -18.74 47.95
CA ASP B 163 12.13 -18.97 49.39
C ASP B 163 13.23 -18.09 49.97
N THR B 164 14.41 -18.12 49.37
CA THR B 164 15.51 -17.25 49.76
C THR B 164 15.62 -16.02 48.86
N LYS B 165 14.76 -15.91 47.86
CA LYS B 165 14.79 -14.81 46.88
C LYS B 165 16.17 -14.69 46.23
N GLU B 166 16.75 -15.83 45.86
CA GLU B 166 18.08 -15.89 45.30
C GLU B 166 18.02 -16.20 43.80
N LEU B 167 18.82 -15.47 43.02
CA LEU B 167 18.83 -15.63 41.57
C LEU B 167 19.52 -16.94 41.20
N LEU B 168 18.73 -17.91 40.72
CA LEU B 168 19.26 -19.23 40.39
C LEU B 168 19.86 -19.30 38.99
N HIS B 169 19.43 -18.44 38.07
CA HIS B 169 19.91 -18.49 36.68
C HIS B 169 19.56 -17.19 35.98
N TYR B 170 20.38 -16.81 35.01
CA TYR B 170 20.17 -15.54 34.31
C TYR B 170 20.77 -15.62 32.91
N THR B 171 19.92 -15.44 31.90
CA THR B 171 20.35 -15.28 30.51
C THR B 171 19.76 -14.00 29.95
N GLU B 172 20.61 -13.16 29.36
CA GLU B 172 20.18 -11.84 28.92
C GLU B 172 19.12 -11.91 27.83
N LYS B 173 19.49 -12.43 26.65
CA LYS B 173 18.58 -12.40 25.51
C LYS B 173 18.11 -13.79 25.11
N PRO B 174 19.01 -14.80 24.94
CA PRO B 174 18.51 -16.15 24.66
C PRO B 174 17.76 -16.71 25.85
N GLU B 175 16.43 -16.62 25.79
CA GLU B 175 15.61 -16.98 26.95
C GLU B 175 15.61 -18.49 27.18
N THR B 176 15.17 -19.26 26.18
CA THR B 176 15.01 -20.71 26.32
C THR B 176 14.28 -21.06 27.62
N PHE B 177 12.97 -20.75 27.59
CA PHE B 177 12.06 -20.92 28.72
C PHE B 177 12.35 -19.87 29.80
N VAL B 178 11.30 -19.19 30.28
CA VAL B 178 11.45 -18.06 31.20
C VAL B 178 10.80 -18.39 32.54
N SER B 179 10.67 -17.38 33.41
CA SER B 179 10.05 -17.57 34.71
C SER B 179 9.15 -16.41 35.12
N ASP B 180 8.75 -15.56 34.17
CA ASP B 180 7.86 -14.40 34.34
C ASP B 180 8.53 -13.24 35.06
N LEU B 181 9.78 -13.39 35.49
CA LEU B 181 10.52 -12.33 36.15
C LEU B 181 11.55 -11.74 35.21
N ILE B 182 11.83 -10.44 35.38
CA ILE B 182 12.72 -9.69 34.50
C ILE B 182 13.50 -8.69 35.34
N ASN B 183 14.65 -8.27 34.79
CA ASN B 183 15.43 -7.23 35.43
C ASN B 183 14.67 -5.90 35.42
N CYS B 184 15.03 -5.03 36.36
CA CYS B 184 14.53 -3.67 36.38
C CYS B 184 15.62 -2.62 36.20
N GLY B 185 16.89 -2.99 36.37
CA GLY B 185 18.00 -2.08 36.20
C GLY B 185 18.45 -1.35 37.46
N VAL B 186 17.61 -1.32 38.50
CA VAL B 186 17.95 -0.66 39.75
C VAL B 186 18.59 -1.70 40.68
N TYR B 187 19.87 -1.52 40.97
CA TYR B 187 20.66 -2.47 41.73
C TYR B 187 21.24 -1.80 42.97
N VAL B 188 21.52 -2.62 43.98
CA VAL B 188 22.18 -2.16 45.21
C VAL B 188 23.16 -3.24 45.63
N PHE B 189 24.42 -2.86 45.78
CA PHE B 189 25.46 -3.81 46.14
C PHE B 189 26.03 -3.49 47.52
N THR B 190 27.02 -4.27 47.92
CA THR B 190 27.83 -3.97 49.09
C THR B 190 29.17 -3.43 48.61
N SER B 191 30.05 -3.10 49.56
CA SER B 191 31.36 -2.58 49.19
C SER B 191 32.22 -3.61 48.48
N ASP B 192 31.83 -4.88 48.51
CA ASP B 192 32.61 -5.98 47.93
C ASP B 192 32.43 -6.11 46.43
N ILE B 193 31.58 -5.28 45.80
CA ILE B 193 31.30 -5.46 44.38
C ILE B 193 32.52 -5.09 43.54
N PHE B 194 33.32 -4.13 43.98
CA PHE B 194 34.50 -3.74 43.22
C PHE B 194 35.52 -4.87 43.16
N ASN B 195 35.54 -5.74 44.16
CA ASN B 195 36.47 -6.87 44.16
C ASN B 195 36.06 -7.92 43.14
N ALA B 196 34.76 -8.06 42.87
CA ALA B 196 34.31 -9.02 41.87
C ALA B 196 34.68 -8.59 40.47
N ILE B 197 34.81 -7.28 40.23
CA ILE B 197 35.20 -6.80 38.91
C ILE B 197 36.69 -7.04 38.68
N GLU B 198 37.48 -6.93 39.75
CA GLU B 198 38.91 -7.22 39.63
C GLU B 198 39.16 -8.68 39.31
N GLU B 199 38.28 -9.57 39.77
CA GLU B 199 38.40 -10.99 39.45
C GLU B 199 37.92 -11.31 38.04
N VAL B 200 37.38 -10.34 37.32
CA VAL B 200 37.06 -10.51 35.91
C VAL B 200 37.81 -9.52 35.02
N TYR B 201 38.26 -8.38 35.55
CA TYR B 201 39.03 -7.42 34.77
C TYR B 201 40.53 -7.67 34.90
N SER B 202 41.01 -8.05 36.08
CA SER B 202 42.41 -8.37 36.30
C SER B 202 42.70 -9.85 36.19
N GLN B 203 41.80 -10.70 36.69
CA GLN B 203 42.05 -12.14 36.69
C GLN B 203 41.68 -12.77 35.36
N ILE B 204 40.49 -12.45 34.83
CA ILE B 204 40.01 -13.06 33.60
C ILE B 204 40.27 -12.12 32.43
N ARG B 205 40.29 -10.82 32.70
CA ARG B 205 40.57 -9.80 31.68
C ARG B 205 39.58 -9.88 30.52
N PHE B 222 34.76 -2.82 28.47
CA PHE B 222 34.09 -3.75 27.55
C PHE B 222 33.44 -4.90 28.31
N VAL B 223 33.53 -4.86 29.64
CA VAL B 223 32.94 -5.88 30.49
C VAL B 223 31.49 -5.49 30.75
N ARG B 224 30.57 -6.38 30.39
CA ARG B 224 29.14 -6.13 30.56
C ARG B 224 28.71 -6.67 31.93
N LEU B 225 28.02 -5.84 32.69
CA LEU B 225 27.61 -6.23 34.05
C LEU B 225 26.68 -7.44 34.01
N ASP B 226 25.72 -7.43 33.11
CA ASP B 226 24.67 -8.44 33.02
C ASP B 226 25.00 -9.57 32.05
N GLN B 227 26.25 -10.02 32.00
CA GLN B 227 26.63 -11.11 31.09
C GLN B 227 27.70 -11.99 31.71
N ASP B 228 28.70 -11.38 32.33
CA ASP B 228 29.82 -12.11 32.91
C ASP B 228 29.97 -11.85 34.40
N ILE B 229 29.00 -11.19 35.03
CA ILE B 229 29.02 -10.95 36.47
C ILE B 229 27.70 -11.42 37.05
N LEU B 230 26.60 -11.05 36.40
CA LEU B 230 25.28 -11.44 36.86
C LEU B 230 24.99 -12.91 36.54
N SER B 231 25.29 -13.33 35.31
CA SER B 231 25.07 -14.73 34.94
C SER B 231 25.92 -15.69 35.75
N PRO B 232 27.23 -15.46 35.97
CA PRO B 232 28.00 -16.41 36.78
C PRO B 232 27.55 -16.53 38.22
N LEU B 233 27.09 -15.43 38.84
CA LEU B 233 26.63 -15.48 40.22
C LEU B 233 25.19 -15.99 40.26
N ALA B 234 25.05 -17.29 40.00
CA ALA B 234 23.75 -17.94 39.97
C ALA B 234 23.58 -18.88 41.17
N GLY B 235 24.26 -20.02 41.17
CA GLY B 235 24.11 -20.94 42.29
C GLY B 235 24.63 -20.39 43.59
N LYS B 236 25.70 -19.60 43.53
CA LYS B 236 26.28 -19.02 44.74
C LYS B 236 25.31 -18.03 45.38
N LYS B 237 25.02 -18.25 46.66
CA LYS B 237 24.01 -17.47 47.38
C LYS B 237 24.54 -16.07 47.73
N GLN B 238 24.56 -15.21 46.70
CA GLN B 238 24.88 -13.79 46.86
C GLN B 238 23.95 -12.86 46.10
N LEU B 239 23.39 -13.27 44.97
CA LEU B 239 22.47 -12.44 44.19
C LEU B 239 21.04 -12.72 44.64
N TYR B 240 20.33 -11.66 45.03
CA TYR B 240 18.99 -11.84 45.56
C TYR B 240 17.97 -11.07 44.70
N THR B 241 16.73 -11.00 45.18
CA THR B 241 15.65 -10.39 44.42
C THR B 241 14.68 -9.71 45.39
N TYR B 242 13.94 -8.74 44.86
CA TYR B 242 12.94 -8.00 45.63
C TYR B 242 11.89 -7.49 44.67
N GLU B 243 10.63 -7.85 44.91
CA GLU B 243 9.55 -7.53 43.99
C GLU B 243 9.25 -6.04 43.96
N ASN B 244 8.79 -5.56 42.81
CA ASN B 244 8.42 -4.15 42.66
C ASN B 244 7.08 -3.85 43.30
N LYS B 245 6.03 -4.54 42.85
CA LYS B 245 4.66 -4.32 43.32
C LYS B 245 4.14 -2.92 42.97
N ASP B 246 4.63 -2.35 41.87
CA ASP B 246 4.16 -1.05 41.40
C ASP B 246 4.22 -0.96 39.88
N PHE B 247 4.95 0.00 39.34
CA PHE B 247 5.03 0.22 37.91
C PHE B 247 6.48 0.14 37.44
N TRP B 248 6.65 -0.12 36.14
CA TRP B 248 7.97 -0.14 35.52
C TRP B 248 7.80 -0.02 34.01
N GLU B 249 8.62 0.83 33.38
CA GLU B 249 8.57 1.03 31.94
C GLU B 249 9.94 1.49 31.45
N GLN B 250 10.55 0.69 30.57
CA GLN B 250 11.82 1.06 29.97
C GLN B 250 11.61 2.20 28.96
N ILE B 251 12.44 3.24 29.07
CA ILE B 251 12.25 4.44 28.25
C ILE B 251 13.49 4.76 27.42
N LYS B 252 13.79 3.92 26.44
CA LYS B 252 14.81 4.26 25.45
C LYS B 252 14.22 4.99 24.24
N THR B 253 12.90 4.96 24.08
CA THR B 253 12.11 5.59 23.03
C THR B 253 11.62 6.96 23.49
N PRO B 254 11.71 7.98 22.62
CA PRO B 254 11.10 9.27 22.96
C PRO B 254 9.59 9.22 23.03
N GLY B 255 8.95 8.25 22.38
CA GLY B 255 7.50 8.14 22.48
C GLY B 255 7.04 7.63 23.82
N LYS B 256 7.80 6.72 24.43
CA LYS B 256 7.48 6.20 25.75
C LYS B 256 7.52 7.28 26.83
N SER B 257 8.07 8.46 26.52
CA SER B 257 8.18 9.55 27.49
C SER B 257 6.82 10.03 27.98
N LEU B 258 5.73 9.61 27.36
CA LEU B 258 4.38 9.94 27.80
C LEU B 258 3.77 8.85 28.67
N LYS B 259 3.85 7.59 28.22
CA LYS B 259 3.31 6.48 28.99
C LYS B 259 3.90 6.43 30.40
N CYS B 260 5.20 6.69 30.52
CA CYS B 260 5.83 6.73 31.83
C CYS B 260 5.50 8.03 32.57
N SER B 261 5.31 9.12 31.82
CA SER B 261 4.97 10.40 32.45
C SER B 261 3.65 10.32 33.20
N ALA B 262 2.71 9.52 32.69
CA ALA B 262 1.43 9.36 33.38
C ALA B 262 1.60 8.62 34.70
N LEU B 263 2.53 7.66 34.76
CA LEU B 263 2.75 6.92 35.99
C LEU B 263 3.36 7.81 37.07
N TYR B 264 4.27 8.69 36.68
CA TYR B 264 4.85 9.64 37.65
C TYR B 264 3.79 10.58 38.20
N LEU B 265 2.90 11.08 37.32
CA LEU B 265 1.83 11.96 37.79
C LEU B 265 0.85 11.22 38.70
N SER B 266 0.51 9.97 38.36
CA SER B 266 -0.29 9.15 39.27
C SER B 266 0.42 8.95 40.60
N GLN B 267 1.75 8.86 40.58
CA GLN B 267 2.53 8.78 41.81
C GLN B 267 2.42 10.08 42.60
N PHE B 268 2.33 11.21 41.91
CA PHE B 268 2.09 12.51 42.54
C PHE B 268 0.61 12.76 42.77
N ARG B 269 -0.25 11.84 42.34
CA ARG B 269 -1.67 11.89 42.65
C ARG B 269 -2.03 10.99 43.82
N GLU B 270 -1.29 9.90 44.02
CA GLU B 270 -1.38 9.14 45.25
C GLU B 270 -0.69 9.87 46.39
N THR B 271 0.59 10.19 46.22
CA THR B 271 1.35 10.94 47.21
C THR B 271 1.37 12.41 46.81
N SER B 272 1.09 13.28 47.79
CA SER B 272 1.03 14.73 47.62
C SER B 272 0.34 15.14 46.34
N PRO B 273 -1.00 15.06 46.27
CA PRO B 273 -1.70 15.46 45.04
C PRO B 273 -1.83 16.96 44.89
N HIS B 274 -1.66 17.72 45.97
CA HIS B 274 -1.75 19.17 45.91
C HIS B 274 -0.63 19.78 45.08
N ILE B 275 0.47 19.05 44.89
CA ILE B 275 1.53 19.51 44.01
C ILE B 275 1.08 19.50 42.55
N LEU B 276 0.04 18.74 42.23
CA LEU B 276 -0.53 18.72 40.89
C LEU B 276 -1.65 19.74 40.77
N ALA B 277 -1.69 20.43 39.62
CA ALA B 277 -2.75 21.40 39.37
C ALA B 277 -4.10 20.70 39.32
N SER B 278 -5.06 21.19 40.12
CA SER B 278 -6.42 20.67 40.16
C SER B 278 -7.41 21.84 40.22
N GLY B 279 -7.54 22.54 39.09
CA GLY B 279 -8.46 23.66 39.03
C GLY B 279 -9.90 23.21 39.02
N ASP B 280 -10.29 22.44 37.99
CA ASP B 280 -11.63 21.86 37.90
C ASP B 280 -12.71 22.93 38.04
N GLY B 281 -12.60 23.97 37.23
CA GLY B 281 -13.53 25.08 37.32
C GLY B 281 -13.06 26.23 36.44
N THR B 282 -13.59 27.42 36.72
CA THR B 282 -13.24 28.63 35.98
C THR B 282 -13.31 29.82 36.94
N ASN B 283 -12.36 29.86 37.87
CA ASN B 283 -12.19 31.02 38.74
C ASN B 283 -10.89 31.72 38.35
N ARG B 284 -10.80 32.11 37.07
CA ARG B 284 -9.57 32.50 36.39
C ARG B 284 -8.65 31.30 36.17
N LYS B 285 -9.00 30.12 36.68
CA LYS B 285 -8.30 28.85 36.51
C LYS B 285 -8.99 28.01 35.44
N PRO B 286 -8.24 27.46 34.48
CA PRO B 286 -8.88 26.70 33.40
C PRO B 286 -9.49 25.39 33.90
N THR B 287 -10.18 24.71 33.00
CA THR B 287 -10.82 23.44 33.30
C THR B 287 -9.78 22.34 33.29
N ILE B 288 -9.32 21.95 34.48
CA ILE B 288 -8.32 20.89 34.65
C ILE B 288 -9.04 19.58 34.91
N ILE B 289 -8.67 18.54 34.17
CA ILE B 289 -9.35 17.25 34.23
C ILE B 289 -8.43 16.19 34.84
N GLY B 290 -7.80 16.51 35.97
CA GLY B 290 -7.03 15.53 36.70
C GLY B 290 -5.69 15.15 36.10
N ASP B 291 -4.72 14.84 36.97
CA ASP B 291 -3.38 14.39 36.57
C ASP B 291 -2.72 15.42 35.65
N VAL B 292 -2.57 16.64 36.19
CA VAL B 292 -1.97 17.75 35.45
C VAL B 292 -0.93 18.41 36.35
N TYR B 293 0.27 18.59 35.80
CA TYR B 293 1.32 19.39 36.45
C TYR B 293 1.47 20.70 35.70
N ILE B 294 1.20 21.80 36.38
CA ILE B 294 1.30 23.14 35.81
C ILE B 294 2.42 23.88 36.52
N HIS B 295 3.39 24.37 35.76
CA HIS B 295 4.45 25.17 36.36
C HIS B 295 3.89 26.54 36.76
N PRO B 296 4.37 27.12 37.87
CA PRO B 296 3.87 28.45 38.27
C PRO B 296 4.22 29.57 37.30
N SER B 297 5.20 29.38 36.43
CA SER B 297 5.64 30.42 35.51
C SER B 297 4.85 30.45 34.21
N VAL B 298 3.79 29.67 34.10
CA VAL B 298 2.98 29.61 32.88
C VAL B 298 1.95 30.72 32.89
N LYS B 299 1.42 31.02 31.71
CA LYS B 299 0.33 31.97 31.52
C LYS B 299 -0.87 31.21 30.95
N LEU B 300 -2.01 31.31 31.61
CA LEU B 300 -3.17 30.51 31.25
C LEU B 300 -4.38 31.39 30.96
N HIS B 301 -5.35 30.78 30.29
CA HIS B 301 -6.64 31.40 30.00
C HIS B 301 -7.72 30.46 30.51
N PRO B 302 -8.74 30.96 31.22
CA PRO B 302 -9.72 30.05 31.84
C PRO B 302 -10.55 29.26 30.84
N THR B 303 -10.53 29.63 29.55
CA THR B 303 -11.34 28.97 28.54
C THR B 303 -10.70 27.73 27.95
N ALA B 304 -9.45 27.44 28.31
CA ALA B 304 -8.75 26.28 27.81
C ALA B 304 -9.10 25.06 28.66
N LYS B 305 -9.25 23.91 28.00
CA LYS B 305 -9.51 22.65 28.68
C LYS B 305 -8.22 21.84 28.67
N ILE B 306 -7.58 21.74 29.82
CA ILE B 306 -6.33 21.01 29.97
C ILE B 306 -6.70 19.61 30.49
N GLY B 307 -6.76 18.65 29.57
CA GLY B 307 -7.23 17.32 29.89
C GLY B 307 -6.25 16.49 30.68
N PRO B 308 -6.37 15.17 30.56
CA PRO B 308 -5.54 14.27 31.37
C PRO B 308 -4.15 14.08 30.77
N ASN B 309 -3.20 13.77 31.67
CA ASN B 309 -1.84 13.38 31.31
C ASN B 309 -1.14 14.48 30.49
N VAL B 310 -0.98 15.64 31.11
CA VAL B 310 -0.29 16.77 30.51
C VAL B 310 0.65 17.37 31.54
N SER B 311 1.90 17.58 31.15
CA SER B 311 2.95 18.10 32.03
C SER B 311 3.51 19.37 31.39
N ILE B 312 3.12 20.53 31.92
CA ILE B 312 3.49 21.81 31.35
C ILE B 312 4.73 22.35 32.05
N SER B 313 5.66 22.89 31.26
CA SER B 313 6.94 23.38 31.77
C SER B 313 6.84 24.88 32.07
N ALA B 314 7.98 25.49 32.41
CA ALA B 314 8.01 26.88 32.82
C ALA B 314 8.01 27.82 31.62
N ASN B 315 7.52 29.03 31.84
CA ASN B 315 7.61 30.14 30.88
C ASN B 315 7.03 29.77 29.53
N VAL B 316 5.81 29.23 29.54
CA VAL B 316 5.09 28.85 28.34
C VAL B 316 3.78 29.63 28.29
N ARG B 317 3.39 30.06 27.09
CA ARG B 317 2.21 30.90 26.90
C ARG B 317 1.07 30.07 26.31
N VAL B 318 0.04 29.85 27.12
CA VAL B 318 -1.14 29.08 26.71
C VAL B 318 -2.23 30.04 26.28
N GLY B 319 -2.74 29.85 25.06
CA GLY B 319 -3.81 30.68 24.55
C GLY B 319 -5.16 30.26 25.10
N PRO B 320 -6.20 30.94 24.62
CA PRO B 320 -7.56 30.66 25.11
C PRO B 320 -8.23 29.54 24.33
N GLY B 321 -9.06 28.80 25.04
CA GLY B 321 -9.83 27.73 24.42
C GLY B 321 -9.01 26.65 23.77
N VAL B 322 -7.85 26.33 24.33
CA VAL B 322 -6.99 25.29 23.76
C VAL B 322 -7.22 24.00 24.52
N ARG B 323 -7.01 22.88 23.84
CA ARG B 323 -7.27 21.55 24.38
C ARG B 323 -5.96 20.78 24.42
N LEU B 324 -5.60 20.27 25.60
CA LEU B 324 -4.31 19.62 25.82
C LEU B 324 -4.55 18.29 26.55
N ILE B 325 -4.37 17.17 25.85
CA ILE B 325 -4.47 15.86 26.48
C ILE B 325 -3.29 15.00 26.01
N SER B 326 -2.79 14.16 26.92
CA SER B 326 -1.83 13.11 26.61
C SER B 326 -0.57 13.66 25.92
N CYS B 327 -0.04 14.77 26.43
CA CYS B 327 1.09 15.43 25.79
C CYS B 327 1.95 16.10 26.84
N ILE B 328 3.20 16.42 26.46
CA ILE B 328 4.13 17.14 27.30
C ILE B 328 4.72 18.30 26.51
N ILE B 329 4.80 19.47 27.13
CA ILE B 329 5.21 20.70 26.48
C ILE B 329 6.47 21.23 27.17
N LEU B 330 7.47 21.59 26.38
CA LEU B 330 8.75 22.08 26.89
C LEU B 330 8.67 23.59 27.09
N ASP B 331 9.81 24.22 27.39
CA ASP B 331 9.83 25.63 27.75
C ASP B 331 9.66 26.53 26.53
N ASP B 332 9.12 27.73 26.79
CA ASP B 332 9.07 28.84 25.83
C ASP B 332 8.21 28.54 24.60
N VAL B 333 7.21 27.67 24.74
CA VAL B 333 6.32 27.36 23.63
C VAL B 333 5.20 28.39 23.59
N GLU B 334 4.76 28.73 22.37
CA GLU B 334 3.69 29.69 22.18
C GLU B 334 2.51 29.01 21.51
N ILE B 335 1.39 28.92 22.24
CA ILE B 335 0.16 28.29 21.77
C ILE B 335 -0.84 29.40 21.43
N LYS B 336 -1.31 29.41 20.18
CA LYS B 336 -2.17 30.47 19.68
C LYS B 336 -3.64 30.09 19.84
N GLU B 337 -4.52 30.87 19.21
CA GLU B 337 -5.96 30.74 19.39
C GLU B 337 -6.43 29.35 18.96
N ASN B 338 -7.15 28.68 19.86
CA ASN B 338 -7.86 27.43 19.57
C ASN B 338 -6.93 26.38 18.97
N ALA B 339 -5.89 26.04 19.72
CA ALA B 339 -4.96 25.00 19.32
C ALA B 339 -5.29 23.69 20.04
N VAL B 340 -4.93 22.58 19.42
CA VAL B 340 -5.21 21.25 19.94
C VAL B 340 -3.94 20.41 19.87
N VAL B 341 -3.61 19.74 20.98
CA VAL B 341 -2.39 18.93 21.07
C VAL B 341 -2.77 17.59 21.68
N ILE B 342 -2.61 16.52 20.89
CA ILE B 342 -2.98 15.17 21.32
C ILE B 342 -1.79 14.25 21.07
N ASN B 343 -1.39 13.51 22.10
CA ASN B 343 -0.34 12.49 21.99
C ASN B 343 0.90 13.07 21.31
N SER B 344 1.40 14.17 21.86
CA SER B 344 2.47 14.92 21.22
C SER B 344 3.52 15.32 22.24
N ILE B 345 4.69 15.72 21.74
CA ILE B 345 5.75 16.27 22.56
C ILE B 345 6.29 17.51 21.85
N ILE B 346 5.95 18.69 22.36
CA ILE B 346 6.32 19.95 21.74
C ILE B 346 7.68 20.39 22.26
N GLY B 347 8.59 20.71 21.36
CA GLY B 347 9.96 21.06 21.72
C GLY B 347 10.10 22.44 22.33
N TRP B 348 11.33 22.95 22.41
CA TRP B 348 11.60 24.23 23.05
C TRP B 348 11.32 25.37 22.08
N LYS B 349 10.80 26.48 22.60
CA LYS B 349 10.57 27.71 21.83
C LYS B 349 9.70 27.47 20.60
N SER B 350 8.93 26.38 20.60
CA SER B 350 8.10 26.07 19.45
C SER B 350 6.89 27.00 19.39
N SER B 351 6.37 27.20 18.18
CA SER B 351 5.25 28.10 17.95
C SER B 351 4.14 27.34 17.23
N ILE B 352 2.99 27.24 17.87
CA ILE B 352 1.83 26.55 17.33
C ILE B 352 0.83 27.61 16.89
N GLY B 353 0.58 27.69 15.59
CA GLY B 353 -0.30 28.72 15.07
C GLY B 353 -1.74 28.56 15.52
N ARG B 354 -2.54 29.56 15.21
CA ARG B 354 -3.93 29.56 15.63
C ARG B 354 -4.75 28.60 14.78
N TRP B 355 -5.67 27.88 15.44
CA TRP B 355 -6.48 26.85 14.80
C TRP B 355 -5.62 25.76 14.16
N SER B 356 -4.39 25.58 14.65
CA SER B 356 -3.52 24.52 14.17
C SER B 356 -3.59 23.34 15.13
N ARG B 357 -3.35 22.14 14.59
CA ARG B 357 -3.59 20.91 15.33
C ARG B 357 -2.36 20.00 15.27
N VAL B 358 -2.01 19.43 16.43
CA VAL B 358 -0.87 18.51 16.55
C VAL B 358 -1.38 17.29 17.32
N GLN B 359 -1.68 16.21 16.59
CA GLN B 359 -2.24 15.02 17.21
C GLN B 359 -1.46 13.78 16.76
N ALA B 360 -1.74 12.67 17.43
CA ALA B 360 -1.12 11.39 17.08
C ALA B 360 -1.99 10.26 17.63
N SER B 361 -1.64 9.03 17.23
CA SER B 361 -2.43 7.86 17.61
C SER B 361 -2.27 7.51 19.08
N GLY B 362 -1.04 7.60 19.60
CA GLY B 362 -0.76 7.18 20.94
C GLY B 362 -0.17 5.78 21.04
N ASP B 363 0.14 5.14 19.92
CA ASP B 363 0.71 3.80 19.94
C ASP B 363 2.17 3.90 20.35
N TYR B 364 2.48 3.50 21.58
CA TYR B 364 3.86 3.52 22.05
C TYR B 364 4.69 2.41 21.41
N ASN B 365 4.07 1.57 20.58
CA ASN B 365 4.78 0.58 19.78
C ASN B 365 5.04 1.07 18.36
N ASP B 366 4.17 1.94 17.83
CA ASP B 366 4.38 2.53 16.53
C ASP B 366 5.32 3.72 16.65
N ARG B 367 6.17 3.89 15.64
CA ARG B 367 7.13 4.99 15.65
C ARG B 367 6.43 6.35 15.61
N LEU B 368 5.41 6.48 14.76
CA LEU B 368 4.65 7.70 14.63
C LEU B 368 3.42 7.74 15.53
N GLY B 369 3.39 6.91 16.58
CA GLY B 369 2.27 6.94 17.50
C GLY B 369 2.26 8.17 18.38
N ILE B 370 3.40 8.82 18.55
CA ILE B 370 3.52 10.05 19.33
C ILE B 370 4.26 11.06 18.45
N THR B 371 3.53 12.05 17.95
CA THR B 371 4.15 13.08 17.12
C THR B 371 5.04 13.96 17.97
N ILE B 372 6.27 14.20 17.52
CA ILE B 372 7.25 14.94 18.29
C ILE B 372 7.70 16.15 17.47
N LEU B 373 7.66 17.32 18.09
CA LEU B 373 8.05 18.57 17.45
C LEU B 373 9.37 19.03 18.05
N GLY B 374 10.29 19.45 17.19
CA GLY B 374 11.62 19.82 17.63
C GLY B 374 11.63 21.16 18.34
N GLU B 375 12.84 21.67 18.54
CA GLU B 375 13.03 22.95 19.20
C GLU B 375 12.78 24.09 18.22
N ALA B 376 11.97 25.05 18.63
CA ALA B 376 11.65 26.24 17.83
C ALA B 376 11.06 25.85 16.47
N VAL B 377 10.11 24.94 16.49
CA VAL B 377 9.36 24.59 15.31
C VAL B 377 8.10 25.45 15.26
N THR B 378 7.86 26.09 14.13
CA THR B 378 6.76 27.04 14.01
C THR B 378 5.69 26.41 13.11
N VAL B 379 4.64 25.90 13.74
CA VAL B 379 3.47 25.41 13.03
C VAL B 379 2.56 26.61 12.79
N GLU B 380 2.35 26.94 11.51
CA GLU B 380 1.58 28.14 11.18
C GLU B 380 0.09 27.91 11.47
N ASP B 381 -0.69 28.96 11.27
CA ASP B 381 -2.12 28.91 11.55
C ASP B 381 -2.79 27.86 10.66
N GLU B 382 -3.73 27.12 11.26
CA GLU B 382 -4.49 26.05 10.62
C GLU B 382 -3.64 24.86 10.18
N VAL B 383 -2.32 24.91 10.36
CA VAL B 383 -1.46 23.82 9.91
C VAL B 383 -1.63 22.61 10.83
N ALA B 384 -1.74 21.44 10.24
CA ALA B 384 -1.99 20.20 10.97
C ALA B 384 -0.79 19.26 10.87
N VAL B 385 -0.46 18.62 11.99
CA VAL B 385 0.64 17.66 12.06
C VAL B 385 0.09 16.41 12.74
N ILE B 386 -0.12 15.35 11.95
CA ILE B 386 -0.71 14.11 12.43
C ILE B 386 0.34 13.02 12.36
N GLY B 387 0.76 12.53 13.53
CA GLY B 387 1.68 11.40 13.63
C GLY B 387 2.92 11.56 12.77
N SER B 388 3.67 12.62 13.03
CA SER B 388 4.88 12.92 12.27
C SER B 388 5.94 13.47 13.21
N ILE B 389 7.17 13.55 12.72
CA ILE B 389 8.31 14.02 13.50
C ILE B 389 8.92 15.20 12.77
N VAL B 390 8.93 16.36 13.43
CA VAL B 390 9.48 17.59 12.87
C VAL B 390 10.78 17.90 13.59
N LEU B 391 11.80 18.28 12.82
CA LEU B 391 13.10 18.61 13.39
C LEU B 391 13.07 20.03 13.97
N GLN B 392 14.16 20.41 14.63
CA GLN B 392 14.22 21.71 15.27
C GLN B 392 14.44 22.81 14.25
N ASN B 393 14.02 24.03 14.63
CA ASN B 393 14.17 25.22 13.80
C ASN B 393 13.50 25.03 12.45
N LYS B 394 12.20 24.76 12.49
CA LYS B 394 11.47 24.37 11.29
C LYS B 394 10.14 25.10 11.23
N THR B 395 9.77 25.56 10.03
CA THR B 395 8.51 26.25 9.80
C THR B 395 7.61 25.39 8.94
N LEU B 396 6.33 25.32 9.31
CA LEU B 396 5.35 24.48 8.61
C LEU B 396 4.17 25.35 8.20
N ASN B 397 4.05 25.60 6.90
CA ASN B 397 2.90 26.28 6.33
C ASN B 397 1.86 25.32 5.78
N VAL B 398 2.24 24.06 5.55
CA VAL B 398 1.36 23.06 4.97
C VAL B 398 1.21 21.92 5.96
N SER B 399 0.05 21.27 5.95
CA SER B 399 -0.20 20.17 6.85
C SER B 399 0.60 18.94 6.45
N VAL B 400 1.13 18.23 7.44
CA VAL B 400 1.87 17.00 7.21
C VAL B 400 1.13 15.87 7.91
N GLN B 401 1.38 14.66 7.44
CA GLN B 401 0.70 13.49 7.96
C GLN B 401 1.51 12.25 7.64
N ASP B 402 1.86 11.49 8.68
CA ASP B 402 2.54 10.20 8.54
C ASP B 402 3.82 10.35 7.72
N ASP B 403 4.69 11.24 8.18
CA ASP B 403 5.95 11.51 7.51
C ASP B 403 6.98 11.89 8.56
N ILE B 404 8.22 12.08 8.10
CA ILE B 404 9.33 12.49 8.97
C ILE B 404 9.96 13.69 8.30
N ILE B 405 9.70 14.88 8.82
CA ILE B 405 10.10 16.13 8.19
C ILE B 405 11.47 16.53 8.71
N LEU B 406 12.44 16.65 7.80
CA LEU B 406 13.80 17.04 8.15
C LEU B 406 13.96 18.56 8.13
N GLU C 4 9.78 -11.18 -63.53
CA GLU C 4 10.59 -11.13 -62.32
C GLU C 4 10.34 -12.35 -61.43
N LYS C 5 10.98 -12.36 -60.27
CA LYS C 5 10.78 -13.41 -59.28
C LYS C 5 10.94 -12.80 -57.90
N VAL C 6 10.13 -13.25 -56.96
CA VAL C 6 10.08 -12.69 -55.61
C VAL C 6 10.30 -13.82 -54.61
N VAL C 7 11.14 -13.56 -53.61
CA VAL C 7 11.39 -14.50 -52.52
C VAL C 7 10.99 -13.81 -51.22
N ALA C 8 10.68 -14.62 -50.21
CA ALA C 8 10.21 -14.12 -48.93
C ALA C 8 11.03 -14.76 -47.81
N VAL C 9 11.48 -13.93 -46.87
CA VAL C 9 12.23 -14.36 -45.70
C VAL C 9 11.56 -13.78 -44.47
N ILE C 10 11.18 -14.65 -43.54
CA ILE C 10 10.50 -14.25 -42.31
C ILE C 10 11.43 -14.50 -41.14
N MET C 11 11.56 -13.49 -40.27
CA MET C 11 12.31 -13.65 -39.03
C MET C 11 11.49 -14.45 -38.02
N VAL C 12 12.18 -15.27 -37.23
CA VAL C 12 11.55 -16.16 -36.27
C VAL C 12 12.01 -15.87 -34.85
N GLY C 13 13.32 -15.70 -34.65
CA GLY C 13 13.88 -15.54 -33.33
C GLY C 13 14.06 -16.88 -32.64
N GLY C 14 14.77 -16.84 -31.52
CA GLY C 14 15.06 -18.04 -30.78
C GLY C 14 14.39 -18.07 -29.42
N PRO C 15 14.78 -19.02 -28.58
CA PRO C 15 14.15 -19.17 -27.26
C PRO C 15 14.43 -18.03 -26.30
N THR C 16 15.27 -17.06 -26.67
CA THR C 16 15.55 -15.91 -25.82
C THR C 16 14.62 -14.72 -26.11
N LYS C 17 13.87 -14.77 -27.20
CA LYS C 17 12.88 -13.73 -27.51
C LYS C 17 11.51 -14.09 -26.95
N GLY C 18 11.10 -15.35 -27.07
CA GLY C 18 9.86 -15.81 -26.49
C GLY C 18 9.94 -16.02 -24.99
N THR C 19 10.84 -15.30 -24.34
CA THR C 19 10.98 -15.35 -22.89
C THR C 19 9.93 -14.53 -22.16
N ARG C 20 8.99 -13.93 -22.90
CA ARG C 20 7.84 -13.26 -22.29
C ARG C 20 6.58 -14.11 -22.33
N PHE C 21 6.50 -15.06 -23.26
CA PHE C 21 5.37 -15.97 -23.37
C PHE C 21 5.58 -17.24 -22.56
N ARG C 22 6.42 -17.18 -21.52
CA ARG C 22 6.93 -18.31 -20.74
C ARG C 22 5.90 -19.41 -20.48
N PRO C 23 4.73 -19.13 -19.89
CA PRO C 23 3.78 -20.23 -19.63
C PRO C 23 3.44 -21.01 -20.89
N LEU C 24 3.25 -20.31 -22.02
CA LEU C 24 2.98 -20.94 -23.29
C LEU C 24 4.24 -21.29 -24.07
N SER C 25 5.30 -20.52 -23.91
CA SER C 25 6.54 -20.76 -24.66
C SER C 25 7.17 -22.11 -24.30
N PHE C 26 6.93 -22.61 -23.09
CA PHE C 26 7.53 -23.89 -22.70
C PHE C 26 7.00 -25.04 -23.54
N ASN C 27 5.74 -24.98 -23.97
CA ASN C 27 5.18 -26.01 -24.82
C ASN C 27 5.34 -25.68 -26.31
N THR C 28 5.02 -24.45 -26.68
CA THR C 28 5.06 -24.04 -28.08
C THR C 28 5.80 -22.71 -28.18
N PRO C 29 6.80 -22.61 -29.07
CA PRO C 29 7.52 -21.34 -29.22
C PRO C 29 6.59 -20.22 -29.66
N LYS C 30 7.08 -18.99 -29.48
CA LYS C 30 6.30 -17.79 -29.82
C LYS C 30 5.72 -17.79 -31.23
N PRO C 31 6.49 -18.07 -32.29
CA PRO C 31 5.92 -17.94 -33.65
C PRO C 31 4.82 -18.94 -33.96
N LEU C 32 4.73 -20.04 -33.22
CA LEU C 32 3.75 -21.08 -33.51
C LEU C 32 2.53 -20.99 -32.60
N ILE C 33 2.44 -19.95 -31.78
CA ILE C 33 1.31 -19.81 -30.86
C ILE C 33 0.07 -19.39 -31.65
N PRO C 34 -1.06 -20.10 -31.53
CA PRO C 34 -2.21 -19.81 -32.39
C PRO C 34 -2.86 -18.46 -32.08
N LEU C 35 -2.79 -17.55 -33.05
CA LEU C 35 -3.48 -16.27 -32.97
C LEU C 35 -4.70 -16.34 -33.87
N ALA C 36 -5.88 -16.10 -33.29
CA ALA C 36 -7.16 -16.23 -34.01
C ALA C 36 -7.32 -17.62 -34.61
N GLY C 37 -6.83 -18.64 -33.91
CA GLY C 37 -6.93 -20.03 -34.33
C GLY C 37 -5.72 -20.55 -35.08
N GLN C 38 -5.00 -19.68 -35.77
CA GLN C 38 -3.83 -20.08 -36.55
C GLN C 38 -2.55 -19.58 -35.90
N PRO C 39 -1.42 -20.27 -36.10
CA PRO C 39 -0.16 -19.82 -35.47
C PRO C 39 0.18 -18.38 -35.83
N MET C 40 1.12 -17.82 -35.07
CA MET C 40 1.47 -16.41 -35.21
C MET C 40 1.97 -16.10 -36.61
N ILE C 41 2.92 -16.90 -37.12
CA ILE C 41 3.46 -16.66 -38.45
C ILE C 41 2.54 -17.17 -39.56
N HIS C 42 1.42 -17.79 -39.22
CA HIS C 42 0.52 -18.33 -40.24
C HIS C 42 -0.21 -17.25 -41.01
N HIS C 43 -0.20 -16.00 -40.53
CA HIS C 43 -0.86 -14.90 -41.24
C HIS C 43 0.10 -14.25 -42.24
N PRO C 44 1.36 -14.01 -41.90
CA PRO C 44 2.31 -13.56 -42.94
C PRO C 44 2.43 -14.54 -44.10
N ILE C 45 2.56 -15.83 -43.80
CA ILE C 45 2.69 -16.83 -44.86
C ILE C 45 1.45 -16.84 -45.74
N SER C 46 0.27 -16.60 -45.13
CA SER C 46 -0.97 -16.57 -45.91
C SER C 46 -0.99 -15.41 -46.90
N ALA C 47 -0.31 -14.31 -46.57
CA ALA C 47 -0.28 -13.16 -47.45
C ALA C 47 0.77 -13.28 -48.56
N CYS C 48 1.69 -14.23 -48.45
CA CYS C 48 2.70 -14.41 -49.48
C CYS C 48 2.14 -15.06 -50.74
N LYS C 49 1.04 -15.81 -50.61
CA LYS C 49 0.46 -16.49 -51.75
C LYS C 49 -0.20 -15.53 -52.73
N LYS C 50 -0.61 -14.35 -52.28
CA LYS C 50 -1.27 -13.39 -53.17
C LYS C 50 -0.31 -12.79 -54.20
N ILE C 51 1.00 -12.98 -54.03
CA ILE C 51 1.97 -12.55 -55.02
C ILE C 51 2.23 -13.74 -55.95
N SER C 52 1.75 -13.64 -57.19
CA SER C 52 1.86 -14.75 -58.13
C SER C 52 3.31 -15.00 -58.55
N ASN C 53 4.16 -13.98 -58.48
CA ASN C 53 5.57 -14.10 -58.85
C ASN C 53 6.47 -14.44 -57.66
N LEU C 54 5.91 -14.93 -56.56
CA LEU C 54 6.67 -15.37 -55.40
C LEU C 54 6.90 -16.87 -55.44
N ALA C 55 8.04 -17.30 -54.93
CA ALA C 55 8.40 -18.72 -54.95
C ALA C 55 8.78 -19.22 -53.56
N GLN C 56 10.09 -19.35 -53.31
CA GLN C 56 10.57 -19.93 -52.07
C GLN C 56 10.29 -19.01 -50.88
N ILE C 57 10.09 -19.62 -49.71
CA ILE C 57 9.90 -18.90 -48.47
C ILE C 57 10.90 -19.41 -47.44
N PHE C 58 11.46 -18.50 -46.65
CA PHE C 58 12.55 -18.81 -45.73
C PHE C 58 12.21 -18.32 -44.33
N LEU C 59 12.19 -19.24 -43.38
CA LEU C 59 12.04 -18.92 -41.97
C LEU C 59 13.41 -19.11 -41.30
N ILE C 60 13.96 -18.03 -40.77
CA ILE C 60 15.29 -18.06 -40.16
C ILE C 60 15.21 -17.68 -38.70
N GLY C 61 16.02 -18.33 -37.88
CA GLY C 61 16.07 -18.11 -36.45
C GLY C 61 16.79 -19.23 -35.73
N PHE C 62 17.37 -18.95 -34.57
CA PHE C 62 18.21 -19.92 -33.87
C PHE C 62 17.40 -20.86 -32.98
N TYR C 63 16.14 -21.12 -33.32
CA TYR C 63 15.37 -22.20 -32.74
C TYR C 63 15.91 -23.54 -33.25
N GLU C 64 15.35 -24.63 -32.71
CA GLU C 64 15.68 -25.96 -33.17
C GLU C 64 14.76 -26.34 -34.31
N GLU C 65 15.35 -26.85 -35.40
CA GLU C 65 14.60 -27.17 -36.60
C GLU C 65 13.59 -28.29 -36.36
N ARG C 66 13.81 -29.11 -35.33
CA ARG C 66 12.90 -30.22 -35.03
C ARG C 66 11.48 -29.73 -34.77
N GLU C 67 11.34 -28.57 -34.14
CA GLU C 67 10.01 -28.04 -33.83
C GLU C 67 9.32 -27.51 -35.08
N PHE C 68 10.07 -26.87 -35.98
CA PHE C 68 9.48 -26.25 -37.16
C PHE C 68 9.29 -27.21 -38.32
N ALA C 69 10.05 -28.31 -38.37
CA ALA C 69 9.93 -29.24 -39.47
C ALA C 69 8.51 -29.82 -39.56
N LEU C 70 7.89 -30.08 -38.41
CA LEU C 70 6.54 -30.63 -38.41
C LEU C 70 5.52 -29.59 -38.86
N TYR C 71 5.73 -28.31 -38.55
CA TYR C 71 4.76 -27.28 -38.90
C TYR C 71 4.85 -26.90 -40.37
N VAL C 72 6.06 -26.71 -40.88
CA VAL C 72 6.24 -26.29 -42.28
C VAL C 72 5.66 -27.31 -43.24
N SER C 73 5.67 -28.60 -42.86
CA SER C 73 5.15 -29.63 -43.74
C SER C 73 3.66 -29.49 -44.02
N SER C 74 2.93 -28.80 -43.13
CA SER C 74 1.48 -28.67 -43.27
C SER C 74 1.08 -27.41 -44.02
N ILE C 75 1.92 -26.37 -44.03
CA ILE C 75 1.57 -25.13 -44.69
C ILE C 75 1.55 -25.31 -46.20
N SER C 76 2.63 -25.90 -46.74
CA SER C 76 2.74 -26.08 -48.18
C SER C 76 1.66 -27.00 -48.75
N ASN C 77 0.97 -27.76 -47.90
CA ASN C 77 -0.18 -28.53 -48.35
C ASN C 77 -1.42 -27.67 -48.59
N GLU C 78 -1.46 -26.47 -48.03
CA GLU C 78 -2.60 -25.57 -48.17
C GLU C 78 -2.41 -24.55 -49.28
N LEU C 79 -1.35 -23.74 -49.21
CA LEU C 79 -1.12 -22.67 -50.17
C LEU C 79 -0.15 -23.04 -51.27
N LYS C 80 0.50 -24.20 -51.19
CA LYS C 80 1.42 -24.69 -52.22
C LYS C 80 2.55 -23.70 -52.46
N ILE C 81 3.29 -23.41 -51.39
CA ILE C 81 4.44 -22.51 -51.44
C ILE C 81 5.64 -23.16 -50.78
N PRO C 82 6.82 -23.14 -51.41
CA PRO C 82 7.99 -23.79 -50.82
C PRO C 82 8.52 -23.05 -49.60
N VAL C 83 8.10 -23.48 -48.42
CA VAL C 83 8.55 -22.89 -47.16
C VAL C 83 9.71 -23.72 -46.62
N ARG C 84 10.70 -23.05 -46.06
CA ARG C 84 11.88 -23.72 -45.53
C ARG C 84 12.37 -23.00 -44.29
N TYR C 85 12.80 -23.77 -43.29
CA TYR C 85 13.38 -23.23 -42.07
C TYR C 85 14.89 -23.38 -42.11
N LEU C 86 15.60 -22.32 -41.75
CA LEU C 86 17.05 -22.33 -41.66
C LEU C 86 17.46 -21.83 -40.28
N LYS C 87 18.27 -22.61 -39.58
CA LYS C 87 18.72 -22.26 -38.25
C LYS C 87 20.07 -21.54 -38.36
N GLU C 88 20.06 -20.24 -38.12
CA GLU C 88 21.32 -19.49 -38.09
C GLU C 88 22.11 -19.90 -36.85
N ASP C 89 23.17 -20.68 -37.07
CA ASP C 89 23.99 -21.13 -35.94
C ASP C 89 24.62 -19.95 -35.21
N LYS C 90 25.02 -18.92 -35.96
CA LYS C 90 25.56 -17.70 -35.36
C LYS C 90 24.54 -16.58 -35.50
N PRO C 91 23.72 -16.32 -34.48
CA PRO C 91 22.70 -15.27 -34.61
C PRO C 91 23.34 -13.89 -34.59
N HIS C 92 23.01 -13.08 -35.59
CA HIS C 92 23.54 -11.74 -35.69
C HIS C 92 22.41 -10.71 -35.73
N GLY C 93 21.46 -10.82 -34.81
CA GLY C 93 20.33 -9.92 -34.78
C GLY C 93 19.49 -9.99 -36.04
N SER C 94 19.59 -8.98 -36.90
CA SER C 94 18.81 -8.91 -38.12
C SER C 94 19.68 -8.83 -39.36
N ALA C 95 20.56 -7.82 -39.46
CA ALA C 95 21.33 -7.61 -40.68
C ALA C 95 22.28 -8.77 -40.94
N GLY C 96 23.07 -9.16 -39.94
CA GLY C 96 23.95 -10.30 -40.11
C GLY C 96 23.21 -11.62 -40.25
N ALA C 97 21.96 -11.68 -39.79
CA ALA C 97 21.18 -12.91 -39.89
C ALA C 97 20.94 -13.30 -41.35
N LEU C 98 20.58 -12.33 -42.18
CA LEU C 98 20.26 -12.62 -43.57
C LEU C 98 21.46 -12.55 -44.50
N TYR C 99 22.52 -11.81 -44.13
CA TYR C 99 23.75 -11.88 -44.92
C TYR C 99 24.36 -13.27 -44.84
N TYR C 100 24.28 -13.88 -43.65
CA TYR C 100 24.52 -15.32 -43.52
C TYR C 100 23.65 -16.07 -44.51
N PHE C 101 24.22 -17.08 -45.15
CA PHE C 101 23.61 -17.86 -46.22
C PHE C 101 22.79 -16.98 -47.16
N ARG C 102 23.44 -15.93 -47.67
CA ARG C 102 22.85 -15.14 -48.75
C ARG C 102 22.76 -15.92 -50.05
N ASP C 103 23.55 -17.00 -50.17
CA ASP C 103 23.50 -17.82 -51.38
C ASP C 103 22.17 -18.57 -51.48
N ARG C 104 21.69 -19.12 -50.36
CA ARG C 104 20.44 -19.87 -50.40
C ARG C 104 19.25 -18.98 -50.74
N ILE C 105 19.27 -17.72 -50.33
CA ILE C 105 18.16 -16.82 -50.61
C ILE C 105 18.16 -16.37 -52.07
N MET C 106 19.32 -15.93 -52.56
CA MET C 106 19.49 -15.53 -53.95
C MET C 106 19.80 -16.69 -54.87
N GLU C 107 19.31 -17.90 -54.54
CA GLU C 107 19.62 -19.07 -55.33
C GLU C 107 18.84 -19.10 -56.64
N GLU C 108 17.61 -18.55 -56.67
CA GLU C 108 16.80 -18.48 -57.87
C GLU C 108 16.81 -17.10 -58.51
N LYS C 109 17.80 -16.27 -58.18
CA LYS C 109 17.89 -14.90 -58.67
C LYS C 109 16.60 -14.10 -58.52
N PRO C 110 16.09 -13.90 -57.30
CA PRO C 110 14.88 -13.10 -57.13
C PRO C 110 15.16 -11.62 -57.27
N SER C 111 14.23 -10.91 -57.92
CA SER C 111 14.37 -9.46 -58.10
C SER C 111 14.22 -8.72 -56.77
N HIS C 112 13.16 -9.02 -56.03
CA HIS C 112 12.90 -8.40 -54.74
C HIS C 112 12.76 -9.48 -53.67
N VAL C 113 13.18 -9.16 -52.46
CA VAL C 113 13.13 -10.08 -51.32
C VAL C 113 12.30 -9.45 -50.22
N PHE C 114 11.31 -10.19 -49.73
CA PHE C 114 10.46 -9.73 -48.64
C PHE C 114 11.12 -10.04 -47.30
N LEU C 115 11.08 -9.06 -46.40
CA LEU C 115 11.62 -9.24 -45.04
C LEU C 115 10.62 -8.64 -44.06
N LEU C 116 9.97 -9.50 -43.27
CA LEU C 116 9.05 -9.08 -42.24
C LEU C 116 9.35 -9.84 -40.96
N ASN C 117 8.94 -9.25 -39.83
CA ASN C 117 9.23 -9.83 -38.52
C ASN C 117 8.09 -10.72 -38.04
N CYS C 118 8.39 -11.54 -37.04
CA CYS C 118 7.39 -12.46 -36.50
C CYS C 118 6.33 -11.72 -35.71
N ASP C 119 6.74 -10.89 -34.75
CA ASP C 119 5.80 -10.23 -33.85
C ASP C 119 5.34 -8.91 -34.47
N VAL C 120 4.54 -9.04 -35.52
CA VAL C 120 3.96 -7.91 -36.24
C VAL C 120 2.53 -8.30 -36.62
N CYS C 121 1.59 -7.37 -36.43
CA CYS C 121 0.17 -7.61 -36.68
C CYS C 121 -0.39 -6.45 -37.52
N CYS C 122 -0.14 -6.49 -38.82
CA CYS C 122 -0.66 -5.51 -39.76
C CYS C 122 -1.55 -6.21 -40.77
N SER C 123 -2.02 -5.44 -41.76
CA SER C 123 -2.88 -6.01 -42.80
C SER C 123 -2.09 -6.76 -43.87
N PHE C 124 -0.77 -6.55 -43.93
CA PHE C 124 0.13 -7.20 -44.87
C PHE C 124 -0.32 -6.96 -46.31
N PRO C 125 -0.16 -5.74 -46.85
CA PRO C 125 -0.48 -5.50 -48.27
C PRO C 125 0.74 -5.76 -49.15
N LEU C 126 1.17 -7.02 -49.17
CA LEU C 126 2.43 -7.38 -49.82
C LEU C 126 2.41 -7.06 -51.31
N GLN C 127 1.25 -7.24 -51.97
CA GLN C 127 1.17 -6.96 -53.39
C GLN C 127 1.12 -5.46 -53.70
N GLY C 128 0.69 -4.64 -52.75
CA GLY C 128 0.66 -3.20 -52.94
C GLY C 128 2.00 -2.56 -52.71
N ILE C 129 2.73 -3.05 -51.71
CA ILE C 129 4.05 -2.51 -51.42
C ILE C 129 5.07 -3.00 -52.44
N LEU C 130 4.89 -4.21 -52.99
CA LEU C 130 5.77 -4.69 -54.04
C LEU C 130 5.71 -3.79 -55.26
N ASP C 131 4.49 -3.46 -55.70
CA ASP C 131 4.34 -2.59 -56.88
C ASP C 131 4.74 -1.16 -56.55
N ALA C 132 4.52 -0.71 -55.31
CA ALA C 132 5.00 0.61 -54.92
C ALA C 132 6.51 0.67 -54.91
N HIS C 133 7.18 -0.45 -54.58
CA HIS C 133 8.64 -0.46 -54.59
C HIS C 133 9.17 -0.49 -56.01
N ARG C 134 8.47 -1.21 -56.91
CA ARG C 134 8.87 -1.23 -58.31
C ARG C 134 8.82 0.16 -58.91
N ARG C 135 7.85 0.98 -58.50
CA ARG C 135 7.79 2.35 -58.98
C ARG C 135 8.82 3.23 -58.29
N TYR C 136 8.94 3.12 -56.96
CA TYR C 136 9.93 3.91 -56.24
C TYR C 136 11.34 3.56 -56.66
N GLY C 137 11.63 2.26 -56.82
CA GLY C 137 12.98 1.85 -57.10
C GLY C 137 13.85 1.91 -55.84
N GLY C 138 15.14 2.13 -56.05
CA GLY C 138 16.05 2.16 -54.94
C GLY C 138 16.19 0.79 -54.31
N ILE C 139 16.76 0.79 -53.11
CA ILE C 139 17.00 -0.46 -52.40
C ILE C 139 15.70 -0.98 -51.80
N GLY C 140 15.17 -0.27 -50.80
CA GLY C 140 14.01 -0.71 -50.03
C GLY C 140 12.79 0.18 -50.12
N THR C 141 11.76 -0.10 -49.31
CA THR C 141 10.55 0.71 -49.33
C THR C 141 9.88 0.81 -47.96
N VAL C 144 5.11 2.42 -43.20
CA VAL C 144 4.81 3.37 -42.15
C VAL C 144 3.31 3.38 -41.89
N ILE C 145 2.93 4.02 -40.77
CA ILE C 145 1.53 4.16 -40.40
C ILE C 145 1.38 5.42 -39.54
N LYS C 146 0.39 6.23 -39.86
CA LYS C 146 0.19 7.49 -39.15
C LYS C 146 -0.30 7.24 -37.73
N VAL C 147 0.48 7.69 -36.75
CA VAL C 147 0.13 7.56 -35.34
C VAL C 147 0.16 8.95 -34.72
N SER C 148 -0.42 9.05 -33.53
CA SER C 148 -0.42 10.33 -32.82
C SER C 148 0.98 10.69 -32.35
N ALA C 149 1.23 12.00 -32.27
CA ALA C 149 2.54 12.46 -31.82
C ALA C 149 2.76 12.12 -30.34
N GLU C 150 1.69 12.02 -29.57
CA GLU C 150 1.83 11.59 -28.18
C GLU C 150 2.34 10.16 -28.09
N ALA C 151 1.99 9.33 -29.08
CA ALA C 151 2.50 7.95 -29.15
C ALA C 151 3.87 7.97 -29.82
N ALA C 152 4.86 8.44 -29.06
CA ALA C 152 6.23 8.56 -29.55
C ALA C 152 7.26 7.87 -28.67
N SER C 153 6.93 7.54 -27.42
CA SER C 153 7.89 6.83 -26.57
C SER C 153 8.09 5.40 -27.05
N GLN C 154 7.09 4.80 -27.70
CA GLN C 154 7.22 3.43 -28.18
C GLN C 154 8.35 3.28 -29.19
N PHE C 155 8.46 4.23 -30.13
CA PHE C 155 9.52 4.16 -31.13
C PHE C 155 10.50 5.32 -31.01
N GLY C 156 10.15 6.46 -31.56
CA GLY C 156 11.08 7.57 -31.67
C GLY C 156 10.72 8.44 -32.86
N GLU C 157 11.75 8.84 -33.60
CA GLU C 157 11.60 9.78 -34.71
C GLU C 157 11.81 9.08 -36.05
N LEU C 158 11.05 9.52 -37.05
CA LEU C 158 11.19 9.03 -38.42
C LEU C 158 10.72 10.13 -39.35
N ILE C 159 11.58 10.55 -40.26
CA ILE C 159 11.31 11.66 -41.17
C ILE C 159 11.23 11.13 -42.59
N ALA C 160 10.16 11.50 -43.29
CA ALA C 160 9.97 11.07 -44.68
C ALA C 160 9.27 12.18 -45.45
N ASP C 161 9.85 12.57 -46.58
CA ASP C 161 9.29 13.61 -47.44
C ASP C 161 8.13 13.03 -48.24
N PRO C 162 6.90 13.49 -47.99
CA PRO C 162 5.73 12.84 -48.59
C PRO C 162 5.64 12.99 -50.11
N ASP C 163 6.48 13.82 -50.72
CA ASP C 163 6.41 14.00 -52.17
C ASP C 163 6.99 12.79 -52.90
N THR C 164 8.21 12.39 -52.56
CA THR C 164 8.82 11.20 -53.12
C THR C 164 8.70 10.00 -52.20
N LYS C 165 8.08 10.17 -51.03
CA LYS C 165 7.94 9.12 -50.03
C LYS C 165 9.30 8.53 -49.65
N GLU C 166 10.28 9.41 -49.49
CA GLU C 166 11.66 9.02 -49.21
C GLU C 166 12.01 9.37 -47.76
N LEU C 167 12.68 8.44 -47.09
CA LEU C 167 13.05 8.61 -45.68
C LEU C 167 14.17 9.64 -45.56
N LEU C 168 13.84 10.82 -45.01
CA LEU C 168 14.82 11.90 -44.89
C LEU C 168 15.70 11.77 -43.65
N HIS C 169 15.23 11.09 -42.60
CA HIS C 169 15.99 10.98 -41.36
C HIS C 169 15.39 9.86 -40.53
N TYR C 170 16.23 9.20 -39.74
CA TYR C 170 15.80 8.06 -38.94
C TYR C 170 16.69 7.91 -37.72
N THR C 171 16.09 8.00 -36.54
CA THR C 171 16.76 7.68 -35.28
C THR C 171 15.91 6.64 -34.56
N GLU C 172 16.54 5.55 -34.13
CA GLU C 172 15.78 4.44 -33.56
C GLU C 172 15.10 4.85 -32.25
N LYS C 173 15.88 5.22 -31.24
CA LYS C 173 15.30 5.49 -29.93
C LYS C 173 15.40 6.97 -29.56
N PRO C 174 16.57 7.64 -29.70
CA PRO C 174 16.61 9.08 -29.43
C PRO C 174 15.77 9.86 -30.43
N GLU C 175 14.54 10.21 -30.06
CA GLU C 175 13.63 10.83 -31.02
C GLU C 175 14.07 12.25 -31.36
N THR C 176 14.15 13.13 -30.36
CA THR C 176 14.44 14.55 -30.54
C THR C 176 13.61 15.12 -31.69
N PHE C 177 12.31 15.27 -31.39
CA PHE C 177 11.28 15.73 -32.33
C PHE C 177 10.97 14.65 -33.36
N VAL C 178 9.68 14.37 -33.56
CA VAL C 178 9.24 13.28 -34.43
C VAL C 178 8.46 13.83 -35.61
N SER C 179 7.84 12.93 -36.37
CA SER C 179 7.02 13.34 -37.52
C SER C 179 5.74 12.53 -37.64
N ASP C 180 5.32 11.84 -36.57
CA ASP C 180 4.11 11.04 -36.46
C ASP C 180 4.20 9.72 -37.22
N LEU C 181 5.30 9.45 -37.93
CA LEU C 181 5.47 8.21 -38.66
C LEU C 181 6.44 7.29 -37.92
N ILE C 182 6.19 5.98 -38.05
CA ILE C 182 6.94 4.96 -37.33
C ILE C 182 7.14 3.77 -38.25
N ASN C 183 8.17 2.97 -37.94
CA ASN C 183 8.38 1.74 -38.67
C ASN C 183 7.25 0.75 -38.40
N CYS C 184 7.07 -0.19 -39.33
CA CYS C 184 6.13 -1.28 -39.17
C CYS C 184 6.77 -2.66 -39.13
N GLY C 185 8.02 -2.79 -39.55
CA GLY C 185 8.72 -4.06 -39.55
C GLY C 185 8.59 -4.87 -40.83
N VAL C 188 10.52 -4.46 -47.88
CA VAL C 188 10.80 -5.11 -49.17
C VAL C 188 11.93 -4.36 -49.85
N PHE C 189 12.99 -5.07 -50.20
CA PHE C 189 14.15 -4.49 -50.84
C PHE C 189 14.31 -5.02 -52.26
N THR C 190 15.39 -4.64 -52.91
CA THR C 190 15.79 -5.23 -54.18
C THR C 190 16.95 -6.19 -53.93
N SER C 191 17.43 -6.82 -55.00
CA SER C 191 18.52 -7.79 -54.88
C SER C 191 19.83 -7.14 -54.44
N ASP C 192 19.92 -5.81 -54.46
CA ASP C 192 21.16 -5.10 -54.13
C ASP C 192 21.40 -4.97 -52.63
N ILE C 193 20.48 -5.48 -51.80
CA ILE C 193 20.61 -5.26 -50.36
C ILE C 193 21.78 -6.06 -49.78
N PHE C 194 22.10 -7.23 -50.34
CA PHE C 194 23.20 -8.02 -49.82
C PHE C 194 24.54 -7.31 -50.02
N ASN C 195 24.65 -6.47 -51.05
CA ASN C 195 25.88 -5.72 -51.26
C ASN C 195 26.01 -4.59 -50.24
N ALA C 196 24.89 -4.06 -49.76
CA ALA C 196 24.95 -3.00 -48.75
C ALA C 196 25.44 -3.53 -47.41
N ILE C 197 25.20 -4.81 -47.12
CA ILE C 197 25.70 -5.38 -45.87
C ILE C 197 27.19 -5.67 -45.96
N GLU C 198 27.68 -6.03 -47.15
CA GLU C 198 29.11 -6.26 -47.32
C GLU C 198 29.91 -4.98 -47.12
N GLU C 199 29.32 -3.82 -47.44
CA GLU C 199 29.99 -2.55 -47.24
C GLU C 199 29.96 -2.09 -45.78
N VAL C 200 29.27 -2.81 -44.90
CA VAL C 200 29.33 -2.53 -43.47
C VAL C 200 29.89 -3.70 -42.66
N TYR C 201 29.82 -4.94 -43.17
CA TYR C 201 30.38 -6.09 -42.49
C TYR C 201 31.82 -6.38 -42.90
N SER C 202 32.15 -6.17 -44.18
CA SER C 202 33.50 -6.36 -44.68
C SER C 202 34.28 -5.06 -44.74
N GLN C 203 33.64 -3.96 -45.13
CA GLN C 203 34.34 -2.69 -45.28
C GLN C 203 34.45 -1.97 -43.94
N ILE C 204 33.34 -1.87 -43.20
CA ILE C 204 33.30 -1.15 -41.94
C ILE C 204 33.44 -2.14 -40.79
N ARG C 205 32.99 -3.37 -41.01
CA ARG C 205 33.07 -4.44 -40.02
C ARG C 205 32.39 -4.05 -38.71
N PHE C 222 26.31 -9.04 -35.30
CA PHE C 222 26.16 -7.95 -34.35
C PHE C 222 25.76 -6.65 -35.02
N VAL C 223 25.55 -6.70 -36.33
CA VAL C 223 25.15 -5.53 -37.10
C VAL C 223 23.63 -5.41 -37.04
N ARG C 224 23.15 -4.27 -36.56
CA ARG C 224 21.71 -4.02 -36.45
C ARG C 224 21.22 -3.35 -37.72
N LEU C 225 20.14 -3.88 -38.28
CA LEU C 225 19.62 -3.35 -39.54
C LEU C 225 19.17 -1.90 -39.39
N ASP C 226 18.46 -1.60 -38.31
CA ASP C 226 17.87 -0.27 -38.10
C ASP C 226 18.74 0.65 -37.28
N GLN C 227 20.06 0.66 -37.53
CA GLN C 227 20.97 1.53 -36.80
C GLN C 227 22.12 2.00 -37.70
N ASP C 228 22.68 1.09 -38.48
CA ASP C 228 23.81 1.40 -39.35
C ASP C 228 23.53 1.11 -40.82
N ILE C 229 22.28 0.85 -41.18
CA ILE C 229 21.91 0.61 -42.57
C ILE C 229 20.74 1.53 -42.93
N LEU C 230 19.74 1.60 -42.04
CA LEU C 230 18.59 2.46 -42.29
C LEU C 230 18.92 3.92 -42.03
N SER C 231 19.58 4.21 -40.91
CA SER C 231 19.95 5.59 -40.60
C SER C 231 20.91 6.20 -41.61
N PRO C 232 21.99 5.53 -42.03
CA PRO C 232 22.86 6.14 -43.04
C PRO C 232 22.18 6.39 -44.37
N LEU C 233 21.26 5.52 -44.79
CA LEU C 233 20.53 5.71 -46.04
C LEU C 233 19.37 6.67 -45.80
N ALA C 234 19.72 7.94 -45.61
CA ALA C 234 18.76 9.00 -45.35
C ALA C 234 18.66 9.92 -46.56
N GLY C 235 19.68 10.74 -46.82
CA GLY C 235 19.63 11.64 -47.96
C GLY C 235 19.62 10.91 -49.29
N LYS C 236 20.32 9.79 -49.38
CA LYS C 236 20.39 9.02 -50.61
C LYS C 236 19.00 8.44 -50.94
N LYS C 237 18.51 8.75 -52.14
CA LYS C 237 17.18 8.36 -52.58
C LYS C 237 17.15 6.88 -52.92
N GLN C 238 17.11 6.05 -51.87
CA GLN C 238 16.99 4.61 -52.05
C GLN C 238 15.95 4.02 -51.11
N LEU C 239 15.80 4.62 -49.94
CA LEU C 239 14.84 4.17 -48.94
C LEU C 239 13.54 4.92 -49.12
N TYR C 240 12.43 4.20 -49.29
CA TYR C 240 11.14 4.82 -49.55
C TYR C 240 10.13 4.43 -48.46
N THR C 241 8.87 4.80 -48.67
CA THR C 241 7.81 4.59 -47.69
C THR C 241 6.50 4.32 -48.41
N ASN C 244 0.26 2.20 -44.52
CA ASN C 244 -0.49 0.98 -44.21
C ASN C 244 -1.96 1.16 -44.56
N LYS C 245 -2.62 2.16 -43.97
CA LYS C 245 -4.05 2.44 -44.15
C LYS C 245 -4.93 1.34 -43.57
N ASP C 246 -4.45 0.67 -42.53
CA ASP C 246 -5.24 -0.34 -41.84
C ASP C 246 -4.88 -0.39 -40.36
N PHE C 247 -4.43 -1.55 -39.89
CA PHE C 247 -4.12 -1.77 -38.48
C PHE C 247 -2.67 -2.19 -38.32
N TRP C 248 -2.15 -1.99 -37.11
CA TRP C 248 -0.82 -2.46 -36.75
C TRP C 248 -0.70 -2.48 -35.23
N GLU C 249 -0.13 -3.55 -34.69
CA GLU C 249 0.06 -3.69 -33.25
C GLU C 249 1.26 -4.60 -33.02
N GLN C 250 2.30 -4.06 -32.37
CA GLN C 250 3.46 -4.84 -32.02
C GLN C 250 3.12 -5.84 -30.90
N ILE C 251 3.49 -7.10 -31.10
CA ILE C 251 3.08 -8.16 -30.17
C ILE C 251 4.29 -8.91 -29.60
N LYS C 252 5.07 -8.22 -28.77
CA LYS C 252 6.11 -8.90 -27.99
C LYS C 252 5.61 -9.37 -26.64
N THR C 253 4.45 -8.88 -26.20
CA THR C 253 3.74 -9.19 -24.97
C THR C 253 2.73 -10.31 -25.21
N PRO C 254 2.64 -11.28 -24.28
CA PRO C 254 1.59 -12.29 -24.39
C PRO C 254 0.18 -11.71 -24.20
N GLY C 255 0.05 -10.56 -23.55
CA GLY C 255 -1.27 -9.96 -23.39
C GLY C 255 -1.80 -9.37 -24.69
N LYS C 256 -0.91 -8.82 -25.51
CA LYS C 256 -1.31 -8.27 -26.80
C LYS C 256 -1.89 -9.31 -27.75
N SER C 257 -1.74 -10.60 -27.42
CA SER C 257 -2.25 -11.67 -28.28
C SER C 257 -3.77 -11.66 -28.44
N LEU C 258 -4.49 -10.87 -27.64
CA LEU C 258 -5.93 -10.72 -27.76
C LEU C 258 -6.32 -9.49 -28.58
N LYS C 259 -5.75 -8.33 -28.25
CA LYS C 259 -6.06 -7.11 -28.97
C LYS C 259 -5.79 -7.27 -30.46
N CYS C 260 -4.70 -7.96 -30.81
CA CYS C 260 -4.40 -8.22 -32.22
C CYS C 260 -5.28 -9.32 -32.80
N SER C 261 -5.68 -10.29 -31.98
CA SER C 261 -6.53 -11.37 -32.47
C SER C 261 -7.88 -10.86 -32.95
N ALA C 262 -8.40 -9.80 -32.31
CA ALA C 262 -9.68 -9.24 -32.75
C ALA C 262 -9.55 -8.59 -34.12
N LEU C 263 -8.40 -7.96 -34.40
CA LEU C 263 -8.20 -7.33 -35.70
C LEU C 263 -8.13 -8.37 -36.81
N TYR C 264 -7.46 -9.50 -36.55
CA TYR C 264 -7.44 -10.58 -37.52
C TYR C 264 -8.84 -11.15 -37.72
N LEU C 265 -9.60 -11.31 -36.63
CA LEU C 265 -10.98 -11.73 -36.77
C LEU C 265 -11.81 -10.68 -37.50
N SER C 266 -11.57 -9.41 -37.21
CA SER C 266 -12.18 -8.33 -37.98
C SER C 266 -11.73 -8.41 -39.44
N GLN C 267 -10.48 -8.80 -39.68
CA GLN C 267 -10.03 -9.03 -41.05
C GLN C 267 -10.71 -10.24 -41.67
N PHE C 268 -11.03 -11.26 -40.86
CA PHE C 268 -11.79 -12.40 -41.30
C PHE C 268 -13.29 -12.17 -41.23
N ARG C 269 -13.71 -11.02 -40.70
CA ARG C 269 -15.10 -10.59 -40.74
C ARG C 269 -15.37 -9.62 -41.86
N GLU C 270 -14.37 -8.88 -42.32
CA GLU C 270 -14.49 -8.16 -43.58
C GLU C 270 -14.40 -9.13 -44.75
N THR C 271 -13.31 -9.88 -44.84
CA THR C 271 -13.10 -10.87 -45.89
C THR C 271 -13.46 -12.28 -45.40
N SER C 272 -14.20 -13.01 -46.23
CA SER C 272 -14.61 -14.40 -46.01
C SER C 272 -15.09 -14.68 -44.59
N PRO C 273 -16.32 -14.30 -44.24
CA PRO C 273 -16.81 -14.54 -42.88
C PRO C 273 -17.27 -15.96 -42.64
N HIS C 274 -17.55 -16.72 -43.70
CA HIS C 274 -18.04 -18.08 -43.51
C HIS C 274 -17.00 -18.94 -42.83
N ILE C 275 -15.72 -18.55 -42.90
CA ILE C 275 -14.69 -19.20 -42.11
C ILE C 275 -14.87 -18.87 -40.64
N LEU C 276 -15.55 -17.77 -40.32
CA LEU C 276 -15.86 -17.41 -38.95
C LEU C 276 -17.22 -17.95 -38.57
N ALA C 277 -17.32 -18.48 -37.36
CA ALA C 277 -18.60 -18.99 -36.88
C ALA C 277 -19.60 -17.84 -36.72
N SER C 278 -20.78 -18.01 -37.33
CA SER C 278 -21.87 -17.04 -37.24
C SER C 278 -23.16 -17.83 -37.04
N GLY C 279 -23.29 -18.42 -35.86
CA GLY C 279 -24.47 -19.21 -35.52
C GLY C 279 -25.70 -18.36 -35.31
N ASP C 280 -25.65 -17.47 -34.32
CA ASP C 280 -26.73 -16.52 -34.06
C ASP C 280 -28.07 -17.23 -33.91
N GLY C 281 -28.10 -18.21 -33.02
CA GLY C 281 -29.31 -18.99 -32.84
C GLY C 281 -29.03 -20.21 -31.98
N THR C 282 -29.96 -21.18 -32.05
CA THR C 282 -29.85 -22.43 -31.30
C THR C 282 -30.51 -23.54 -32.15
N ASN C 283 -29.85 -23.88 -33.25
CA ASN C 283 -30.22 -25.05 -34.03
C ASN C 283 -29.13 -26.11 -33.87
N ARG C 284 -28.87 -26.50 -32.62
CA ARG C 284 -27.71 -27.25 -32.16
C ARG C 284 -26.43 -26.41 -32.22
N LYS C 285 -26.49 -25.18 -32.73
CA LYS C 285 -25.38 -24.24 -32.78
C LYS C 285 -25.53 -23.23 -31.66
N PRO C 286 -24.49 -22.96 -30.88
CA PRO C 286 -24.62 -22.06 -29.73
C PRO C 286 -24.87 -20.63 -30.19
N THR C 287 -25.12 -19.78 -29.20
CA THR C 287 -25.38 -18.36 -29.42
C THR C 287 -24.05 -17.67 -29.69
N ILE C 288 -23.78 -17.41 -30.96
CA ILE C 288 -22.53 -16.76 -31.37
C ILE C 288 -22.78 -15.27 -31.52
N ILE C 289 -21.91 -14.47 -30.89
CA ILE C 289 -22.10 -13.02 -30.83
C ILE C 289 -21.01 -12.30 -31.63
N GLY C 290 -20.78 -12.72 -32.86
CA GLY C 290 -19.89 -12.02 -33.77
C GLY C 290 -18.41 -12.16 -33.48
N ASP C 291 -17.59 -12.15 -34.54
CA ASP C 291 -16.14 -12.24 -34.44
C ASP C 291 -15.70 -13.47 -33.65
N VAL C 292 -16.12 -14.64 -34.15
CA VAL C 292 -15.82 -15.92 -33.51
C VAL C 292 -15.28 -16.87 -34.56
N TYR C 293 -14.13 -17.48 -34.27
CA TYR C 293 -13.59 -18.57 -35.07
C TYR C 293 -13.70 -19.86 -34.27
N ILE C 294 -14.48 -20.81 -34.78
CA ILE C 294 -14.70 -22.10 -34.14
C ILE C 294 -14.09 -23.18 -35.02
N HIS C 295 -13.19 -23.97 -34.45
CA HIS C 295 -12.62 -25.09 -35.19
C HIS C 295 -13.68 -26.19 -35.33
N PRO C 296 -13.68 -26.91 -36.46
CA PRO C 296 -14.65 -27.99 -36.64
C PRO C 296 -14.50 -29.16 -35.67
N SER C 297 -13.33 -29.32 -35.04
CA SER C 297 -13.08 -30.44 -34.14
C SER C 297 -13.54 -30.18 -32.71
N VAL C 298 -14.23 -29.06 -32.47
CA VAL C 298 -14.67 -28.72 -31.13
C VAL C 298 -15.98 -29.43 -30.81
N LYS C 299 -16.28 -29.51 -29.51
CA LYS C 299 -17.55 -30.03 -29.04
C LYS C 299 -18.27 -28.89 -28.31
N LEU C 300 -19.49 -28.60 -28.73
CA LEU C 300 -20.22 -27.44 -28.25
C LEU C 300 -21.58 -27.85 -27.69
N HIS C 301 -22.17 -26.96 -26.90
CA HIS C 301 -23.51 -27.12 -26.38
C HIS C 301 -24.31 -25.86 -26.72
N PRO C 302 -25.55 -26.02 -27.20
CA PRO C 302 -26.32 -24.84 -27.64
C PRO C 302 -26.65 -23.85 -26.53
N THR C 303 -26.48 -24.22 -25.26
CA THR C 303 -26.81 -23.33 -24.16
C THR C 303 -25.68 -22.36 -23.83
N ALA C 304 -24.52 -22.51 -24.46
CA ALA C 304 -23.39 -21.64 -24.19
C ALA C 304 -23.48 -20.39 -25.05
N LYS C 305 -23.08 -19.26 -24.47
CA LYS C 305 -23.05 -17.98 -25.18
C LYS C 305 -21.59 -17.64 -25.47
N ILE C 306 -21.21 -17.73 -26.74
CA ILE C 306 -19.85 -17.46 -27.19
C ILE C 306 -19.83 -16.01 -27.65
N GLY C 307 -19.37 -15.12 -26.78
CA GLY C 307 -19.42 -13.68 -27.04
C GLY C 307 -18.42 -13.20 -28.07
N PRO C 308 -18.06 -11.92 -27.99
CA PRO C 308 -17.20 -11.34 -29.01
C PRO C 308 -15.73 -11.64 -28.76
N ASN C 309 -14.98 -11.68 -29.88
CA ASN C 309 -13.52 -11.79 -29.87
C ASN C 309 -13.05 -13.04 -29.12
N VAL C 310 -13.46 -14.20 -29.63
CA VAL C 310 -13.06 -15.48 -29.06
C VAL C 310 -12.64 -16.43 -30.19
N SER C 311 -11.49 -17.08 -30.02
CA SER C 311 -10.90 -17.95 -31.04
C SER C 311 -10.68 -19.33 -30.42
N ILE C 312 -11.54 -20.29 -30.75
CA ILE C 312 -11.49 -21.64 -30.20
C ILE C 312 -10.71 -22.55 -31.14
N SER C 313 -9.83 -23.38 -30.56
CA SER C 313 -8.96 -24.28 -31.30
C SER C 313 -9.58 -25.66 -31.40
N ALA C 314 -8.82 -26.61 -31.94
CA ALA C 314 -9.32 -27.94 -32.24
C ALA C 314 -9.36 -28.84 -31.00
N ASN C 315 -10.25 -29.83 -31.06
CA ASN C 315 -10.33 -30.91 -30.07
C ASN C 315 -10.52 -30.36 -28.65
N VAL C 316 -11.48 -29.46 -28.50
CA VAL C 316 -11.83 -28.88 -27.21
C VAL C 316 -13.29 -29.17 -26.91
N ARG C 317 -13.58 -29.46 -25.64
CA ARG C 317 -14.91 -29.81 -25.17
C ARG C 317 -15.48 -28.61 -24.41
N VAL C 318 -16.48 -27.95 -25.01
CA VAL C 318 -17.11 -26.77 -24.43
C VAL C 318 -18.38 -27.17 -23.68
N GLY C 319 -18.46 -26.75 -22.41
CA GLY C 319 -19.59 -27.08 -21.58
C GLY C 319 -20.81 -26.22 -21.85
N PRO C 320 -21.85 -26.44 -21.04
CA PRO C 320 -23.12 -25.75 -21.21
C PRO C 320 -23.19 -24.44 -20.46
N GLY C 321 -23.93 -23.49 -21.04
CA GLY C 321 -24.18 -22.24 -20.35
C GLY C 321 -22.92 -21.50 -19.95
N VAL C 322 -21.87 -21.65 -20.74
CA VAL C 322 -20.59 -21.01 -20.45
C VAL C 322 -20.50 -19.75 -21.28
N ARG C 323 -19.73 -18.78 -20.76
CA ARG C 323 -19.61 -17.47 -21.36
C ARG C 323 -18.17 -17.27 -21.78
N LEU C 324 -17.95 -16.96 -23.06
CA LEU C 324 -16.61 -16.81 -23.61
C LEU C 324 -16.56 -15.50 -24.39
N ILE C 325 -15.88 -14.51 -23.83
CA ILE C 325 -15.69 -13.23 -24.50
C ILE C 325 -14.22 -12.82 -24.33
N SER C 326 -13.66 -12.20 -25.38
CA SER C 326 -12.36 -11.56 -25.32
C SER C 326 -11.27 -12.52 -24.83
N CYS C 327 -11.30 -13.75 -25.35
CA CYS C 327 -10.37 -14.77 -24.90
C CYS C 327 -10.04 -15.70 -26.05
N ILE C 328 -8.95 -16.45 -25.91
CA ILE C 328 -8.55 -17.47 -26.88
C ILE C 328 -8.25 -18.76 -26.14
N ILE C 329 -8.75 -19.87 -26.67
CA ILE C 329 -8.66 -21.18 -26.03
C ILE C 329 -7.85 -22.11 -26.92
N LEU C 330 -6.87 -22.78 -26.33
CA LEU C 330 -5.98 -23.67 -27.06
C LEU C 330 -6.59 -25.08 -27.14
N ASP C 331 -5.80 -26.03 -27.62
CA ASP C 331 -6.30 -27.37 -27.90
C ASP C 331 -6.47 -28.18 -26.62
N ASP C 332 -7.39 -29.14 -26.66
CA ASP C 332 -7.56 -30.17 -25.64
C ASP C 332 -7.98 -29.61 -24.28
N VAL C 333 -8.66 -28.47 -24.29
CA VAL C 333 -9.15 -27.85 -23.05
C VAL C 333 -10.49 -28.45 -22.69
N GLU C 334 -10.75 -28.60 -21.39
CA GLU C 334 -12.01 -29.14 -20.90
C GLU C 334 -12.70 -28.05 -20.07
N ILE C 335 -13.84 -27.58 -20.57
CA ILE C 335 -14.63 -26.55 -19.91
C ILE C 335 -15.84 -27.23 -19.28
N LYS C 336 -15.97 -27.10 -17.96
CA LYS C 336 -17.01 -27.80 -17.22
C LYS C 336 -18.26 -26.93 -17.06
N GLU C 337 -19.17 -27.39 -16.21
CA GLU C 337 -20.49 -26.77 -16.08
C GLU C 337 -20.41 -25.31 -15.65
N ASN C 338 -21.04 -24.44 -16.43
CA ASN C 338 -21.27 -23.04 -16.08
C ASN C 338 -19.96 -22.33 -15.70
N ALA C 339 -19.03 -22.32 -16.65
CA ALA C 339 -17.76 -21.64 -16.48
C ALA C 339 -17.80 -20.29 -17.18
N VAL C 340 -16.95 -19.38 -16.72
CA VAL C 340 -16.89 -18.01 -17.23
C VAL C 340 -15.43 -17.68 -17.51
N VAL C 341 -15.16 -17.16 -18.71
CA VAL C 341 -13.81 -16.83 -19.15
C VAL C 341 -13.84 -15.44 -19.77
N ILE C 342 -13.13 -14.49 -19.14
CA ILE C 342 -13.07 -13.10 -19.59
C ILE C 342 -11.60 -12.69 -19.66
N ASN C 343 -11.19 -12.16 -20.81
CA ASN C 343 -9.83 -11.61 -20.99
C ASN C 343 -8.77 -12.60 -20.51
N SER C 344 -8.81 -13.79 -21.07
CA SER C 344 -7.97 -14.89 -20.61
C SER C 344 -7.34 -15.60 -21.81
N ILE C 345 -6.32 -16.41 -21.51
CA ILE C 345 -5.67 -17.28 -22.49
C ILE C 345 -5.47 -18.62 -21.82
N ILE C 346 -6.29 -19.60 -22.19
CA ILE C 346 -6.27 -20.93 -21.59
C ILE C 346 -5.27 -21.78 -22.35
N GLY C 347 -4.35 -22.41 -21.63
CA GLY C 347 -3.29 -23.19 -22.25
C GLY C 347 -3.78 -24.52 -22.80
N TRP C 348 -2.81 -25.37 -23.10
CA TRP C 348 -3.09 -26.67 -23.69
C TRP C 348 -3.49 -27.68 -22.62
N LYS C 349 -4.42 -28.55 -22.95
CA LYS C 349 -4.87 -29.64 -22.09
C LYS C 349 -5.35 -29.14 -20.72
N SER C 350 -5.72 -27.86 -20.64
CA SER C 350 -6.17 -27.28 -19.39
C SER C 350 -7.58 -27.77 -19.05
N SER C 351 -7.89 -27.77 -17.76
CA SER C 351 -9.19 -28.23 -17.28
C SER C 351 -9.80 -27.14 -16.42
N ILE C 352 -10.95 -26.63 -16.85
CA ILE C 352 -11.65 -25.57 -16.14
C ILE C 352 -12.84 -26.21 -15.44
N GLY C 353 -12.81 -26.20 -14.10
CA GLY C 353 -13.84 -26.86 -13.32
C GLY C 353 -15.19 -26.17 -13.45
N ARG C 354 -16.20 -26.84 -12.89
CA ARG C 354 -17.56 -26.33 -13.00
C ARG C 354 -17.78 -25.17 -12.05
N TRP C 355 -18.53 -24.17 -12.52
CA TRP C 355 -18.80 -22.94 -11.78
C TRP C 355 -17.51 -22.21 -11.41
N SER C 356 -16.45 -22.43 -12.17
CA SER C 356 -15.20 -21.71 -11.98
C SER C 356 -15.14 -20.56 -12.97
N ARG C 357 -14.43 -19.49 -12.58
CA ARG C 357 -14.38 -18.26 -13.34
C ARG C 357 -12.94 -17.85 -13.54
N VAL C 358 -12.60 -17.45 -14.77
CA VAL C 358 -11.26 -17.00 -15.12
C VAL C 358 -11.44 -15.67 -15.85
N GLN C 359 -11.22 -14.56 -15.15
CA GLN C 359 -11.41 -13.25 -15.72
C GLN C 359 -10.19 -12.37 -15.49
N ALA C 360 -10.20 -11.21 -16.14
CA ALA C 360 -9.14 -10.22 -16.00
C ALA C 360 -9.73 -8.87 -16.43
N SER C 361 -8.95 -7.82 -16.20
CA SER C 361 -9.43 -6.48 -16.50
C SER C 361 -9.50 -6.24 -18.01
N GLY C 362 -8.51 -6.73 -18.74
CA GLY C 362 -8.40 -6.47 -20.17
C GLY C 362 -7.44 -5.37 -20.52
N ASP C 363 -6.71 -4.83 -19.54
CA ASP C 363 -5.75 -3.75 -19.78
C ASP C 363 -4.52 -4.31 -20.47
N TYR C 364 -4.36 -4.00 -21.75
CA TYR C 364 -3.19 -4.45 -22.51
C TYR C 364 -1.92 -3.70 -22.14
N ASN C 365 -1.98 -2.73 -21.22
CA ASN C 365 -0.80 -2.07 -20.70
C ASN C 365 -0.34 -2.62 -19.36
N ASP C 366 -1.26 -3.16 -18.56
CA ASP C 366 -0.90 -3.77 -17.29
C ASP C 366 -0.44 -5.21 -17.50
N ARG C 367 0.53 -5.63 -16.70
CA ARG C 367 1.05 -6.99 -16.83
C ARG C 367 -0.01 -8.02 -16.50
N LEU C 368 -0.78 -7.80 -15.44
CA LEU C 368 -1.86 -8.71 -15.04
C LEU C 368 -3.20 -8.32 -15.64
N GLY C 369 -3.22 -7.54 -16.72
CA GLY C 369 -4.47 -7.18 -17.36
C GLY C 369 -5.11 -8.32 -18.13
N ILE C 370 -4.34 -9.33 -18.51
CA ILE C 370 -4.81 -10.50 -19.24
C ILE C 370 -4.32 -11.74 -18.50
N THR C 371 -5.22 -12.45 -17.84
CA THR C 371 -4.85 -13.66 -17.11
C THR C 371 -4.47 -14.78 -18.08
N ILE C 372 -3.34 -15.42 -17.82
CA ILE C 372 -2.78 -16.44 -18.70
C ILE C 372 -2.60 -17.73 -17.92
N LEU C 373 -3.11 -18.83 -18.46
CA LEU C 373 -3.04 -20.14 -17.84
C LEU C 373 -2.07 -21.03 -18.61
N GLY C 374 -1.23 -21.75 -17.88
CA GLY C 374 -0.22 -22.59 -18.49
C GLY C 374 -0.81 -23.84 -19.12
N GLU C 375 0.08 -24.76 -19.47
CA GLU C 375 -0.29 -26.02 -20.08
C GLU C 375 -0.75 -27.02 -19.01
N ALA C 376 -1.90 -27.65 -19.26
CA ALA C 376 -2.45 -28.67 -18.37
C ALA C 376 -2.65 -28.13 -16.95
N VAL C 377 -3.23 -26.94 -16.87
CA VAL C 377 -3.60 -26.35 -15.59
C VAL C 377 -5.05 -26.71 -15.28
N THR C 378 -5.29 -27.22 -14.07
CA THR C 378 -6.60 -27.70 -13.68
C THR C 378 -7.18 -26.74 -12.66
N VAL C 379 -8.09 -25.89 -13.11
CA VAL C 379 -8.85 -25.02 -12.22
C VAL C 379 -10.04 -25.84 -11.70
N GLU C 380 -10.07 -26.06 -10.39
CA GLU C 380 -11.11 -26.91 -9.82
C GLU C 380 -12.44 -26.18 -9.82
N ASP C 381 -13.48 -26.90 -9.40
CA ASP C 381 -14.83 -26.35 -9.38
C ASP C 381 -14.91 -25.15 -8.44
N GLU C 382 -15.64 -24.12 -8.87
CA GLU C 382 -15.88 -22.88 -8.14
C GLU C 382 -14.63 -22.03 -7.94
N VAL C 383 -13.45 -22.50 -8.36
CA VAL C 383 -12.23 -21.74 -8.15
C VAL C 383 -12.20 -20.53 -9.09
N ALA C 384 -11.80 -19.38 -8.57
CA ALA C 384 -11.78 -18.14 -9.32
C ALA C 384 -10.35 -17.67 -9.52
N VAL C 385 -10.06 -17.18 -10.73
CA VAL C 385 -8.75 -16.67 -11.10
C VAL C 385 -8.95 -15.31 -11.74
N ILE C 386 -8.57 -14.25 -11.02
CA ILE C 386 -8.78 -12.88 -11.46
C ILE C 386 -7.42 -12.27 -11.73
N GLY C 387 -7.12 -12.00 -13.00
CA GLY C 387 -5.91 -11.32 -13.40
C GLY C 387 -4.62 -11.88 -12.83
N SER C 388 -4.33 -13.15 -13.14
CA SER C 388 -3.13 -13.80 -12.63
C SER C 388 -2.54 -14.70 -13.71
N ILE C 389 -1.32 -15.16 -13.47
CA ILE C 389 -0.58 -15.98 -14.42
C ILE C 389 -0.24 -17.30 -13.74
N VAL C 390 -0.74 -18.39 -14.30
CA VAL C 390 -0.51 -19.73 -13.76
C VAL C 390 0.42 -20.48 -14.71
N LEU C 391 1.40 -21.18 -14.13
CA LEU C 391 2.35 -21.96 -14.90
C LEU C 391 1.74 -23.29 -15.33
N GLN C 392 2.48 -24.04 -16.14
CA GLN C 392 2.01 -25.30 -16.67
C GLN C 392 2.03 -26.38 -15.60
N ASN C 393 1.15 -27.38 -15.78
CA ASN C 393 1.06 -28.55 -14.89
C ASN C 393 0.84 -28.12 -13.44
N LYS C 394 -0.26 -27.42 -13.22
CA LYS C 394 -0.56 -26.83 -11.93
C LYS C 394 -2.03 -27.08 -11.59
N THR C 395 -2.27 -27.40 -10.31
CA THR C 395 -3.61 -27.66 -9.80
C THR C 395 -4.03 -26.54 -8.86
N LEU C 396 -5.27 -26.08 -9.00
CA LEU C 396 -5.78 -24.95 -8.22
C LEU C 396 -7.05 -25.39 -7.50
N ASN C 397 -6.96 -25.53 -6.19
CA ASN C 397 -8.13 -25.77 -5.35
C ASN C 397 -8.67 -24.52 -4.69
N VAL C 398 -7.88 -23.44 -4.63
CA VAL C 398 -8.26 -22.20 -3.97
C VAL C 398 -8.22 -21.06 -4.97
N SER C 399 -9.08 -20.08 -4.75
CA SER C 399 -9.15 -18.91 -5.63
C SER C 399 -7.93 -18.01 -5.43
N VAL C 400 -7.40 -17.50 -6.54
CA VAL C 400 -6.24 -16.61 -6.53
C VAL C 400 -6.66 -15.26 -7.14
N GLN C 401 -5.87 -14.23 -6.81
CA GLN C 401 -6.19 -12.88 -7.26
C GLN C 401 -4.93 -12.01 -7.24
N ASP C 402 -4.62 -11.39 -8.38
CA ASP C 402 -3.53 -10.43 -8.52
C ASP C 402 -2.20 -11.01 -8.02
N ASP C 403 -1.82 -12.13 -8.61
CA ASP C 403 -0.60 -12.81 -8.22
C ASP C 403 0.00 -13.52 -9.43
N ILE C 404 1.16 -14.12 -9.24
CA ILE C 404 1.84 -14.90 -10.26
C ILE C 404 2.15 -16.26 -9.63
N ILE C 405 1.39 -17.28 -10.00
CA ILE C 405 1.48 -18.59 -9.37
C ILE C 405 2.46 -19.46 -10.14
N LEU C 406 3.50 -19.92 -9.47
CA LEU C 406 4.49 -20.81 -10.07
C LEU C 406 4.07 -22.27 -9.89
N MET D 1 17.47 -58.09 1.77
CA MET D 1 16.56 -57.14 2.39
C MET D 1 16.08 -56.09 1.37
N LYS D 2 14.82 -55.70 1.49
CA LYS D 2 14.17 -54.78 0.56
C LYS D 2 13.91 -53.44 1.23
N ALA D 3 13.42 -52.49 0.43
CA ALA D 3 13.12 -51.14 0.90
C ALA D 3 12.26 -50.44 -0.15
N LEU D 4 11.47 -49.47 0.33
CA LEU D 4 10.59 -48.68 -0.52
C LEU D 4 10.63 -47.22 -0.06
N ILE D 5 10.68 -46.30 -1.02
CA ILE D 5 10.76 -44.88 -0.73
C ILE D 5 9.57 -44.18 -1.38
N LEU D 6 8.80 -43.45 -0.59
CA LEU D 6 7.67 -42.66 -1.07
C LEU D 6 8.18 -41.32 -1.58
N VAL D 7 8.04 -41.08 -2.88
CA VAL D 7 8.44 -39.81 -3.48
C VAL D 7 7.23 -38.91 -3.62
N GLY D 8 6.20 -39.39 -4.30
CA GLY D 8 5.01 -38.60 -4.55
C GLY D 8 4.97 -38.10 -5.99
N GLY D 9 4.78 -36.80 -6.16
CA GLY D 9 4.71 -36.19 -7.46
C GLY D 9 6.06 -35.64 -7.92
N PHE D 10 6.00 -34.59 -8.73
CA PHE D 10 7.18 -33.99 -9.32
C PHE D 10 7.84 -32.96 -8.41
N GLY D 11 7.15 -32.51 -7.37
CA GLY D 11 7.65 -31.44 -6.52
C GLY D 11 7.12 -30.08 -6.94
N THR D 12 5.80 -29.97 -7.03
CA THR D 12 5.19 -28.72 -7.50
C THR D 12 5.48 -27.56 -6.56
N ARG D 13 5.53 -27.83 -5.25
CA ARG D 13 5.75 -26.79 -4.26
C ARG D 13 7.23 -26.45 -4.08
N LEU D 14 8.12 -26.99 -4.92
CA LEU D 14 9.54 -26.69 -4.86
C LEU D 14 10.05 -25.97 -6.10
N ARG D 15 9.14 -25.46 -6.94
CA ARG D 15 9.54 -24.72 -8.13
C ARG D 15 10.27 -23.43 -7.72
N PRO D 16 11.12 -22.88 -8.61
CA PRO D 16 11.43 -23.31 -9.97
C PRO D 16 12.52 -24.39 -10.05
N LEU D 17 12.92 -24.93 -8.90
CA LEU D 17 13.95 -25.95 -8.90
C LEU D 17 13.44 -27.27 -9.47
N THR D 18 12.15 -27.54 -9.33
CA THR D 18 11.54 -28.77 -9.85
C THR D 18 10.84 -28.56 -11.18
N LEU D 19 11.06 -27.42 -11.83
CA LEU D 19 10.50 -27.20 -13.16
C LEU D 19 11.17 -28.08 -14.21
N SER D 20 12.44 -28.45 -13.98
CA SER D 20 13.19 -29.29 -14.91
C SER D 20 13.47 -30.66 -14.33
N PHE D 21 14.22 -30.74 -13.24
CA PHE D 21 14.51 -32.01 -12.57
C PHE D 21 13.42 -32.33 -11.57
N PRO D 22 13.04 -33.60 -11.42
CA PRO D 22 11.98 -33.94 -10.48
C PRO D 22 12.43 -33.72 -9.05
N LYS D 23 11.47 -33.84 -8.13
CA LYS D 23 11.71 -33.55 -6.71
C LYS D 23 12.90 -34.29 -6.11
N PRO D 24 13.06 -35.61 -6.27
CA PRO D 24 14.16 -36.30 -5.60
C PRO D 24 15.54 -36.09 -6.21
N LEU D 25 15.64 -35.44 -7.38
CA LEU D 25 16.91 -35.25 -8.06
C LEU D 25 17.55 -33.90 -7.78
N VAL D 26 16.98 -33.11 -6.88
CA VAL D 26 17.55 -31.81 -6.54
C VAL D 26 18.73 -32.02 -5.60
N ASP D 27 19.88 -31.46 -5.97
CA ASP D 27 21.07 -31.57 -5.12
C ASP D 27 20.86 -30.81 -3.82
N PHE D 28 20.88 -31.55 -2.71
CA PHE D 28 20.83 -30.96 -1.37
C PHE D 28 22.16 -31.23 -0.70
N ALA D 29 22.89 -30.16 -0.37
CA ALA D 29 24.24 -30.26 0.17
C ALA D 29 25.09 -31.15 -0.74
N ASN D 30 25.24 -30.69 -1.99
CA ASN D 30 26.05 -31.31 -3.03
C ASN D 30 25.35 -32.53 -3.64
N LYS D 31 24.81 -33.38 -2.79
CA LYS D 31 24.23 -34.65 -3.26
C LYS D 31 22.74 -34.51 -3.50
N PRO D 32 22.21 -35.21 -4.49
CA PRO D 32 20.74 -35.21 -4.67
C PRO D 32 20.06 -35.74 -3.42
N MET D 33 18.82 -35.31 -3.23
CA MET D 33 18.10 -35.68 -2.01
C MET D 33 17.86 -37.17 -1.92
N ILE D 34 17.83 -37.87 -3.05
CA ILE D 34 17.56 -39.30 -3.02
C ILE D 34 18.76 -40.06 -2.48
N LEU D 35 19.97 -39.52 -2.64
CA LEU D 35 21.17 -40.22 -2.19
C LEU D 35 21.41 -40.12 -0.69
N HIS D 36 20.66 -39.27 0.02
CA HIS D 36 20.90 -39.10 1.45
C HIS D 36 20.42 -40.29 2.26
N GLN D 37 19.39 -41.00 1.78
CA GLN D 37 18.89 -42.17 2.47
C GLN D 37 19.12 -43.47 1.71
N ILE D 38 19.54 -43.40 0.44
CA ILE D 38 19.90 -44.61 -0.28
C ILE D 38 21.22 -45.16 0.26
N GLU D 39 22.20 -44.28 0.48
CA GLU D 39 23.46 -44.72 1.09
C GLU D 39 23.22 -45.17 2.52
N ALA D 40 22.24 -44.58 3.21
CA ALA D 40 21.89 -45.05 4.55
C ALA D 40 21.27 -46.44 4.50
N LEU D 41 20.56 -46.76 3.41
CA LEU D 41 20.06 -48.12 3.25
C LEU D 41 21.16 -49.11 2.92
N LYS D 42 22.31 -48.64 2.42
CA LYS D 42 23.46 -49.50 2.24
C LYS D 42 24.19 -49.78 3.55
N ALA D 43 24.01 -48.93 4.56
CA ALA D 43 24.60 -49.19 5.86
C ALA D 43 23.97 -50.41 6.53
N VAL D 44 22.72 -50.73 6.18
CA VAL D 44 22.06 -51.93 6.68
C VAL D 44 22.03 -53.03 5.64
N GLY D 45 22.76 -52.86 4.53
CA GLY D 45 22.88 -53.89 3.52
C GLY D 45 21.61 -54.17 2.76
N VAL D 46 20.95 -53.12 2.27
CA VAL D 46 19.76 -53.27 1.45
C VAL D 46 20.18 -53.27 -0.02
N ASP D 47 19.78 -54.31 -0.74
CA ASP D 47 20.18 -54.48 -2.14
C ASP D 47 19.22 -53.81 -3.10
N GLU D 48 17.91 -53.94 -2.89
CA GLU D 48 16.92 -53.42 -3.82
C GLU D 48 16.10 -52.33 -3.15
N VAL D 49 15.80 -51.26 -3.91
CA VAL D 49 15.02 -50.12 -3.44
C VAL D 49 14.02 -49.74 -4.52
N VAL D 50 12.76 -49.57 -4.13
CA VAL D 50 11.68 -49.19 -5.05
C VAL D 50 11.22 -47.78 -4.71
N LEU D 51 10.84 -47.04 -5.74
CA LEU D 51 10.37 -45.66 -5.61
C LEU D 51 8.91 -45.57 -5.98
N ALA D 52 8.08 -45.10 -5.04
CA ALA D 52 6.64 -44.95 -5.26
C ALA D 52 6.35 -43.54 -5.80
N ILE D 53 6.71 -43.34 -7.07
CA ILE D 53 6.51 -42.06 -7.74
C ILE D 53 5.10 -42.03 -8.32
N ASN D 54 4.66 -40.85 -8.76
CA ASN D 54 3.38 -40.72 -9.44
C ASN D 54 3.50 -40.23 -10.87
N TYR D 55 4.62 -39.61 -11.24
CA TYR D 55 4.86 -39.16 -12.59
C TYR D 55 5.58 -40.25 -13.38
N GLN D 56 5.89 -39.96 -14.62
CA GLN D 56 6.57 -40.94 -15.48
C GLN D 56 8.06 -40.97 -15.17
N PRO D 57 8.64 -42.15 -14.92
CA PRO D 57 10.07 -42.22 -14.59
C PRO D 57 11.00 -42.06 -15.79
N GLU D 58 10.46 -41.81 -16.98
CA GLU D 58 11.27 -41.75 -18.18
C GLU D 58 12.31 -40.63 -18.14
N VAL D 59 12.11 -39.63 -17.28
CA VAL D 59 13.02 -38.49 -17.23
C VAL D 59 14.21 -38.71 -16.29
N MET D 60 14.12 -39.66 -15.35
CA MET D 60 15.17 -39.88 -14.37
C MET D 60 15.80 -41.25 -14.49
N LEU D 61 15.51 -42.00 -15.55
CA LEU D 61 16.06 -43.34 -15.71
C LEU D 61 17.59 -43.30 -15.81
N ASN D 62 18.14 -42.27 -16.47
CA ASN D 62 19.59 -42.18 -16.60
C ASN D 62 20.25 -41.89 -15.25
N PHE D 63 19.59 -41.13 -14.38
CA PHE D 63 20.18 -40.81 -13.09
C PHE D 63 20.15 -42.01 -12.15
N LEU D 64 19.02 -42.71 -12.09
CA LEU D 64 18.91 -43.88 -11.23
C LEU D 64 19.75 -45.03 -11.73
N LYS D 65 20.03 -45.05 -13.04
CA LYS D 65 20.87 -46.10 -13.61
C LYS D 65 22.34 -45.87 -13.24
N ASP D 66 22.73 -44.62 -12.99
CA ASP D 66 24.09 -44.30 -12.61
C ASP D 66 24.36 -44.52 -11.13
N PHE D 67 23.31 -44.65 -10.31
CA PHE D 67 23.48 -44.88 -8.88
C PHE D 67 23.45 -46.35 -8.52
N GLU D 68 23.00 -47.22 -9.43
CA GLU D 68 22.94 -48.64 -9.15
C GLU D 68 24.33 -49.28 -9.13
N THR D 69 25.23 -48.80 -9.97
CA THR D 69 26.58 -49.35 -10.02
C THR D 69 27.52 -48.67 -9.02
N LYS D 70 27.37 -47.36 -8.85
CA LYS D 70 28.20 -46.63 -7.90
C LYS D 70 27.94 -47.08 -6.47
N LEU D 71 26.67 -47.34 -6.14
CA LEU D 71 26.28 -47.70 -4.78
C LEU D 71 26.03 -49.20 -4.61
N GLU D 72 26.04 -49.98 -5.69
CA GLU D 72 25.75 -51.41 -5.65
C GLU D 72 24.39 -51.67 -4.99
N ILE D 73 23.35 -51.13 -5.64
CA ILE D 73 21.99 -51.23 -5.14
C ILE D 73 21.04 -51.37 -6.33
N LYS D 74 20.04 -52.23 -6.20
CA LYS D 74 19.04 -52.41 -7.24
C LYS D 74 17.95 -51.34 -7.07
N ILE D 75 17.71 -50.56 -8.12
CA ILE D 75 16.76 -49.45 -8.07
C ILE D 75 15.73 -49.66 -9.18
N THR D 76 14.47 -49.85 -8.77
CA THR D 76 13.37 -49.99 -9.71
C THR D 76 12.25 -49.03 -9.32
N CYS D 77 11.48 -48.61 -10.32
CA CYS D 77 10.42 -47.61 -10.13
C CYS D 77 9.05 -48.26 -10.21
N SER D 78 8.08 -47.59 -9.57
CA SER D 78 6.68 -47.98 -9.65
C SER D 78 5.85 -46.72 -9.86
N GLN D 79 5.07 -46.70 -10.94
CA GLN D 79 4.25 -45.55 -11.29
C GLN D 79 2.78 -45.93 -11.16
N GLU D 80 2.04 -45.17 -10.36
CA GLU D 80 0.62 -45.39 -10.18
C GLU D 80 -0.17 -44.40 -11.02
N THR D 81 -1.34 -44.86 -11.50
CA THR D 81 -2.20 -43.98 -12.27
C THR D 81 -2.66 -42.80 -11.42
N GLU D 82 -2.91 -43.09 -10.15
CA GLU D 82 -3.24 -42.01 -9.17
C GLU D 82 -2.55 -42.38 -7.86
N PRO D 83 -2.04 -41.44 -7.03
CA PRO D 83 -1.35 -41.81 -5.82
C PRO D 83 -2.46 -42.10 -4.80
N LEU D 84 -2.67 -43.39 -4.50
CA LEU D 84 -3.80 -43.79 -3.60
C LEU D 84 -3.57 -43.40 -2.14
N GLY D 85 -3.84 -42.15 -1.77
CA GLY D 85 -3.71 -41.78 -0.37
C GLY D 85 -2.27 -41.85 0.08
N THR D 86 -2.05 -42.45 1.26
CA THR D 86 -0.72 -42.64 1.80
C THR D 86 -0.27 -44.09 1.83
N ALA D 87 -1.20 -45.03 1.98
CA ALA D 87 -0.85 -46.45 2.03
C ALA D 87 -1.11 -47.18 0.71
N GLY D 88 -1.78 -46.54 -0.24
CA GLY D 88 -2.07 -47.15 -1.53
C GLY D 88 -0.85 -47.58 -2.33
N PRO D 89 0.12 -46.66 -2.54
CA PRO D 89 1.32 -47.02 -3.29
C PRO D 89 2.04 -48.25 -2.73
N LEU D 90 1.83 -48.54 -1.44
CA LEU D 90 2.43 -49.73 -0.85
C LEU D 90 1.74 -51.01 -1.32
N ALA D 91 0.45 -50.93 -1.64
CA ALA D 91 -0.27 -52.11 -2.11
C ALA D 91 0.20 -52.54 -3.49
N LEU D 92 0.66 -51.59 -4.31
CA LEU D 92 1.11 -51.92 -5.66
C LEU D 92 2.52 -52.51 -5.64
N ALA D 93 3.39 -52.02 -4.77
CA ALA D 93 4.78 -52.45 -4.71
C ALA D 93 5.01 -53.63 -3.78
N ARG D 94 3.94 -54.31 -3.36
CA ARG D 94 4.10 -55.47 -2.49
C ARG D 94 4.80 -56.63 -3.19
N ASP D 95 4.73 -56.69 -4.53
CA ASP D 95 5.36 -57.78 -5.27
C ASP D 95 6.88 -57.64 -5.30
N LYS D 96 7.40 -56.41 -5.30
CA LYS D 96 8.84 -56.18 -5.30
C LYS D 96 9.42 -56.17 -3.89
N LEU D 97 8.59 -56.29 -2.86
CA LEU D 97 9.06 -56.28 -1.49
C LEU D 97 9.12 -57.66 -0.87
N LEU D 98 8.37 -58.62 -1.38
CA LEU D 98 8.35 -59.98 -0.83
C LEU D 98 9.39 -60.83 -1.56
N ASP D 99 10.50 -61.10 -0.89
CA ASP D 99 11.53 -61.99 -1.41
C ASP D 99 11.31 -63.44 -0.98
N GLY D 100 10.43 -63.68 -0.01
CA GLY D 100 10.14 -65.00 0.49
C GLY D 100 10.61 -65.24 1.91
N SER D 101 11.66 -64.53 2.34
CA SER D 101 12.21 -64.71 3.67
C SER D 101 11.34 -64.10 4.76
N GLY D 102 10.39 -63.23 4.41
CA GLY D 102 9.54 -62.62 5.40
C GLY D 102 10.26 -61.71 6.37
N GLU D 103 11.15 -60.84 5.83
CA GLU D 103 11.90 -59.87 6.60
C GLU D 103 11.25 -58.49 6.52
N PRO D 104 11.32 -57.72 7.60
CA PRO D 104 10.72 -56.37 7.58
C PRO D 104 11.45 -55.44 6.61
N PHE D 105 10.67 -54.62 5.93
CA PHE D 105 11.19 -53.64 4.98
C PHE D 105 10.95 -52.23 5.52
N PHE D 106 11.73 -51.28 5.00
CA PHE D 106 11.66 -49.89 5.40
C PHE D 106 10.81 -49.08 4.43
N VAL D 107 10.11 -48.08 4.97
CA VAL D 107 9.31 -47.15 4.20
C VAL D 107 9.73 -45.73 4.58
N LEU D 108 10.29 -45.00 3.61
CA LEU D 108 10.82 -43.67 3.85
C LEU D 108 10.09 -42.64 3.01
N ASN D 109 10.02 -41.42 3.52
CA ASN D 109 9.43 -40.29 2.82
C ASN D 109 10.54 -39.39 2.28
N SER D 110 10.37 -38.93 1.04
CA SER D 110 11.39 -38.11 0.41
C SER D 110 11.43 -36.70 0.98
N ASP D 111 10.40 -36.28 1.71
CA ASP D 111 10.31 -34.92 2.23
C ASP D 111 10.87 -34.78 3.64
N VAL D 112 11.66 -35.74 4.10
CA VAL D 112 12.18 -35.76 5.46
C VAL D 112 13.67 -36.00 5.44
N ILE D 113 14.39 -35.33 6.34
CA ILE D 113 15.81 -35.56 6.57
C ILE D 113 16.01 -35.82 8.05
N SER D 114 17.03 -36.59 8.37
CA SER D 114 17.33 -36.96 9.75
C SER D 114 18.72 -37.57 9.79
N GLU D 115 19.10 -38.11 10.95
CA GLU D 115 20.39 -38.77 11.10
C GLU D 115 20.35 -40.22 10.65
N TYR D 116 19.15 -40.80 10.54
CA TYR D 116 18.91 -42.16 10.07
C TYR D 116 19.74 -43.19 10.83
N PRO D 117 19.39 -43.51 12.09
CA PRO D 117 20.04 -44.63 12.80
C PRO D 117 19.35 -45.96 12.54
N LEU D 118 19.44 -46.42 11.29
CA LEU D 118 18.70 -47.60 10.87
C LEU D 118 19.27 -48.89 11.48
N LYS D 119 20.58 -48.93 11.75
CA LYS D 119 21.19 -50.15 12.24
C LYS D 119 20.64 -50.52 13.62
N GLU D 120 20.66 -49.58 14.56
CA GLU D 120 20.20 -49.83 15.91
C GLU D 120 18.68 -49.84 16.06
N MET D 121 17.95 -49.83 14.94
CA MET D 121 16.51 -50.01 14.98
C MET D 121 16.12 -51.47 14.79
N LEU D 122 16.89 -52.21 14.00
CA LEU D 122 16.66 -53.65 13.86
C LEU D 122 16.86 -54.37 15.19
N GLU D 123 17.90 -53.97 15.93
CA GLU D 123 18.08 -54.51 17.29
C GLU D 123 16.92 -54.08 18.19
N PHE D 124 16.41 -52.86 17.99
CA PHE D 124 15.20 -52.45 18.67
C PHE D 124 13.98 -53.22 18.18
N HIS D 125 14.08 -53.88 17.03
CA HIS D 125 13.03 -54.74 16.51
C HIS D 125 13.25 -56.21 16.88
N LYS D 126 14.50 -56.68 16.84
CA LYS D 126 14.83 -58.06 17.14
C LYS D 126 15.04 -58.29 18.64
N SER D 127 14.53 -57.41 19.49
CA SER D 127 14.64 -57.55 20.93
C SER D 127 13.32 -57.94 21.57
N HIS D 128 12.26 -57.18 21.30
CA HIS D 128 10.94 -57.49 21.83
C HIS D 128 10.07 -58.30 20.86
N GLY D 129 10.47 -58.40 19.59
CA GLY D 129 9.71 -59.18 18.64
C GLY D 129 8.43 -58.54 18.15
N GLY D 130 8.39 -57.20 18.05
CA GLY D 130 7.22 -56.53 17.55
C GLY D 130 6.95 -56.84 16.09
N GLU D 131 5.83 -56.32 15.60
CA GLU D 131 5.44 -56.51 14.21
C GLU D 131 5.72 -55.29 13.34
N ALA D 132 5.43 -54.09 13.83
CA ALA D 132 5.59 -52.87 13.05
C ALA D 132 6.33 -51.83 13.88
N SER D 133 7.14 -51.01 13.21
CA SER D 133 7.94 -50.00 13.87
C SER D 133 7.87 -48.70 13.10
N ILE D 134 7.67 -47.60 13.83
CA ILE D 134 7.75 -46.26 13.26
C ILE D 134 8.75 -45.46 14.10
N MET D 135 9.14 -44.32 13.57
CA MET D 135 10.03 -43.40 14.27
C MET D 135 9.26 -42.15 14.65
N VAL D 136 9.61 -41.59 15.81
CA VAL D 136 8.87 -40.49 16.41
C VAL D 136 9.85 -39.42 16.84
N THR D 137 9.50 -38.16 16.60
CA THR D 137 10.34 -37.03 16.98
C THR D 137 9.50 -36.03 17.78
N LYS D 138 10.15 -35.41 18.76
CA LYS D 138 9.50 -34.41 19.59
C LYS D 138 9.41 -33.09 18.84
N VAL D 139 8.28 -32.40 18.99
CA VAL D 139 8.08 -31.10 18.38
C VAL D 139 7.59 -30.12 19.44
N ASP D 140 7.95 -28.85 19.26
CA ASP D 140 7.48 -27.82 20.17
C ASP D 140 6.01 -27.49 19.92
N GLU D 141 5.54 -27.68 18.70
CA GLU D 141 4.15 -27.42 18.32
C GLU D 141 3.46 -28.73 17.99
N PRO D 142 2.83 -29.39 18.97
CA PRO D 142 2.11 -30.64 18.68
C PRO D 142 0.72 -30.42 18.11
N SER D 143 0.16 -29.22 18.19
CA SER D 143 -1.20 -29.00 17.69
C SER D 143 -1.23 -28.98 16.17
N LYS D 144 -0.22 -28.40 15.54
CA LYS D 144 -0.17 -28.32 14.08
C LYS D 144 0.10 -29.66 13.43
N TYR D 145 0.43 -30.69 14.20
CA TYR D 145 0.74 -32.02 13.68
C TYR D 145 -0.21 -33.04 14.28
N GLY D 146 -0.06 -34.28 13.85
CA GLY D 146 -0.81 -35.38 14.42
C GLY D 146 -0.04 -36.04 15.55
N VAL D 147 -0.57 -35.93 16.77
CA VAL D 147 0.16 -36.38 17.95
C VAL D 147 -0.03 -37.88 18.12
N VAL D 148 1.05 -38.57 18.49
CA VAL D 148 1.03 -39.99 18.78
C VAL D 148 1.11 -40.15 20.29
N VAL D 149 0.08 -40.76 20.88
CA VAL D 149 -0.01 -40.91 22.34
C VAL D 149 0.54 -42.28 22.68
N MET D 150 1.82 -42.31 23.05
CA MET D 150 2.50 -43.52 23.47
C MET D 150 2.80 -43.47 24.96
N GLU D 151 3.10 -44.64 25.54
CA GLU D 151 3.53 -44.71 26.93
C GLU D 151 5.05 -44.60 27.00
N GLU D 152 5.53 -43.93 28.05
CA GLU D 152 6.95 -43.68 28.24
C GLU D 152 7.65 -44.83 28.96
N SER D 153 7.25 -46.07 28.71
CA SER D 153 7.86 -47.23 29.35
C SER D 153 8.32 -48.29 28.36
N THR D 154 7.55 -48.55 27.31
CA THR D 154 7.89 -49.56 26.32
C THR D 154 7.90 -49.01 24.90
N GLY D 155 6.93 -48.17 24.54
CA GLY D 155 6.92 -47.56 23.22
C GLY D 155 5.73 -47.94 22.38
N ARG D 156 4.62 -48.30 23.02
CA ARG D 156 3.42 -48.71 22.32
C ARG D 156 2.48 -47.52 22.15
N VAL D 157 1.90 -47.40 20.96
CA VAL D 157 1.00 -46.31 20.64
C VAL D 157 -0.43 -46.79 20.83
N GLU D 158 -1.35 -45.84 20.96
CA GLU D 158 -2.74 -46.18 21.30
C GLU D 158 -3.76 -45.53 20.38
N LYS D 159 -3.64 -44.22 20.18
CA LYS D 159 -4.66 -43.47 19.44
C LYS D 159 -3.98 -42.36 18.64
N PHE D 160 -4.75 -41.76 17.73
CA PHE D 160 -4.29 -40.65 16.90
C PHE D 160 -5.10 -39.40 17.26
N VAL D 161 -4.41 -38.37 17.75
CA VAL D 161 -5.05 -37.14 18.19
C VAL D 161 -4.49 -36.01 17.32
N GLU D 162 -5.25 -35.60 16.32
CA GLU D 162 -4.87 -34.49 15.46
C GLU D 162 -5.44 -33.19 16.01
N LYS D 163 -4.62 -32.14 15.98
CA LYS D 163 -4.96 -30.82 16.52
C LYS D 163 -5.56 -30.93 17.91
N PRO D 164 -4.77 -31.28 18.93
CA PRO D 164 -5.30 -31.33 20.30
C PRO D 164 -5.35 -29.95 20.91
N LYS D 165 -6.55 -29.51 21.29
CA LYS D 165 -6.68 -28.22 21.97
C LYS D 165 -6.06 -28.26 23.35
N LEU D 166 -6.22 -29.38 24.07
CA LEU D 166 -5.52 -29.61 25.32
C LEU D 166 -4.32 -30.53 25.09
N TYR D 167 -3.46 -30.61 26.09
CA TYR D 167 -2.21 -31.34 25.96
C TYR D 167 -2.47 -32.82 26.20
N VAL D 168 -2.30 -33.62 25.15
CA VAL D 168 -2.27 -35.07 25.26
C VAL D 168 -0.92 -35.66 24.89
N GLY D 169 -0.01 -34.84 24.37
CA GLY D 169 1.32 -35.31 24.03
C GLY D 169 2.02 -34.30 23.14
N ASN D 170 3.29 -34.59 22.88
CA ASN D 170 4.11 -33.75 22.03
C ASN D 170 4.87 -34.56 20.96
N LYS D 171 4.68 -35.87 20.92
CA LYS D 171 5.44 -36.75 20.05
C LYS D 171 4.63 -37.02 18.78
N ILE D 172 5.26 -36.76 17.62
CA ILE D 172 4.62 -36.93 16.33
C ILE D 172 5.43 -37.90 15.48
N ASN D 173 4.82 -38.34 14.39
CA ASN D 173 5.51 -39.25 13.46
C ASN D 173 6.59 -38.50 12.69
N ALA D 174 7.62 -39.24 12.31
CA ALA D 174 8.76 -38.68 11.60
C ALA D 174 8.82 -39.09 10.14
N GLY D 175 7.83 -39.85 9.65
CA GLY D 175 7.78 -40.24 8.26
C GLY D 175 8.64 -41.43 7.88
N ILE D 176 9.29 -42.08 8.84
CA ILE D 176 10.11 -43.25 8.59
C ILE D 176 9.50 -44.44 9.34
N TYR D 177 9.34 -45.56 8.65
CA TYR D 177 8.62 -46.72 9.15
C TYR D 177 9.50 -47.96 9.07
N LEU D 178 9.03 -49.03 9.73
CA LEU D 178 9.68 -50.35 9.67
C LEU D 178 8.56 -51.38 9.81
N LEU D 179 8.21 -52.02 8.69
CA LEU D 179 7.03 -52.87 8.62
C LEU D 179 7.40 -54.30 8.27
N ASN D 180 6.79 -55.26 8.96
CA ASN D 180 6.92 -56.66 8.61
C ASN D 180 6.11 -56.97 7.34
N PRO D 181 6.45 -58.04 6.63
CA PRO D 181 5.64 -58.44 5.47
C PRO D 181 4.21 -58.80 5.83
N SER D 182 3.90 -59.03 7.11
CA SER D 182 2.57 -59.39 7.55
C SER D 182 1.61 -58.20 7.60
N VAL D 183 2.03 -57.03 7.12
CA VAL D 183 1.16 -55.85 7.12
C VAL D 183 0.61 -55.53 5.73
N LEU D 184 1.24 -56.03 4.66
CA LEU D 184 0.83 -55.71 3.30
C LEU D 184 -0.52 -56.31 2.92
N ASP D 185 -1.16 -57.08 3.80
CA ASP D 185 -2.49 -57.63 3.50
C ASP D 185 -3.61 -56.83 4.14
N LYS D 186 -3.32 -56.03 5.17
CA LYS D 186 -4.35 -55.29 5.87
C LYS D 186 -4.86 -54.08 5.11
N ILE D 187 -4.25 -53.75 3.98
CA ILE D 187 -4.65 -52.59 3.21
C ILE D 187 -5.77 -53.00 2.26
N GLU D 188 -6.61 -52.03 1.90
CA GLU D 188 -7.67 -52.23 0.94
C GLU D 188 -7.25 -51.73 -0.43
N LEU D 189 -8.08 -52.01 -1.43
CA LEU D 189 -7.83 -51.48 -2.76
C LEU D 189 -8.19 -50.01 -2.88
N ARG D 190 -9.01 -49.49 -1.97
CA ARG D 190 -9.38 -48.09 -2.01
C ARG D 190 -8.26 -47.24 -1.41
N PRO D 191 -8.00 -46.05 -1.96
CA PRO D 191 -7.01 -45.14 -1.37
C PRO D 191 -7.22 -44.90 0.12
N THR D 192 -6.28 -45.39 0.93
CA THR D 192 -6.32 -45.24 2.38
C THR D 192 -5.11 -44.46 2.84
N SER D 193 -5.33 -43.52 3.75
CA SER D 193 -4.23 -42.75 4.33
C SER D 193 -3.65 -43.53 5.50
N ILE D 194 -2.36 -43.87 5.39
CA ILE D 194 -1.72 -44.67 6.43
C ILE D 194 -1.77 -43.97 7.77
N GLU D 195 -1.85 -42.64 7.78
CA GLU D 195 -1.88 -41.88 9.01
C GLU D 195 -3.27 -41.80 9.63
N LYS D 196 -4.32 -41.98 8.82
CA LYS D 196 -5.69 -41.81 9.29
C LYS D 196 -6.48 -43.11 9.36
N GLU D 197 -6.12 -44.13 8.59
CA GLU D 197 -6.88 -45.37 8.55
C GLU D 197 -6.06 -46.59 8.86
N THR D 198 -4.86 -46.73 8.30
CA THR D 198 -4.08 -47.94 8.48
C THR D 198 -3.39 -47.99 9.85
N PHE D 199 -2.69 -46.91 10.23
CA PHE D 199 -2.03 -46.88 11.52
C PHE D 199 -2.99 -47.08 12.70
N PRO D 200 -4.17 -46.46 12.74
CA PRO D 200 -5.10 -46.77 13.85
C PRO D 200 -5.58 -48.22 13.83
N LYS D 201 -5.52 -48.90 12.68
CA LYS D 201 -5.93 -50.30 12.64
C LYS D 201 -4.95 -51.19 13.40
N ILE D 202 -3.66 -50.88 13.33
CA ILE D 202 -2.67 -51.66 14.08
C ILE D 202 -2.48 -51.16 15.51
N ALA D 203 -2.79 -49.89 15.78
CA ALA D 203 -2.65 -49.37 17.13
C ALA D 203 -3.67 -50.02 18.07
N ALA D 204 -4.90 -50.18 17.61
CA ALA D 204 -5.92 -50.84 18.41
C ALA D 204 -5.61 -52.32 18.62
N ALA D 205 -4.79 -52.92 17.77
CA ALA D 205 -4.37 -54.30 17.96
C ALA D 205 -3.21 -54.44 18.91
N GLN D 206 -2.54 -53.34 19.27
CA GLN D 206 -1.42 -53.34 20.21
C GLN D 206 -0.32 -54.30 19.75
N GLY D 207 -0.09 -54.33 18.44
CA GLY D 207 0.92 -55.21 17.87
C GLY D 207 2.05 -54.41 17.26
N LEU D 208 2.16 -53.14 17.65
CA LEU D 208 3.18 -52.23 17.18
C LEU D 208 3.97 -51.65 18.35
N TYR D 209 5.01 -50.90 18.01
CA TYR D 209 5.83 -50.22 18.99
C TYR D 209 6.46 -49.01 18.32
N ALA D 210 7.00 -48.10 19.13
CA ALA D 210 7.55 -46.86 18.62
C ALA D 210 8.95 -46.62 19.17
N MET D 211 9.76 -45.91 18.39
CA MET D 211 11.09 -45.49 18.80
C MET D 211 11.21 -43.98 18.61
N VAL D 212 12.02 -43.37 19.45
CA VAL D 212 12.24 -41.92 19.42
C VAL D 212 13.45 -41.62 18.55
N LEU D 213 13.35 -40.55 17.75
CA LEU D 213 14.43 -40.16 16.85
C LEU D 213 15.44 -39.30 17.60
N PRO D 214 16.69 -39.74 17.72
CA PRO D 214 17.68 -38.92 18.45
C PRO D 214 18.39 -37.94 17.54
N GLY D 215 17.66 -37.31 16.62
CA GLY D 215 18.27 -36.39 15.68
C GLY D 215 17.35 -35.25 15.27
N PHE D 216 17.69 -34.61 14.16
CA PHE D 216 16.92 -33.47 13.65
C PHE D 216 15.82 -33.94 12.72
N TRP D 217 14.76 -33.14 12.63
CA TRP D 217 13.64 -33.43 11.76
C TRP D 217 13.21 -32.16 11.04
N MET D 218 12.92 -32.29 9.75
CA MET D 218 12.52 -31.15 8.93
C MET D 218 11.67 -31.63 7.76
N ASP D 219 10.50 -31.02 7.59
CA ASP D 219 9.62 -31.31 6.46
C ASP D 219 9.88 -30.26 5.38
N ILE D 220 10.57 -30.67 4.32
CA ILE D 220 10.91 -29.76 3.22
C ILE D 220 9.75 -29.79 2.23
N GLY D 221 8.94 -28.75 2.24
CA GLY D 221 7.83 -28.63 1.32
C GLY D 221 7.81 -27.29 0.60
N GLN D 222 8.88 -26.52 0.76
CA GLN D 222 9.00 -25.21 0.14
C GLN D 222 10.47 -24.92 -0.08
N PRO D 223 10.82 -24.19 -1.15
CA PRO D 223 12.25 -23.96 -1.46
C PRO D 223 13.00 -23.16 -0.40
N ARG D 224 12.32 -22.37 0.43
CA ARG D 224 13.03 -21.59 1.43
C ARG D 224 13.52 -22.44 2.59
N ASP D 225 13.00 -23.67 2.73
CA ASP D 225 13.43 -24.55 3.81
C ASP D 225 14.80 -25.15 3.56
N TYR D 226 15.39 -24.92 2.39
CA TYR D 226 16.69 -25.52 2.09
C TYR D 226 17.82 -24.84 2.85
N ILE D 227 17.70 -23.55 3.16
CA ILE D 227 18.76 -22.86 3.87
C ILE D 227 18.73 -23.18 5.36
N THR D 228 17.54 -23.35 5.94
CA THR D 228 17.45 -23.72 7.35
C THR D 228 17.56 -25.22 7.58
N GLY D 229 17.13 -26.03 6.61
CA GLY D 229 17.32 -27.47 6.72
C GLY D 229 18.77 -27.87 6.53
N LEU D 230 19.52 -27.07 5.78
CA LEU D 230 20.94 -27.31 5.63
C LEU D 230 21.69 -27.04 6.93
N ARG D 231 21.15 -26.14 7.76
CA ARG D 231 21.73 -25.92 9.08
C ARG D 231 21.63 -27.17 9.95
N LEU D 232 20.44 -27.77 10.03
CA LEU D 232 20.27 -28.98 10.82
C LEU D 232 21.14 -30.12 10.31
N TYR D 233 21.37 -30.19 8.99
CA TYR D 233 22.21 -31.23 8.44
C TYR D 233 23.67 -31.00 8.77
N LEU D 234 24.17 -29.78 8.50
CA LEU D 234 25.57 -29.48 8.79
C LEU D 234 25.86 -29.49 10.29
N ASP D 235 24.87 -29.17 11.12
CA ASP D 235 25.06 -29.27 12.56
C ASP D 235 25.27 -30.71 12.98
N SER D 236 24.43 -31.61 12.46
CA SER D 236 24.63 -33.04 12.73
C SER D 236 25.95 -33.53 12.17
N LEU D 237 26.44 -32.91 11.10
CA LEU D 237 27.74 -33.29 10.54
C LEU D 237 28.88 -32.87 11.47
N ARG D 238 28.74 -31.74 12.15
CA ARG D 238 29.73 -31.35 13.14
C ARG D 238 29.83 -32.36 14.27
N LYS D 239 28.79 -33.16 14.48
CA LYS D 239 28.77 -34.22 15.50
C LYS D 239 29.18 -35.56 14.93
N LYS D 240 28.60 -35.96 13.79
CA LYS D 240 28.88 -37.26 13.21
C LYS D 240 30.33 -37.35 12.74
N SER D 241 30.70 -36.53 11.77
CA SER D 241 32.06 -36.52 11.22
C SER D 241 32.48 -35.07 11.00
N PRO D 242 33.25 -34.49 11.92
CA PRO D 242 33.63 -33.08 11.78
C PRO D 242 34.69 -32.81 10.74
N ALA D 243 35.35 -33.85 10.21
CA ALA D 243 36.36 -33.69 9.19
C ALA D 243 35.80 -33.64 7.77
N LYS D 244 34.48 -33.78 7.61
CA LYS D 244 33.84 -33.66 6.31
C LYS D 244 33.46 -32.24 5.96
N LEU D 245 33.61 -31.30 6.89
CA LEU D 245 33.28 -29.90 6.68
C LEU D 245 34.58 -29.11 6.55
N THR D 246 34.67 -28.31 5.48
CA THR D 246 35.91 -27.59 5.20
C THR D 246 36.19 -26.56 6.29
N SER D 247 37.47 -26.23 6.44
CA SER D 247 37.92 -25.27 7.43
C SER D 247 39.04 -24.44 6.85
N GLY D 248 39.31 -23.30 7.47
CA GLY D 248 40.35 -22.42 7.02
C GLY D 248 40.21 -21.01 7.56
N PRO D 249 41.11 -20.12 7.14
CA PRO D 249 41.03 -18.73 7.63
C PRO D 249 39.86 -17.96 7.04
N HIS D 250 39.38 -18.37 5.86
CA HIS D 250 38.24 -17.74 5.23
C HIS D 250 36.95 -18.50 5.47
N ILE D 251 36.97 -19.52 6.33
CA ILE D 251 35.81 -20.36 6.60
C ILE D 251 35.31 -20.05 8.00
N VAL D 252 34.00 -19.87 8.13
CA VAL D 252 33.37 -19.59 9.41
C VAL D 252 32.17 -20.51 9.58
N GLY D 253 32.07 -21.17 10.72
CA GLY D 253 30.97 -22.06 10.99
C GLY D 253 31.08 -23.39 10.27
N ASN D 254 29.96 -23.89 9.77
CA ASN D 254 29.91 -25.17 9.07
C ASN D 254 29.76 -24.91 7.58
N VAL D 255 30.74 -25.36 6.79
CA VAL D 255 30.74 -25.17 5.36
C VAL D 255 31.10 -26.51 4.70
N LEU D 256 30.31 -26.91 3.71
CA LEU D 256 30.51 -28.16 2.98
C LEU D 256 30.95 -27.81 1.57
N VAL D 257 32.25 -27.91 1.31
CA VAL D 257 32.82 -27.60 0.01
C VAL D 257 33.11 -28.90 -0.72
N ASP D 258 32.90 -28.90 -2.03
CA ASP D 258 33.16 -30.06 -2.87
C ASP D 258 34.61 -30.07 -3.32
N GLU D 259 35.12 -31.27 -3.60
CA GLU D 259 36.48 -31.39 -4.12
C GLU D 259 36.61 -30.76 -5.50
N THR D 260 35.51 -30.71 -6.26
CA THR D 260 35.56 -30.13 -7.61
C THR D 260 35.46 -28.61 -7.58
N ALA D 261 34.75 -28.05 -6.60
CA ALA D 261 34.57 -26.60 -6.53
C ALA D 261 35.90 -25.92 -6.20
N THR D 262 36.14 -24.79 -6.84
CA THR D 262 37.35 -24.00 -6.63
C THR D 262 36.98 -22.64 -6.09
N ILE D 263 37.71 -22.20 -5.07
CA ILE D 263 37.46 -20.92 -4.41
C ILE D 263 38.66 -20.01 -4.65
N GLY D 264 38.38 -18.76 -5.02
CA GLY D 264 39.41 -17.77 -5.16
C GLY D 264 39.94 -17.32 -3.80
N GLU D 265 40.85 -16.35 -3.85
CA GLU D 265 41.46 -15.81 -2.65
C GLU D 265 40.71 -14.58 -2.16
N GLY D 266 40.86 -14.30 -0.87
CA GLY D 266 40.23 -13.13 -0.28
C GLY D 266 38.71 -13.22 -0.19
N CYS D 267 38.17 -14.41 -0.03
CA CYS D 267 36.73 -14.62 0.11
C CYS D 267 36.39 -14.87 1.58
N LEU D 268 35.08 -14.95 1.85
CA LEU D 268 34.62 -15.28 3.19
C LEU D 268 33.33 -16.09 3.05
N ILE D 269 33.39 -17.36 3.40
CA ILE D 269 32.30 -18.31 3.17
C ILE D 269 31.83 -18.85 4.51
N GLY D 270 30.53 -18.82 4.74
CA GLY D 270 29.95 -19.32 5.96
C GLY D 270 29.11 -18.27 6.67
N PRO D 271 28.28 -18.71 7.64
CA PRO D 271 28.11 -20.12 8.00
C PRO D 271 27.04 -20.81 7.17
N ASP D 272 27.05 -22.14 7.18
CA ASP D 272 26.02 -22.96 6.53
C ASP D 272 25.91 -22.62 5.04
N VAL D 273 26.97 -22.97 4.32
CA VAL D 273 27.04 -22.78 2.88
C VAL D 273 27.49 -24.11 2.26
N ALA D 274 26.83 -24.51 1.18
CA ALA D 274 27.12 -25.76 0.50
C ALA D 274 27.31 -25.49 -0.98
N ILE D 275 28.53 -25.70 -1.47
CA ILE D 275 28.90 -25.44 -2.86
C ILE D 275 29.00 -26.77 -3.58
N GLY D 276 28.20 -26.93 -4.65
CA GLY D 276 28.22 -28.14 -5.42
C GLY D 276 29.52 -28.30 -6.20
N PRO D 277 29.59 -29.38 -6.97
CA PRO D 277 30.78 -29.62 -7.81
C PRO D 277 30.74 -28.81 -9.09
N GLY D 278 31.92 -28.66 -9.68
CA GLY D 278 32.05 -27.94 -10.94
C GLY D 278 31.84 -26.44 -10.86
N CYS D 279 31.74 -25.88 -9.66
CA CYS D 279 31.51 -24.45 -9.51
C CYS D 279 32.82 -23.68 -9.67
N ILE D 280 32.67 -22.37 -9.91
CA ILE D 280 33.80 -21.46 -10.11
C ILE D 280 33.52 -20.24 -9.25
N VAL D 281 34.16 -20.17 -8.08
CA VAL D 281 34.01 -19.05 -7.15
C VAL D 281 35.15 -18.07 -7.36
N GLU D 282 34.82 -16.83 -7.67
CA GLU D 282 35.83 -15.80 -7.88
C GLU D 282 36.16 -15.11 -6.55
N SER D 283 37.00 -14.08 -6.61
CA SER D 283 37.56 -13.46 -5.41
C SER D 283 36.70 -12.35 -4.86
N GLY D 284 36.82 -12.11 -3.55
CA GLY D 284 36.13 -11.03 -2.90
C GLY D 284 34.70 -11.30 -2.56
N VAL D 285 34.26 -12.56 -2.63
CA VAL D 285 32.86 -12.90 -2.44
C VAL D 285 32.59 -13.10 -0.95
N ARG D 286 31.30 -13.03 -0.59
CA ARG D 286 30.87 -13.16 0.80
C ARG D 286 29.58 -13.99 0.80
N LEU D 287 29.73 -15.28 1.08
CA LEU D 287 28.60 -16.20 1.11
C LEU D 287 28.21 -16.49 2.56
N SER D 288 26.90 -16.58 2.80
CA SER D 288 26.40 -16.80 4.15
C SER D 288 24.99 -17.38 4.07
N ARG D 289 24.78 -18.50 4.75
CA ARG D 289 23.47 -19.13 4.89
C ARG D 289 22.86 -19.52 3.54
N CYS D 290 23.66 -19.60 2.50
CA CYS D 290 23.16 -19.94 1.17
C CYS D 290 23.64 -21.32 0.78
N THR D 291 23.13 -21.80 -0.37
CA THR D 291 23.56 -23.06 -0.95
C THR D 291 23.78 -22.85 -2.43
N VAL D 292 24.93 -23.30 -2.91
CA VAL D 292 25.33 -23.15 -4.31
C VAL D 292 25.32 -24.53 -4.96
N MET D 293 24.62 -24.64 -6.09
CA MET D 293 24.51 -25.90 -6.81
C MET D 293 25.57 -25.98 -7.90
N ARG D 294 25.46 -26.97 -8.77
CA ARG D 294 26.54 -27.35 -9.68
C ARG D 294 26.77 -26.29 -10.75
N GLY D 295 28.04 -26.17 -11.17
CA GLY D 295 28.44 -25.48 -12.38
C GLY D 295 28.27 -23.98 -12.39
N VAL D 296 27.61 -23.38 -11.40
CA VAL D 296 27.38 -21.95 -11.42
C VAL D 296 28.64 -21.21 -10.99
N ARG D 297 28.98 -20.16 -11.72
CA ARG D 297 30.13 -19.32 -11.41
C ARG D 297 29.65 -18.00 -10.83
N ILE D 298 30.18 -17.62 -9.68
CA ILE D 298 29.89 -16.35 -9.03
C ILE D 298 31.09 -15.44 -9.22
N LYS D 299 30.88 -14.28 -9.83
CA LYS D 299 31.98 -13.40 -10.17
C LYS D 299 32.47 -12.65 -8.93
N LYS D 300 33.42 -11.74 -9.16
CA LYS D 300 34.14 -11.11 -8.06
C LYS D 300 33.29 -10.09 -7.32
N HIS D 301 33.56 -9.96 -6.01
CA HIS D 301 33.00 -8.93 -5.16
C HIS D 301 31.49 -9.06 -4.98
N ALA D 302 30.96 -10.26 -5.09
CA ALA D 302 29.54 -10.51 -4.88
C ALA D 302 29.25 -10.83 -3.42
N CYS D 303 28.06 -10.45 -2.97
CA CYS D 303 27.62 -10.69 -1.59
C CYS D 303 26.28 -11.41 -1.63
N ILE D 304 26.30 -12.70 -1.33
CA ILE D 304 25.09 -13.54 -1.32
C ILE D 304 24.84 -14.01 0.10
N SER D 305 23.64 -13.76 0.60
CA SER D 305 23.26 -14.17 1.95
C SER D 305 21.89 -14.80 1.91
N SER D 306 21.76 -15.98 2.52
CA SER D 306 20.49 -16.70 2.70
C SER D 306 19.68 -16.76 1.39
N SER D 307 20.26 -17.43 0.41
CA SER D 307 19.66 -17.54 -0.91
C SER D 307 19.96 -18.93 -1.47
N ILE D 308 19.40 -19.20 -2.65
CA ILE D 308 19.54 -20.50 -3.31
C ILE D 308 19.94 -20.24 -4.75
N ILE D 309 21.06 -20.81 -5.18
CA ILE D 309 21.62 -20.61 -6.51
C ILE D 309 21.39 -21.86 -7.33
N GLY D 310 20.83 -21.69 -8.54
CA GLY D 310 20.53 -22.81 -9.40
C GLY D 310 21.76 -23.35 -10.11
N TRP D 311 21.50 -24.32 -11.00
CA TRP D 311 22.57 -24.96 -11.75
C TRP D 311 23.04 -24.10 -12.91
N HIS D 312 24.35 -24.04 -13.10
CA HIS D 312 24.97 -23.41 -14.26
C HIS D 312 24.50 -21.97 -14.45
N SER D 313 24.30 -21.26 -13.33
CA SER D 313 23.91 -19.87 -13.38
C SER D 313 25.17 -19.01 -13.36
N THR D 314 25.00 -17.69 -13.25
CA THR D 314 26.14 -16.78 -13.25
C THR D 314 25.76 -15.51 -12.53
N VAL D 315 26.46 -15.23 -11.42
CA VAL D 315 26.27 -14.02 -10.65
C VAL D 315 27.37 -13.04 -11.05
N GLY D 316 26.96 -11.88 -11.57
CA GLY D 316 27.90 -10.88 -12.01
C GLY D 316 28.70 -10.27 -10.87
N GLN D 317 29.66 -9.43 -11.24
CA GLN D 317 30.50 -8.77 -10.26
C GLN D 317 29.71 -7.72 -9.47
N TRP D 318 30.09 -7.55 -8.21
CA TRP D 318 29.50 -6.57 -7.30
C TRP D 318 27.99 -6.75 -7.12
N ALA D 319 27.45 -7.91 -7.49
CA ALA D 319 26.03 -8.17 -7.33
C ALA D 319 25.71 -8.61 -5.91
N ARG D 320 24.60 -8.13 -5.37
CA ARG D 320 24.17 -8.45 -4.02
C ARG D 320 22.90 -9.29 -4.06
N ILE D 321 22.93 -10.44 -3.39
CA ILE D 321 21.82 -11.39 -3.34
C ILE D 321 21.49 -11.64 -1.88
N GLU D 322 20.23 -11.45 -1.51
CA GLU D 322 19.84 -11.62 -0.12
C GLU D 322 18.35 -11.92 -0.04
N ASN D 323 17.91 -12.30 1.17
CA ASN D 323 16.49 -12.40 1.53
C ASN D 323 15.78 -13.46 0.69
N MET D 324 16.25 -14.70 0.79
CA MET D 324 15.59 -15.85 0.19
C MET D 324 15.36 -15.64 -1.30
N THR D 325 16.40 -15.17 -1.98
CA THR D 325 16.31 -15.00 -3.43
C THR D 325 16.51 -16.36 -4.09
N ILE D 326 15.54 -16.76 -4.90
CA ILE D 326 15.50 -18.09 -5.49
C ILE D 326 15.75 -17.94 -6.98
N LEU D 327 16.82 -18.57 -7.47
CA LEU D 327 17.19 -18.51 -8.87
C LEU D 327 17.04 -19.88 -9.53
N GLY D 328 16.55 -19.89 -10.76
CA GLY D 328 16.41 -21.11 -11.52
C GLY D 328 17.71 -21.49 -12.22
N GLU D 329 17.61 -22.54 -13.04
CA GLU D 329 18.76 -23.00 -13.80
C GLU D 329 19.10 -22.02 -14.91
N ASP D 330 20.40 -21.75 -15.08
CA ASP D 330 20.90 -20.88 -16.15
C ASP D 330 20.25 -19.50 -16.10
N VAL D 331 20.50 -18.81 -14.99
CA VAL D 331 20.05 -17.44 -14.79
C VAL D 331 21.28 -16.55 -14.69
N HIS D 332 21.34 -15.52 -15.53
CA HIS D 332 22.50 -14.66 -15.63
C HIS D 332 22.18 -13.31 -15.01
N VAL D 333 22.71 -13.08 -13.82
CA VAL D 333 22.55 -11.82 -13.11
C VAL D 333 23.67 -10.89 -13.56
N SER D 334 23.28 -9.72 -14.07
CA SER D 334 24.28 -8.76 -14.50
C SER D 334 25.07 -8.22 -13.31
N ASP D 335 26.10 -7.45 -13.60
CA ASP D 335 26.87 -6.83 -12.53
C ASP D 335 26.03 -5.76 -11.84
N GLU D 336 26.35 -5.51 -10.57
CA GLU D 336 25.77 -4.41 -9.80
C GLU D 336 24.26 -4.54 -9.62
N ILE D 337 23.73 -5.76 -9.70
CA ILE D 337 22.29 -6.00 -9.59
C ILE D 337 21.95 -6.45 -8.17
N TYR D 338 20.89 -5.89 -7.60
CA TYR D 338 20.45 -6.19 -6.25
C TYR D 338 19.14 -6.96 -6.30
N SER D 339 19.04 -8.02 -5.50
CA SER D 339 17.84 -8.85 -5.45
C SER D 339 17.41 -9.01 -4.00
N ASN D 340 16.16 -8.66 -3.71
CA ASN D 340 15.59 -8.77 -2.37
C ASN D 340 14.47 -9.80 -2.35
N GLY D 341 14.78 -11.04 -2.65
CA GLY D 341 13.78 -12.10 -2.63
C GLY D 341 13.16 -12.34 -3.99
N GLY D 342 13.98 -12.34 -5.04
CA GLY D 342 13.46 -12.55 -6.37
C GLY D 342 13.47 -14.02 -6.76
N VAL D 343 12.28 -14.62 -6.83
CA VAL D 343 12.13 -16.01 -7.26
C VAL D 343 12.07 -15.99 -8.78
N VAL D 344 13.19 -16.30 -9.41
CA VAL D 344 13.36 -16.14 -10.85
C VAL D 344 13.22 -17.49 -11.55
N LEU D 345 12.64 -17.46 -12.75
CA LEU D 345 12.51 -18.65 -13.58
C LEU D 345 13.83 -18.96 -14.30
N PRO D 346 14.02 -20.20 -14.70
CA PRO D 346 15.26 -20.56 -15.40
C PRO D 346 15.36 -19.90 -16.76
N HIS D 347 16.60 -19.84 -17.27
CA HIS D 347 16.91 -19.27 -18.57
C HIS D 347 16.43 -17.81 -18.67
N LYS D 348 16.95 -16.99 -17.78
CA LYS D 348 16.57 -15.59 -17.69
C LYS D 348 17.79 -14.74 -17.41
N GLU D 349 17.92 -13.62 -18.14
CA GLU D 349 19.00 -12.68 -17.91
C GLU D 349 18.47 -11.53 -17.05
N ILE D 350 19.05 -11.36 -15.88
CA ILE D 350 18.64 -10.33 -14.94
C ILE D 350 19.55 -9.13 -15.15
N LYS D 351 18.99 -8.06 -15.72
CA LYS D 351 19.74 -6.83 -15.93
C LYS D 351 19.16 -5.67 -15.12
N SER D 352 18.17 -5.93 -14.28
CA SER D 352 17.55 -4.91 -13.44
C SER D 352 17.50 -5.42 -12.00
N ASN D 353 17.43 -4.49 -11.06
CA ASN D 353 17.41 -4.83 -9.65
C ASN D 353 16.05 -5.36 -9.21
N ILE D 354 16.07 -6.43 -8.42
CA ILE D 354 14.87 -6.94 -7.77
C ILE D 354 14.87 -6.42 -6.34
N LEU D 355 14.64 -5.12 -6.18
CA LEU D 355 14.81 -4.47 -4.87
C LEU D 355 13.77 -4.92 -3.84
N LYS D 356 12.74 -5.65 -4.26
CA LYS D 356 11.71 -6.14 -3.36
C LYS D 356 11.29 -7.53 -3.85
N PRO D 357 10.71 -8.34 -2.96
CA PRO D 357 10.30 -9.70 -3.37
C PRO D 357 9.39 -9.68 -4.58
N GLU D 358 9.76 -10.46 -5.60
CA GLU D 358 9.09 -10.43 -6.88
C GLU D 358 9.41 -11.70 -7.64
N ILE D 359 8.41 -12.21 -8.36
CA ILE D 359 8.55 -13.42 -9.18
C ILE D 359 8.83 -12.99 -10.61
N VAL D 360 10.00 -13.36 -11.13
CA VAL D 360 10.43 -12.97 -12.47
C VAL D 360 10.32 -14.17 -13.39
N MET D 361 9.82 -13.94 -14.60
CA MET D 361 9.71 -14.99 -15.60
C MET D 361 10.55 -14.67 -16.82
N MET E 1 -47.35 33.31 -19.70
CA MET E 1 -46.12 32.64 -20.13
C MET E 1 -45.86 31.40 -19.28
N LYS E 2 -45.36 30.35 -19.91
CA LYS E 2 -45.12 29.06 -19.27
C LYS E 2 -43.63 28.79 -19.15
N ALA E 3 -43.29 27.68 -18.49
CA ALA E 3 -41.91 27.28 -18.30
C ALA E 3 -41.88 25.82 -17.85
N LEU E 4 -40.77 25.15 -18.15
CA LEU E 4 -40.56 23.75 -17.80
C LEU E 4 -39.13 23.57 -17.32
N ILE E 5 -38.95 22.77 -16.27
CA ILE E 5 -37.63 22.53 -15.69
C ILE E 5 -37.34 21.03 -15.71
N LEU E 6 -36.23 20.65 -16.33
CA LEU E 6 -35.79 19.26 -16.35
C LEU E 6 -35.03 18.95 -15.07
N VAL E 7 -35.57 18.04 -14.25
CA VAL E 7 -34.91 17.63 -13.02
C VAL E 7 -34.16 16.33 -13.26
N GLY E 8 -34.85 15.32 -13.74
CA GLY E 8 -34.25 14.01 -13.93
C GLY E 8 -34.70 13.02 -12.87
N GLY E 9 -33.73 12.38 -12.23
CA GLY E 9 -34.00 11.42 -11.17
C GLY E 9 -33.93 12.05 -9.79
N PHE E 10 -33.56 11.22 -8.81
CA PHE E 10 -33.50 11.64 -7.42
C PHE E 10 -32.19 12.29 -7.05
N GLY E 11 -31.16 12.15 -7.87
CA GLY E 11 -29.83 12.64 -7.52
C GLY E 11 -28.99 11.53 -6.92
N THR E 12 -28.87 10.42 -7.65
CA THR E 12 -28.12 9.28 -7.13
C THR E 12 -26.66 9.63 -6.92
N ARG E 13 -26.10 10.48 -7.78
CA ARG E 13 -24.71 10.89 -7.71
C ARG E 13 -24.47 12.01 -6.70
N LEU E 14 -25.49 12.38 -5.92
CA LEU E 14 -25.37 13.42 -4.90
C LEU E 14 -25.56 12.87 -3.49
N ARG E 15 -25.56 11.55 -3.33
CA ARG E 15 -25.68 10.96 -2.00
C ARG E 15 -24.46 11.31 -1.16
N PRO E 16 -24.60 11.30 0.18
CA PRO E 16 -25.77 10.92 0.99
C PRO E 16 -26.78 12.06 1.21
N LEU E 17 -26.58 13.18 0.52
CA LEU E 17 -27.49 14.30 0.70
C LEU E 17 -28.85 14.03 0.07
N THR E 18 -28.88 13.19 -0.98
CA THR E 18 -30.13 12.87 -1.66
C THR E 18 -30.72 11.53 -1.23
N LEU E 19 -30.22 10.95 -0.14
CA LEU E 19 -30.83 9.72 0.37
C LEU E 19 -32.20 10.00 0.99
N SER E 20 -32.42 11.22 1.49
CA SER E 20 -33.68 11.61 2.09
C SER E 20 -34.39 12.66 1.25
N PHE E 21 -33.79 13.84 1.09
CA PHE E 21 -34.41 14.85 0.24
C PHE E 21 -33.91 14.68 -1.20
N PRO E 22 -34.78 14.84 -2.19
CA PRO E 22 -34.35 14.64 -3.58
C PRO E 22 -33.39 15.73 -4.03
N LYS E 23 -32.86 15.55 -5.24
CA LYS E 23 -31.84 16.46 -5.78
C LYS E 23 -32.24 17.93 -5.73
N PRO E 24 -33.44 18.34 -6.17
CA PRO E 24 -33.75 19.77 -6.16
C PRO E 24 -34.09 20.33 -4.79
N LEU E 25 -34.22 19.49 -3.77
CA LEU E 25 -34.56 19.94 -2.43
C LEU E 25 -33.32 20.11 -1.55
N VAL E 26 -32.13 19.96 -2.11
CA VAL E 26 -30.89 20.16 -1.37
C VAL E 26 -30.64 21.66 -1.22
N ASP E 27 -30.45 22.11 0.00
CA ASP E 27 -30.19 23.52 0.25
C ASP E 27 -28.83 23.91 -0.32
N PHE E 28 -28.83 24.80 -1.30
CA PHE E 28 -27.60 25.36 -1.86
C PHE E 28 -27.56 26.85 -1.55
N ALA E 29 -26.58 27.27 -0.76
CA ALA E 29 -26.47 28.64 -0.29
C ALA E 29 -27.78 29.10 0.35
N ASN E 30 -28.15 28.41 1.43
CA ASN E 30 -29.34 28.67 2.23
C ASN E 30 -30.61 28.18 1.55
N LYS E 31 -30.75 28.48 0.28
CA LYS E 31 -31.97 28.19 -0.44
C LYS E 31 -31.86 26.86 -1.17
N PRO E 32 -32.96 26.12 -1.28
CA PRO E 32 -32.95 24.88 -2.08
C PRO E 32 -32.55 25.16 -3.52
N MET E 33 -32.02 24.13 -4.17
CA MET E 33 -31.51 24.29 -5.53
C MET E 33 -32.61 24.69 -6.50
N ILE E 34 -33.86 24.34 -6.22
CA ILE E 34 -34.94 24.64 -7.15
C ILE E 34 -35.33 26.13 -7.11
N LEU E 35 -35.11 26.81 -5.98
CA LEU E 35 -35.52 28.21 -5.86
C LEU E 35 -34.59 29.18 -6.59
N HIS E 36 -33.44 28.72 -7.07
CA HIS E 36 -32.50 29.64 -7.70
C HIS E 36 -32.97 30.08 -9.07
N GLN E 37 -33.76 29.27 -9.77
CA GLN E 37 -34.27 29.65 -11.08
C GLN E 37 -35.77 29.85 -11.12
N ILE E 38 -36.51 29.47 -10.08
CA ILE E 38 -37.94 29.77 -10.06
C ILE E 38 -38.17 31.26 -9.81
N GLU E 39 -37.43 31.84 -8.87
CA GLU E 39 -37.51 33.28 -8.66
C GLU E 39 -37.00 34.03 -9.88
N ALA E 40 -36.04 33.45 -10.61
CA ALA E 40 -35.60 34.06 -11.86
C ALA E 40 -36.70 34.00 -12.92
N LEU E 41 -37.54 32.96 -12.88
CA LEU E 41 -38.70 32.92 -13.76
C LEU E 41 -39.77 33.91 -13.35
N LYS E 42 -39.75 34.35 -12.09
CA LYS E 42 -40.64 35.42 -11.65
C LYS E 42 -40.15 36.79 -12.11
N ALA E 43 -38.86 36.91 -12.43
CA ALA E 43 -38.34 38.16 -12.98
C ALA E 43 -38.87 38.43 -14.38
N VAL E 44 -39.24 37.37 -15.11
CA VAL E 44 -39.83 37.51 -16.44
C VAL E 44 -41.34 37.27 -16.42
N GLY E 45 -41.94 37.16 -15.23
CA GLY E 45 -43.38 37.03 -15.13
C GLY E 45 -43.94 35.72 -15.64
N VAL E 46 -43.34 34.61 -15.23
CA VAL E 46 -43.86 33.29 -15.56
C VAL E 46 -44.75 32.83 -14.43
N ASP E 47 -45.99 32.45 -14.77
CA ASP E 47 -46.99 32.09 -13.79
C ASP E 47 -46.95 30.60 -13.42
N GLU E 48 -46.83 29.72 -14.41
CA GLU E 48 -46.88 28.28 -14.20
C GLU E 48 -45.54 27.66 -14.56
N VAL E 49 -45.11 26.69 -13.76
CA VAL E 49 -43.85 25.99 -13.98
C VAL E 49 -44.08 24.50 -13.77
N VAL E 50 -43.61 23.68 -14.72
CA VAL E 50 -43.77 22.23 -14.66
C VAL E 50 -42.39 21.60 -14.45
N LEU E 51 -42.38 20.49 -13.71
CA LEU E 51 -41.15 19.78 -13.37
C LEU E 51 -41.15 18.43 -14.07
N ALA E 52 -40.13 18.19 -14.90
CA ALA E 52 -39.98 16.93 -15.62
C ALA E 52 -39.14 15.96 -14.78
N ILE E 53 -39.76 15.46 -13.71
CA ILE E 53 -39.12 14.52 -12.79
C ILE E 53 -39.31 13.11 -13.32
N ASN E 54 -38.60 12.15 -12.72
CA ASN E 54 -38.79 10.74 -13.05
C ASN E 54 -39.28 9.91 -11.87
N TYR E 55 -39.10 10.39 -10.65
CA TYR E 55 -39.56 9.71 -9.45
C TYR E 55 -40.95 10.19 -9.07
N GLN E 56 -41.48 9.65 -7.97
CA GLN E 56 -42.81 10.03 -7.50
C GLN E 56 -42.73 11.33 -6.71
N PRO E 57 -43.55 12.33 -7.04
CA PRO E 57 -43.51 13.60 -6.30
C PRO E 57 -44.19 13.58 -4.95
N GLU E 58 -44.68 12.42 -4.50
CA GLU E 58 -45.43 12.34 -3.25
C GLU E 58 -44.60 12.80 -2.05
N VAL E 59 -43.27 12.78 -2.17
CA VAL E 59 -42.42 13.16 -1.05
C VAL E 59 -42.18 14.66 -0.98
N MET E 60 -42.41 15.38 -2.07
CA MET E 60 -42.12 16.81 -2.14
C MET E 60 -43.36 17.67 -2.37
N LEU E 61 -44.56 17.08 -2.29
CA LEU E 61 -45.77 17.87 -2.49
C LEU E 61 -45.91 18.96 -1.43
N ASN E 62 -45.52 18.65 -0.19
CA ASN E 62 -45.62 19.65 0.88
C ASN E 62 -44.65 20.80 0.66
N PHE E 63 -43.49 20.55 0.05
CA PHE E 63 -42.52 21.61 -0.19
C PHE E 63 -42.97 22.51 -1.34
N LEU E 64 -43.44 21.90 -2.44
CA LEU E 64 -43.87 22.69 -3.58
C LEU E 64 -45.15 23.46 -3.31
N LYS E 65 -45.98 22.97 -2.38
CA LYS E 65 -47.23 23.66 -2.08
C LYS E 65 -46.97 24.93 -1.26
N ASP E 66 -45.88 24.98 -0.50
CA ASP E 66 -45.56 26.16 0.29
C ASP E 66 -44.87 27.25 -0.52
N PHE E 67 -44.38 26.91 -1.71
CA PHE E 67 -43.72 27.89 -2.56
C PHE E 67 -44.68 28.53 -3.56
N GLU E 68 -45.86 27.95 -3.74
CA GLU E 68 -46.82 28.52 -4.67
C GLU E 68 -47.45 29.79 -4.12
N THR E 69 -47.61 29.88 -2.80
CA THR E 69 -48.17 31.06 -2.18
C THR E 69 -47.11 32.10 -1.83
N LYS E 70 -45.93 31.66 -1.38
CA LYS E 70 -44.88 32.61 -1.05
C LYS E 70 -44.37 33.33 -2.30
N LEU E 71 -44.26 32.62 -3.42
CA LEU E 71 -43.72 33.20 -4.64
C LEU E 71 -44.80 33.56 -5.65
N GLU E 72 -46.07 33.21 -5.39
CA GLU E 72 -47.18 33.47 -6.30
C GLU E 72 -46.90 32.89 -7.69
N ILE E 73 -46.74 31.57 -7.71
CA ILE E 73 -46.40 30.84 -8.93
C ILE E 73 -47.11 29.50 -8.88
N LYS E 74 -47.65 29.07 -10.03
CA LYS E 74 -48.30 27.77 -10.14
C LYS E 74 -47.25 26.72 -10.40
N ILE E 75 -47.20 25.70 -9.54
CA ILE E 75 -46.19 24.64 -9.61
C ILE E 75 -46.91 23.31 -9.71
N THR E 76 -46.72 22.62 -10.83
CA THR E 76 -47.28 21.30 -11.05
C THR E 76 -46.19 20.35 -11.50
N CYS E 77 -46.37 19.06 -11.20
CA CYS E 77 -45.37 18.04 -11.49
C CYS E 77 -45.81 17.18 -12.67
N SER E 78 -44.81 16.60 -13.32
CA SER E 78 -45.04 15.63 -14.39
C SER E 78 -44.07 14.47 -14.17
N GLN E 79 -44.61 13.27 -14.04
CA GLN E 79 -43.82 12.08 -13.78
C GLN E 79 -43.89 11.17 -14.99
N GLU E 80 -42.74 10.83 -15.54
CA GLU E 80 -42.65 9.91 -16.67
C GLU E 80 -42.28 8.52 -16.17
N THR E 81 -42.79 7.51 -16.87
CA THR E 81 -42.45 6.13 -16.51
C THR E 81 -40.95 5.90 -16.67
N GLU E 82 -40.40 6.31 -17.80
CA GLU E 82 -38.98 6.15 -18.07
C GLU E 82 -38.36 7.50 -18.44
N PRO E 83 -37.08 7.69 -18.17
CA PRO E 83 -36.37 8.84 -18.76
C PRO E 83 -36.37 8.69 -20.27
N LEU E 84 -36.97 9.65 -20.95
CA LEU E 84 -37.14 9.57 -22.40
C LEU E 84 -36.08 10.40 -23.12
N GLY E 85 -34.83 10.04 -22.85
CA GLY E 85 -33.72 10.78 -23.42
C GLY E 85 -33.63 12.15 -22.78
N THR E 86 -33.44 13.17 -23.60
CA THR E 86 -33.39 14.54 -23.11
C THR E 86 -34.59 15.39 -23.52
N ALA E 87 -35.19 15.10 -24.67
CA ALA E 87 -36.33 15.86 -25.16
C ALA E 87 -37.67 15.18 -24.92
N GLY E 88 -37.68 13.92 -24.49
CA GLY E 88 -38.89 13.18 -24.23
C GLY E 88 -39.80 13.81 -23.20
N PRO E 89 -39.27 14.12 -21.99
CA PRO E 89 -40.10 14.75 -20.96
C PRO E 89 -40.82 16.00 -21.43
N LEU E 90 -40.31 16.66 -22.47
CA LEU E 90 -40.98 17.82 -23.03
C LEU E 90 -42.21 17.43 -23.83
N ALA E 91 -42.22 16.24 -24.43
CA ALA E 91 -43.38 15.80 -25.20
C ALA E 91 -44.58 15.51 -24.30
N LEU E 92 -44.33 15.11 -23.05
CA LEU E 92 -45.43 14.81 -22.13
C LEU E 92 -46.02 16.08 -21.56
N ALA E 93 -45.19 17.08 -21.30
CA ALA E 93 -45.62 18.33 -20.69
C ALA E 93 -46.06 19.37 -21.73
N ARG E 94 -46.26 18.97 -22.98
CA ARG E 94 -46.70 19.93 -23.99
C ARG E 94 -48.11 20.42 -23.71
N ASP E 95 -48.91 19.63 -23.00
CA ASP E 95 -50.28 20.04 -22.69
C ASP E 95 -50.30 21.15 -21.64
N LYS E 96 -49.34 21.14 -20.72
CA LYS E 96 -49.25 22.17 -19.68
C LYS E 96 -48.44 23.38 -20.13
N LEU E 97 -47.85 23.34 -21.33
CA LEU E 97 -47.04 24.44 -21.83
C LEU E 97 -47.76 25.31 -22.84
N LEU E 98 -48.80 24.80 -23.49
CA LEU E 98 -49.54 25.54 -24.49
C LEU E 98 -50.70 26.26 -23.81
N ASP E 99 -50.57 27.57 -23.65
CA ASP E 99 -51.62 28.40 -23.09
C ASP E 99 -52.55 28.97 -24.14
N GLY E 100 -52.17 28.91 -25.43
CA GLY E 100 -52.95 29.42 -26.52
C GLY E 100 -52.36 30.64 -27.20
N SER E 101 -51.59 31.43 -26.45
CA SER E 101 -50.99 32.64 -27.01
C SER E 101 -49.81 32.34 -27.92
N GLY E 102 -49.27 31.12 -27.89
CA GLY E 102 -48.14 30.78 -28.73
C GLY E 102 -46.91 31.56 -28.34
N GLU E 103 -46.66 31.65 -27.04
CA GLU E 103 -45.49 32.36 -26.54
C GLU E 103 -44.37 31.39 -26.22
N PRO E 104 -43.11 31.79 -26.44
CA PRO E 104 -42.00 30.89 -26.12
C PRO E 104 -41.92 30.63 -24.63
N PHE E 105 -41.60 29.37 -24.30
CA PHE E 105 -41.44 28.95 -22.92
C PHE E 105 -39.98 28.58 -22.66
N PHE E 106 -39.61 28.58 -21.38
CA PHE E 106 -38.25 28.28 -20.97
C PHE E 106 -38.12 26.82 -20.54
N VAL E 107 -36.95 26.24 -20.83
CA VAL E 107 -36.61 24.88 -20.44
C VAL E 107 -35.29 24.93 -19.69
N LEU E 108 -35.30 24.57 -18.40
CA LEU E 108 -34.14 24.67 -17.55
C LEU E 108 -33.72 23.31 -17.00
N ASN E 109 -32.43 23.15 -16.75
CA ASN E 109 -31.88 21.95 -16.13
C ASN E 109 -31.53 22.23 -14.67
N SER E 110 -31.82 21.25 -13.81
CA SER E 110 -31.56 21.40 -12.38
C SER E 110 -30.09 21.27 -12.02
N ASP E 111 -29.26 20.74 -12.92
CA ASP E 111 -27.86 20.50 -12.61
C ASP E 111 -26.94 21.64 -13.03
N VAL E 112 -27.49 22.82 -13.28
CA VAL E 112 -26.73 23.97 -13.76
C VAL E 112 -27.08 25.20 -12.93
N ILE E 113 -26.08 26.04 -12.68
CA ILE E 113 -26.26 27.33 -12.02
C ILE E 113 -25.66 28.42 -12.91
N SER E 114 -26.21 29.62 -12.80
CA SER E 114 -25.76 30.75 -13.62
C SER E 114 -26.36 32.02 -13.03
N GLU E 115 -26.17 33.13 -13.74
CA GLU E 115 -26.73 34.42 -13.35
C GLU E 115 -28.15 34.64 -13.84
N TYR E 116 -28.61 33.86 -14.82
CA TYR E 116 -29.97 33.85 -15.36
C TYR E 116 -30.44 35.22 -15.82
N PRO E 117 -29.96 35.74 -16.96
CA PRO E 117 -30.52 36.99 -17.54
C PRO E 117 -31.68 36.71 -18.48
N LEU E 118 -32.80 36.26 -17.91
CA LEU E 118 -33.94 35.87 -18.73
C LEU E 118 -34.64 37.08 -19.35
N LYS E 119 -34.57 38.24 -18.70
CA LYS E 119 -35.26 39.42 -19.20
C LYS E 119 -34.70 39.87 -20.55
N GLU E 120 -33.39 40.07 -20.63
CA GLU E 120 -32.75 40.55 -21.85
C GLU E 120 -32.57 39.45 -22.89
N MET E 121 -33.16 38.27 -22.68
CA MET E 121 -33.16 37.24 -23.71
C MET E 121 -34.41 37.29 -24.58
N LEU E 122 -35.56 37.68 -24.00
CA LEU E 122 -36.76 37.87 -24.81
C LEU E 122 -36.56 38.99 -25.83
N GLU E 123 -35.91 40.08 -25.42
CA GLU E 123 -35.56 41.12 -26.36
C GLU E 123 -34.60 40.61 -27.42
N PHE E 124 -33.69 39.70 -27.04
CA PHE E 124 -32.86 39.02 -28.02
C PHE E 124 -33.67 38.06 -28.87
N HIS E 125 -34.89 37.72 -28.44
CA HIS E 125 -35.79 36.87 -29.22
C HIS E 125 -36.77 37.69 -30.06
N LYS E 126 -37.28 38.78 -29.50
CA LYS E 126 -38.25 39.62 -30.18
C LYS E 126 -37.60 40.69 -31.05
N SER E 127 -36.33 40.51 -31.41
CA SER E 127 -35.61 41.45 -32.26
C SER E 127 -35.42 40.94 -33.67
N HIS E 128 -34.87 39.74 -33.83
CA HIS E 128 -34.70 39.12 -35.14
C HIS E 128 -35.86 38.20 -35.52
N GLY E 129 -36.72 37.86 -34.57
CA GLY E 129 -37.86 37.02 -34.87
C GLY E 129 -37.53 35.56 -35.04
N GLY E 130 -36.53 35.06 -34.33
CA GLY E 130 -36.18 33.66 -34.42
C GLY E 130 -37.25 32.77 -33.84
N GLU E 131 -37.05 31.47 -34.00
CA GLU E 131 -37.99 30.47 -33.48
C GLU E 131 -37.52 29.82 -32.19
N ALA E 132 -36.23 29.48 -32.11
CA ALA E 132 -35.69 28.78 -30.95
C ALA E 132 -34.43 29.48 -30.47
N SER E 133 -34.21 29.47 -29.16
CA SER E 133 -33.08 30.15 -28.54
C SER E 133 -32.44 29.24 -27.51
N ILE E 134 -31.11 29.17 -27.54
CA ILE E 134 -30.34 28.48 -26.52
C ILE E 134 -29.29 29.45 -25.98
N MET E 135 -28.71 29.09 -24.85
CA MET E 135 -27.64 29.86 -24.24
C MET E 135 -26.33 29.08 -24.31
N VAL E 136 -25.23 29.81 -24.47
CA VAL E 136 -23.92 29.23 -24.73
C VAL E 136 -22.90 29.88 -23.81
N THR E 137 -22.01 29.06 -23.25
CA THR E 137 -20.93 29.54 -22.39
C THR E 137 -19.60 29.01 -22.89
N LYS E 138 -18.57 29.83 -22.75
CA LYS E 138 -17.22 29.45 -23.16
C LYS E 138 -16.59 28.53 -22.12
N VAL E 139 -15.86 27.52 -22.60
CA VAL E 139 -15.13 26.60 -21.75
C VAL E 139 -13.71 26.48 -22.25
N ASP E 140 -12.78 26.24 -21.31
CA ASP E 140 -11.39 26.08 -21.68
C ASP E 140 -11.14 24.73 -22.34
N GLU E 141 -11.96 23.72 -22.00
CA GLU E 141 -11.83 22.37 -22.55
C GLU E 141 -13.03 22.07 -23.45
N PRO E 142 -12.93 22.33 -24.76
CA PRO E 142 -14.05 22.01 -25.65
C PRO E 142 -14.10 20.54 -26.06
N SER E 143 -13.03 19.77 -25.86
CA SER E 143 -13.04 18.38 -26.27
C SER E 143 -13.89 17.53 -25.34
N LYS E 144 -13.85 17.80 -24.03
CA LYS E 144 -14.63 17.01 -23.10
C LYS E 144 -16.12 17.30 -23.18
N TYR E 145 -16.53 18.32 -23.93
CA TYR E 145 -17.92 18.70 -24.08
C TYR E 145 -18.31 18.62 -25.56
N GLY E 146 -19.58 18.89 -25.83
CA GLY E 146 -20.06 18.97 -27.21
C GLY E 146 -19.98 20.38 -27.75
N VAL E 147 -19.14 20.60 -28.76
CA VAL E 147 -18.87 21.95 -29.26
C VAL E 147 -19.99 22.36 -30.21
N VAL E 148 -20.41 23.62 -30.07
CA VAL E 148 -21.40 24.23 -30.96
C VAL E 148 -20.66 25.21 -31.86
N VAL E 149 -20.73 24.98 -33.17
CA VAL E 149 -20.02 25.78 -34.16
C VAL E 149 -20.98 26.83 -34.70
N MET E 150 -20.91 28.03 -34.13
CA MET E 150 -21.70 29.17 -34.58
C MET E 150 -20.79 30.19 -35.26
N GLU E 151 -21.42 31.10 -36.01
CA GLU E 151 -20.69 32.21 -36.59
C GLU E 151 -20.70 33.38 -35.61
N GLU E 152 -19.60 34.12 -35.57
CA GLU E 152 -19.41 35.23 -34.64
C GLU E 152 -19.99 36.54 -35.15
N SER E 153 -21.10 36.50 -35.87
CA SER E 153 -21.71 37.72 -36.41
C SER E 153 -23.17 37.87 -36.04
N THR E 154 -23.94 36.79 -36.05
CA THR E 154 -25.36 36.85 -35.73
C THR E 154 -25.76 35.90 -34.62
N GLY E 155 -25.23 34.68 -34.61
CA GLY E 155 -25.51 33.73 -33.54
C GLY E 155 -26.20 32.47 -33.99
N ARG E 156 -26.03 32.11 -35.25
CA ARG E 156 -26.67 30.91 -35.81
C ARG E 156 -25.71 29.73 -35.72
N VAL E 157 -26.25 28.58 -35.32
CA VAL E 157 -25.45 27.37 -35.16
C VAL E 157 -25.55 26.52 -36.41
N GLU E 158 -24.61 25.60 -36.57
CA GLU E 158 -24.51 24.84 -37.82
C GLU E 158 -24.42 23.33 -37.61
N LYS E 159 -23.52 22.88 -36.75
CA LYS E 159 -23.27 21.45 -36.60
C LYS E 159 -22.93 21.15 -35.15
N PHE E 160 -22.91 19.86 -34.80
CA PHE E 160 -22.53 19.41 -33.47
C PHE E 160 -21.28 18.56 -33.59
N VAL E 161 -20.20 19.01 -32.95
CA VAL E 161 -18.91 18.34 -33.02
C VAL E 161 -18.55 17.95 -31.57
N GLU E 162 -18.79 16.68 -31.23
CA GLU E 162 -18.44 16.18 -29.91
C GLU E 162 -17.03 15.60 -29.93
N LYS E 163 -16.27 15.90 -28.88
CA LYS E 163 -14.86 15.51 -28.76
C LYS E 163 -14.10 15.83 -30.04
N PRO E 164 -13.85 17.11 -30.31
CA PRO E 164 -13.06 17.46 -31.50
C PRO E 164 -11.57 17.29 -31.20
N LYS E 165 -10.90 16.42 -31.96
CA LYS E 165 -9.46 16.26 -31.77
C LYS E 165 -8.71 17.51 -32.21
N LEU E 166 -9.15 18.13 -33.29
CA LEU E 166 -8.65 19.43 -33.70
C LEU E 166 -9.63 20.52 -33.26
N TYR E 167 -9.17 21.77 -33.33
CA TYR E 167 -9.96 22.88 -32.83
C TYR E 167 -10.99 23.29 -33.87
N VAL E 168 -12.27 23.08 -33.55
CA VAL E 168 -13.37 23.62 -34.34
C VAL E 168 -14.18 24.65 -33.56
N GLY E 169 -13.91 24.82 -32.28
CA GLY E 169 -14.61 25.80 -31.47
C GLY E 169 -14.38 25.53 -30.00
N ASN E 170 -14.90 26.45 -29.19
CA ASN E 170 -14.81 26.33 -27.74
C ASN E 170 -16.14 26.58 -27.04
N LYS E 171 -17.20 26.85 -27.78
CA LYS E 171 -18.49 27.24 -27.23
C LYS E 171 -19.40 26.02 -27.11
N ILE E 172 -19.93 25.79 -25.91
CA ILE E 172 -20.78 24.64 -25.62
C ILE E 172 -22.12 25.11 -25.08
N ASN E 173 -23.06 24.16 -25.02
CA ASN E 173 -24.39 24.44 -24.49
C ASN E 173 -24.35 24.62 -22.98
N ALA E 174 -25.28 25.43 -22.47
CA ALA E 174 -25.35 25.75 -21.04
C ALA E 174 -26.56 25.14 -20.34
N GLY E 175 -27.40 24.38 -21.06
CA GLY E 175 -28.54 23.74 -20.45
C GLY E 175 -29.77 24.58 -20.25
N ILE E 176 -29.79 25.83 -20.73
CA ILE E 176 -30.96 26.69 -20.63
C ILE E 176 -31.42 27.03 -22.04
N TYR E 177 -32.73 26.87 -22.29
CA TYR E 177 -33.30 26.98 -23.63
C TYR E 177 -34.42 28.01 -23.63
N LEU E 178 -34.85 28.37 -24.85
CA LEU E 178 -35.99 29.26 -25.05
C LEU E 178 -36.64 28.83 -26.37
N LEU E 179 -37.78 28.14 -26.27
CA LEU E 179 -38.40 27.49 -27.41
C LEU E 179 -39.80 28.04 -27.65
N ASN E 180 -40.11 28.31 -28.92
CA ASN E 180 -41.47 28.65 -29.31
C ASN E 180 -42.34 27.40 -29.25
N PRO E 181 -43.67 27.56 -29.12
CA PRO E 181 -44.56 26.40 -29.17
C PRO E 181 -44.50 25.65 -30.49
N SER E 182 -43.91 26.22 -31.54
CA SER E 182 -43.82 25.57 -32.83
C SER E 182 -42.74 24.49 -32.89
N VAL E 183 -42.11 24.16 -31.76
CA VAL E 183 -41.10 23.11 -31.73
C VAL E 183 -41.63 21.83 -31.08
N LEU E 184 -42.70 21.91 -30.28
CA LEU E 184 -43.22 20.75 -29.58
C LEU E 184 -43.83 19.70 -30.50
N ASP E 185 -43.86 19.98 -31.81
CA ASP E 185 -44.37 19.02 -32.78
C ASP E 185 -43.27 18.25 -33.49
N LYS E 186 -42.04 18.75 -33.49
CA LYS E 186 -40.94 18.09 -34.19
C LYS E 186 -40.42 16.87 -33.46
N ILE E 187 -40.89 16.61 -32.25
CA ILE E 187 -40.43 15.48 -31.45
C ILE E 187 -41.26 14.25 -31.79
N GLU E 188 -40.66 13.09 -31.59
CA GLU E 188 -41.33 11.80 -31.75
C GLU E 188 -41.75 11.25 -30.40
N LEU E 189 -42.47 10.13 -30.44
CA LEU E 189 -42.86 9.44 -29.21
C LEU E 189 -41.70 8.71 -28.57
N ARG E 190 -40.63 8.47 -29.31
CA ARG E 190 -39.44 7.76 -28.83
C ARG E 190 -38.54 8.69 -28.02
N PRO E 191 -37.91 8.17 -26.95
CA PRO E 191 -36.87 8.92 -26.24
C PRO E 191 -35.79 9.47 -27.16
N THR E 192 -35.73 10.79 -27.28
CA THR E 192 -34.75 11.46 -28.10
C THR E 192 -33.88 12.37 -27.23
N SER E 193 -32.58 12.33 -27.48
CA SER E 193 -31.66 13.22 -26.78
C SER E 193 -31.65 14.55 -27.51
N ILE E 194 -32.08 15.62 -26.81
CA ILE E 194 -32.20 16.92 -27.45
C ILE E 194 -30.85 17.39 -27.95
N GLU E 195 -29.76 16.92 -27.34
CA GLU E 195 -28.42 17.35 -27.73
C GLU E 195 -27.88 16.60 -28.94
N LYS E 196 -28.40 15.40 -29.22
CA LYS E 196 -27.86 14.56 -30.27
C LYS E 196 -28.78 14.41 -31.49
N GLU E 197 -30.09 14.56 -31.31
CA GLU E 197 -31.05 14.33 -32.39
C GLU E 197 -31.94 15.53 -32.67
N THR E 198 -32.48 16.18 -31.64
CA THR E 198 -33.45 17.25 -31.86
C THR E 198 -32.77 18.55 -32.30
N PHE E 199 -31.73 18.96 -31.58
CA PHE E 199 -31.03 20.19 -31.93
C PHE E 199 -30.45 20.17 -33.35
N PRO E 200 -29.83 19.09 -33.84
CA PRO E 200 -29.38 19.09 -35.25
C PRO E 200 -30.52 19.18 -36.25
N LYS E 201 -31.74 18.78 -35.88
CA LYS E 201 -32.85 18.88 -36.82
C LYS E 201 -33.23 20.33 -37.10
N ILE E 202 -33.14 21.20 -36.09
CA ILE E 202 -33.44 22.61 -36.29
C ILE E 202 -32.23 23.40 -36.78
N ALA E 203 -31.01 22.92 -36.53
CA ALA E 203 -29.82 23.61 -37.00
C ALA E 203 -29.72 23.55 -38.51
N ALA E 204 -30.02 22.39 -39.11
CA ALA E 204 -30.00 22.26 -40.56
C ALA E 204 -31.08 23.10 -41.23
N ALA E 205 -32.13 23.47 -40.50
CA ALA E 205 -33.17 24.34 -41.04
C ALA E 205 -32.81 25.81 -40.94
N GLN E 206 -31.74 26.15 -40.21
CA GLN E 206 -31.29 27.54 -40.04
C GLN E 206 -32.40 28.44 -39.52
N GLY E 207 -33.19 27.91 -38.58
CA GLY E 207 -34.27 28.68 -38.01
C GLY E 207 -34.07 28.95 -36.53
N LEU E 208 -32.84 28.80 -36.06
CA LEU E 208 -32.48 29.02 -34.67
C LEU E 208 -31.36 30.05 -34.56
N TYR E 209 -31.06 30.41 -33.32
CA TYR E 209 -30.00 31.36 -33.01
C TYR E 209 -29.47 31.08 -31.62
N VAL E 212 -24.68 34.23 -25.98
CA VAL E 212 -23.54 33.92 -25.11
C VAL E 212 -23.88 34.27 -23.68
N LEU E 213 -23.45 33.42 -22.75
CA LEU E 213 -23.70 33.62 -21.32
C LEU E 213 -22.63 34.51 -20.73
N PRO E 214 -22.99 35.69 -20.20
CA PRO E 214 -21.96 36.56 -19.60
C PRO E 214 -21.75 36.29 -18.12
N GLY E 215 -21.77 35.01 -17.74
CA GLY E 215 -21.64 34.68 -16.33
C GLY E 215 -20.92 33.36 -16.10
N PHE E 216 -21.09 32.81 -14.90
CA PHE E 216 -20.43 31.57 -14.53
C PHE E 216 -21.29 30.37 -14.91
N TRP E 217 -20.62 29.23 -15.11
CA TRP E 217 -21.28 27.99 -15.44
C TRP E 217 -20.66 26.86 -14.63
N MET E 218 -21.51 25.99 -14.10
CA MET E 218 -21.07 24.87 -13.28
C MET E 218 -22.08 23.75 -13.40
N ASP E 219 -21.60 22.55 -13.73
CA ASP E 219 -22.44 21.36 -13.77
C ASP E 219 -22.24 20.64 -12.44
N ILE E 220 -23.23 20.73 -11.56
CA ILE E 220 -23.17 20.11 -10.24
C ILE E 220 -23.67 18.69 -10.39
N GLY E 221 -22.74 17.74 -10.41
CA GLY E 221 -23.10 16.33 -10.53
C GLY E 221 -22.45 15.48 -9.46
N GLN E 222 -21.83 16.13 -8.48
CA GLN E 222 -21.15 15.45 -7.39
C GLN E 222 -21.17 16.37 -6.18
N PRO E 223 -21.24 15.81 -4.96
CA PRO E 223 -21.37 16.66 -3.77
C PRO E 223 -20.17 17.57 -3.55
N ARG E 224 -19.00 17.26 -4.11
CA ARG E 224 -17.84 18.11 -3.94
C ARG E 224 -17.93 19.37 -4.81
N ASP E 225 -18.83 19.39 -5.80
CA ASP E 225 -19.00 20.58 -6.62
C ASP E 225 -19.74 21.68 -5.87
N TYR E 226 -20.25 21.40 -4.68
CA TYR E 226 -20.99 22.41 -3.92
C TYR E 226 -20.06 23.46 -3.35
N ILE E 227 -18.83 23.09 -3.01
CA ILE E 227 -17.90 24.07 -2.46
C ILE E 227 -17.26 24.90 -3.55
N THR E 228 -17.03 24.32 -4.73
CA THR E 228 -16.48 25.10 -5.83
C THR E 228 -17.56 25.85 -6.60
N GLY E 229 -18.79 25.33 -6.63
CA GLY E 229 -19.88 26.05 -7.25
C GLY E 229 -20.37 27.22 -6.42
N LEU E 230 -20.22 27.13 -5.09
CA LEU E 230 -20.62 28.24 -4.23
C LEU E 230 -19.68 29.44 -4.39
N ARG E 231 -18.42 29.20 -4.75
CA ARG E 231 -17.51 30.32 -5.03
C ARG E 231 -18.01 31.14 -6.22
N LEU E 232 -18.35 30.46 -7.31
CA LEU E 232 -18.86 31.15 -8.49
C LEU E 232 -20.14 31.90 -8.18
N TYR E 233 -20.96 31.37 -7.28
CA TYR E 233 -22.20 32.03 -6.91
C TYR E 233 -21.95 33.27 -6.07
N LEU E 234 -21.15 33.13 -5.00
CA LEU E 234 -20.85 34.28 -4.15
C LEU E 234 -20.04 35.33 -4.89
N ASP E 235 -19.23 34.92 -5.87
CA ASP E 235 -18.50 35.90 -6.68
C ASP E 235 -19.46 36.75 -7.49
N SER E 236 -20.43 36.12 -8.14
CA SER E 236 -21.44 36.88 -8.89
C SER E 236 -22.27 37.75 -7.97
N LEU E 237 -22.44 37.35 -6.71
CA LEU E 237 -23.18 38.18 -5.76
C LEU E 237 -22.40 39.43 -5.39
N ARG E 238 -21.07 39.34 -5.33
CA ARG E 238 -20.25 40.53 -5.10
C ARG E 238 -20.43 41.56 -6.21
N LYS E 239 -20.86 41.13 -7.40
CA LYS E 239 -21.10 42.02 -8.53
C LYS E 239 -22.55 42.46 -8.60
N LYS E 240 -23.49 41.51 -8.51
CA LYS E 240 -24.90 41.82 -8.63
C LYS E 240 -25.36 42.70 -7.47
N SER E 241 -25.31 42.16 -6.24
CA SER E 241 -25.71 42.88 -5.05
C SER E 241 -24.71 42.58 -3.95
N PRO E 242 -23.73 43.48 -3.73
CA PRO E 242 -22.72 43.22 -2.70
C PRO E 242 -23.20 43.45 -1.29
N ALA E 243 -24.37 44.05 -1.10
CA ALA E 243 -24.93 44.29 0.22
C ALA E 243 -25.72 43.09 0.74
N LYS E 244 -25.82 42.01 -0.05
CA LYS E 244 -26.49 40.79 0.40
C LYS E 244 -25.53 39.84 1.09
N LEU E 245 -24.24 40.14 1.11
CA LEU E 245 -23.22 39.30 1.74
C LEU E 245 -22.76 39.98 3.03
N THR E 246 -22.80 39.23 4.13
CA THR E 246 -22.46 39.77 5.44
C THR E 246 -20.99 40.18 5.51
N SER E 247 -20.70 41.11 6.42
CA SER E 247 -19.36 41.64 6.59
C SER E 247 -19.09 41.89 8.07
N GLY E 248 -17.81 42.06 8.40
CA GLY E 248 -17.41 42.34 9.76
C GLY E 248 -15.94 42.11 10.03
N PRO E 249 -15.52 42.31 11.27
CA PRO E 249 -14.09 42.13 11.61
C PRO E 249 -13.68 40.67 11.63
N HIS E 250 -14.62 39.76 11.85
CA HIS E 250 -14.37 38.33 11.86
C HIS E 250 -14.73 37.66 10.55
N ILE E 251 -15.03 38.45 9.52
CA ILE E 251 -15.45 37.95 8.22
C ILE E 251 -14.36 38.20 7.21
N VAL E 252 -14.04 37.18 6.40
CA VAL E 252 -13.05 37.26 5.34
C VAL E 252 -13.65 36.70 4.07
N GLY E 253 -13.51 37.44 2.98
CA GLY E 253 -14.03 37.04 1.68
C GLY E 253 -15.51 37.25 1.51
N ASN E 254 -16.18 36.30 0.84
CA ASN E 254 -17.61 36.37 0.57
C ASN E 254 -18.32 35.36 1.47
N VAL E 255 -19.23 35.83 2.31
CA VAL E 255 -19.95 34.97 3.23
C VAL E 255 -21.44 35.31 3.16
N LEU E 256 -22.28 34.29 3.03
CA LEU E 256 -23.73 34.44 2.97
C LEU E 256 -24.32 33.82 4.24
N VAL E 257 -24.68 34.67 5.19
CA VAL E 257 -25.24 34.25 6.46
C VAL E 257 -26.74 34.51 6.43
N ASP E 258 -27.50 33.63 7.09
CA ASP E 258 -28.93 33.78 7.18
C ASP E 258 -29.30 34.66 8.38
N GLU E 259 -30.44 35.32 8.27
CA GLU E 259 -30.92 36.16 9.37
C GLU E 259 -31.22 35.33 10.61
N THR E 260 -31.55 34.05 10.43
CA THR E 260 -31.87 33.17 11.56
C THR E 260 -30.60 32.63 12.23
N ALA E 261 -29.52 32.46 11.47
CA ALA E 261 -28.30 31.88 12.01
C ALA E 261 -27.65 32.81 13.04
N THR E 262 -27.13 32.21 14.11
CA THR E 262 -26.45 32.93 15.18
C THR E 262 -25.00 32.47 15.29
N ILE E 263 -24.08 33.43 15.40
CA ILE E 263 -22.65 33.18 15.49
C ILE E 263 -22.15 33.65 16.85
N GLY E 264 -21.32 32.84 17.49
CA GLY E 264 -20.69 33.22 18.73
C GLY E 264 -19.61 34.27 18.52
N GLU E 265 -18.94 34.61 19.61
CA GLU E 265 -17.89 35.63 19.58
C GLU E 265 -16.52 34.98 19.39
N GLY E 266 -15.59 35.77 18.86
CA GLY E 266 -14.24 35.29 18.65
C GLY E 266 -14.10 34.22 17.59
N CYS E 267 -14.95 34.25 16.56
CA CYS E 267 -14.90 33.29 15.48
C CYS E 267 -14.22 33.90 14.26
N LEU E 268 -14.00 33.06 13.25
CA LEU E 268 -13.41 33.52 12.00
C LEU E 268 -14.02 32.70 10.87
N ILE E 269 -14.81 33.36 10.03
CA ILE E 269 -15.60 32.70 9.00
C ILE E 269 -15.18 33.24 7.64
N GLY E 270 -14.91 32.32 6.71
CA GLY E 270 -14.53 32.71 5.37
C GLY E 270 -13.21 32.10 4.94
N PRO E 271 -12.93 32.15 3.63
CA PRO E 271 -13.82 32.72 2.63
C PRO E 271 -14.83 31.71 2.09
N ASP E 272 -15.89 32.21 1.45
CA ASP E 272 -16.89 31.37 0.77
C ASP E 272 -17.53 30.38 1.74
N VAL E 273 -18.33 30.93 2.65
CA VAL E 273 -19.07 30.16 3.64
C VAL E 273 -20.54 30.58 3.59
N ALA E 274 -21.44 29.60 3.64
CA ALA E 274 -22.88 29.83 3.59
C ALA E 274 -23.54 29.05 4.72
N ILE E 275 -24.11 29.78 5.68
CA ILE E 275 -24.76 29.18 6.85
C ILE E 275 -26.27 29.28 6.68
N GLY E 276 -26.94 28.13 6.71
CA GLY E 276 -28.37 28.10 6.58
C GLY E 276 -29.07 28.70 7.79
N PRO E 277 -30.40 28.68 7.76
CA PRO E 277 -31.18 29.21 8.89
C PRO E 277 -31.27 28.21 10.04
N GLY E 278 -31.61 28.75 11.20
CA GLY E 278 -31.77 27.94 12.39
C GLY E 278 -30.49 27.34 12.94
N CYS E 279 -29.34 27.73 12.43
CA CYS E 279 -28.07 27.18 12.90
C CYS E 279 -27.64 27.88 14.18
N ILE E 280 -26.74 27.21 14.92
CA ILE E 280 -26.21 27.73 16.17
C ILE E 280 -24.70 27.53 16.13
N VAL E 281 -23.97 28.61 15.84
CA VAL E 281 -22.51 28.58 15.78
C VAL E 281 -21.96 29.10 17.10
N GLU E 282 -21.14 28.28 17.76
CA GLU E 282 -20.57 28.64 19.05
C GLU E 282 -19.29 29.44 18.82
N SER E 283 -18.57 29.73 19.91
CA SER E 283 -17.43 30.64 19.88
C SER E 283 -16.14 29.91 19.54
N GLY E 284 -15.20 30.63 18.96
CA GLY E 284 -13.88 30.09 18.69
C GLY E 284 -13.77 29.23 17.45
N VAL E 285 -14.77 29.25 16.57
CA VAL E 285 -14.78 28.37 15.41
C VAL E 285 -14.04 29.04 14.26
N ARG E 286 -13.63 28.23 13.27
CA ARG E 286 -12.90 28.71 12.10
C ARG E 286 -13.47 28.01 10.87
N LEU E 287 -14.35 28.70 10.15
CA LEU E 287 -15.00 28.17 8.98
C LEU E 287 -14.36 28.74 7.72
N SER E 288 -14.16 27.88 6.72
CA SER E 288 -13.49 28.30 5.50
C SER E 288 -13.86 27.35 4.37
N ARG E 289 -14.31 27.90 3.25
CA ARG E 289 -14.58 27.15 2.03
C ARG E 289 -15.64 26.06 2.24
N CYS E 290 -16.41 26.15 3.33
CA CYS E 290 -17.41 25.16 3.68
C CYS E 290 -18.81 25.73 3.52
N THR E 291 -19.80 24.85 3.69
CA THR E 291 -21.21 25.22 3.64
C THR E 291 -21.96 24.54 4.78
N VAL E 292 -22.77 25.32 5.50
CA VAL E 292 -23.55 24.83 6.64
C VAL E 292 -25.03 24.84 6.26
N MET E 293 -25.70 23.71 6.46
CA MET E 293 -27.12 23.60 6.16
C MET E 293 -27.93 23.88 7.43
N ARG E 294 -29.24 23.62 7.37
CA ARG E 294 -30.15 24.08 8.40
C ARG E 294 -29.96 23.34 9.72
N GLY E 295 -30.23 24.05 10.81
CA GLY E 295 -30.42 23.47 12.12
C GLY E 295 -29.20 22.86 12.79
N VAL E 296 -28.08 22.72 12.09
CA VAL E 296 -26.90 22.10 12.66
C VAL E 296 -26.19 23.09 13.57
N ARG E 297 -25.78 22.63 14.73
CA ARG E 297 -25.03 23.44 15.70
C ARG E 297 -23.57 23.02 15.69
N ILE E 298 -22.68 23.99 15.55
CA ILE E 298 -21.24 23.75 15.61
C ILE E 298 -20.75 24.26 16.96
N LYS E 299 -20.13 23.36 17.72
CA LYS E 299 -19.72 23.67 19.09
C LYS E 299 -18.44 24.52 19.07
N LYS E 300 -17.91 24.79 20.26
CA LYS E 300 -16.83 25.75 20.40
C LYS E 300 -15.52 25.19 19.89
N HIS E 301 -14.68 26.08 19.37
CA HIS E 301 -13.29 25.79 19.01
C HIS E 301 -13.18 24.77 17.89
N ALA E 302 -14.18 24.72 17.02
CA ALA E 302 -14.13 23.82 15.87
C ALA E 302 -13.46 24.51 14.69
N CYS E 303 -12.75 23.73 13.89
CA CYS E 303 -12.04 24.23 12.72
C CYS E 303 -12.47 23.41 11.51
N ILE E 304 -13.32 24.00 10.67
CA ILE E 304 -13.86 23.32 9.50
C ILE E 304 -13.38 24.03 8.24
N SER E 305 -12.82 23.25 7.32
CA SER E 305 -12.34 23.79 6.05
C SER E 305 -12.80 22.88 4.92
N SER E 306 -13.38 23.48 3.88
CA SER E 306 -13.77 22.82 2.63
C SER E 306 -14.53 21.51 2.87
N SER E 307 -15.70 21.62 3.49
CA SER E 307 -16.52 20.47 3.81
C SER E 307 -18.00 20.83 3.64
N ILE E 308 -18.86 19.85 3.83
CA ILE E 308 -20.30 19.99 3.64
C ILE E 308 -21.01 19.40 4.85
N ILE E 309 -21.81 20.21 5.54
CA ILE E 309 -22.52 19.80 6.74
C ILE E 309 -24.01 19.65 6.42
N GLY E 310 -24.58 18.52 6.80
CA GLY E 310 -25.98 18.22 6.54
C GLY E 310 -26.91 18.92 7.54
N TRP E 311 -28.19 18.56 7.44
CA TRP E 311 -29.21 19.14 8.29
C TRP E 311 -29.15 18.56 9.70
N HIS E 312 -29.34 19.44 10.69
CA HIS E 312 -29.56 19.06 12.08
C HIS E 312 -28.44 18.16 12.61
N SER E 313 -27.21 18.43 12.16
CA SER E 313 -26.07 17.69 12.67
C SER E 313 -25.50 18.42 13.88
N THR E 314 -24.38 17.92 14.39
CA THR E 314 -23.76 18.52 15.56
C THR E 314 -22.28 18.19 15.55
N VAL E 315 -21.45 19.23 15.47
CA VAL E 315 -19.99 19.08 15.50
C VAL E 315 -19.54 19.37 16.93
N GLY E 316 -18.87 18.39 17.53
CA GLY E 316 -18.39 18.56 18.89
C GLY E 316 -17.32 19.64 19.01
N GLN E 317 -16.95 19.92 20.26
CA GLN E 317 -15.94 20.93 20.54
C GLN E 317 -14.56 20.47 20.09
N TRP E 318 -13.74 21.43 19.65
CA TRP E 318 -12.36 21.19 19.23
C TRP E 318 -12.25 20.17 18.09
N ALA E 319 -13.35 19.90 17.39
CA ALA E 319 -13.30 18.93 16.30
C ALA E 319 -12.75 19.59 15.04
N ARG E 320 -11.91 18.85 14.32
CA ARG E 320 -11.30 19.33 13.08
C ARG E 320 -11.86 18.55 11.90
N ILE E 321 -12.40 19.28 10.93
CA ILE E 321 -13.02 18.73 9.73
C ILE E 321 -12.36 19.38 8.54
N GLU E 322 -11.86 18.57 7.61
CA GLU E 322 -11.19 19.11 6.44
C GLU E 322 -11.26 18.11 5.30
N ASN E 323 -10.86 18.59 4.11
CA ASN E 323 -10.62 17.76 2.93
C ASN E 323 -11.91 17.08 2.45
N MET E 324 -12.89 17.92 2.11
CA MET E 324 -14.12 17.48 1.46
C MET E 324 -14.83 16.40 2.27
N THR E 325 -14.98 16.66 3.57
CA THR E 325 -15.71 15.75 4.45
C THR E 325 -17.21 15.98 4.29
N ILE E 326 -17.94 14.92 3.98
CA ILE E 326 -19.37 14.99 3.67
C ILE E 326 -20.14 14.31 4.79
N LEU E 327 -21.03 15.05 5.44
CA LEU E 327 -21.84 14.55 6.53
C LEU E 327 -23.30 14.51 6.11
N GLY E 328 -24.00 13.45 6.52
CA GLY E 328 -25.41 13.31 6.26
C GLY E 328 -26.26 14.06 7.27
N GLU E 329 -27.56 13.85 7.16
CA GLU E 329 -28.48 14.49 8.09
C GLU E 329 -28.36 13.88 9.48
N ASP E 330 -28.34 14.74 10.49
CA ASP E 330 -28.31 14.31 11.90
C ASP E 330 -27.12 13.39 12.16
N VAL E 331 -25.92 13.97 12.00
CA VAL E 331 -24.67 13.28 12.27
C VAL E 331 -24.02 13.97 13.45
N HIS E 332 -23.71 13.21 14.49
CA HIS E 332 -23.20 13.76 15.74
C HIS E 332 -21.73 13.40 15.85
N VAL E 333 -20.87 14.38 15.60
CA VAL E 333 -19.44 14.21 15.72
C VAL E 333 -19.02 14.56 17.14
N SER E 334 -18.34 13.63 17.81
CA SER E 334 -17.89 13.86 19.17
C SER E 334 -16.84 14.97 19.20
N ASP E 335 -16.45 15.35 20.41
CA ASP E 335 -15.42 16.35 20.57
C ASP E 335 -14.06 15.80 20.14
N GLU E 336 -13.19 16.71 19.68
CA GLU E 336 -11.79 16.40 19.39
C GLU E 336 -11.63 15.34 18.30
N ILE E 337 -12.62 15.22 17.42
CA ILE E 337 -12.60 14.22 16.36
C ILE E 337 -12.07 14.85 15.07
N TYR E 338 -11.20 14.13 14.37
CA TYR E 338 -10.58 14.60 13.14
C TYR E 338 -11.12 13.84 11.95
N SER E 339 -11.42 14.57 10.88
CA SER E 339 -11.97 14.00 9.64
C SER E 339 -11.15 14.47 8.45
N ASN E 340 -10.62 13.51 7.69
CA ASN E 340 -9.87 13.82 6.48
C ASN E 340 -10.56 13.23 5.26
N GLY E 341 -11.78 13.68 4.99
CA GLY E 341 -12.52 13.20 3.84
C GLY E 341 -13.45 12.04 4.13
N GLY E 342 -14.15 12.12 5.27
CA GLY E 342 -15.07 11.06 5.65
C GLY E 342 -16.49 11.29 5.18
N VAL E 343 -16.94 10.48 4.22
CA VAL E 343 -18.30 10.56 3.71
C VAL E 343 -19.18 9.69 4.61
N VAL E 344 -19.90 10.35 5.52
CA VAL E 344 -20.65 9.65 6.55
C VAL E 344 -22.12 9.61 6.17
N LEU E 345 -22.78 8.50 6.54
CA LEU E 345 -24.21 8.35 6.33
C LEU E 345 -24.99 9.13 7.37
N PRO E 346 -26.23 9.51 7.07
CA PRO E 346 -27.05 10.20 8.06
C PRO E 346 -27.36 9.31 9.24
N HIS E 347 -27.70 9.96 10.36
CA HIS E 347 -28.02 9.29 11.62
C HIS E 347 -26.88 8.36 12.04
N LYS E 348 -25.71 8.96 12.22
CA LYS E 348 -24.49 8.25 12.59
C LYS E 348 -23.73 9.09 13.62
N GLU E 349 -23.28 8.45 14.68
CA GLU E 349 -22.47 9.09 15.71
C GLU E 349 -21.00 8.76 15.47
N ILE E 350 -20.19 9.78 15.24
CA ILE E 350 -18.77 9.61 14.94
C ILE E 350 -18.02 9.79 16.24
N LYS E 351 -17.44 8.69 16.74
CA LYS E 351 -16.63 8.71 17.96
C LYS E 351 -15.18 8.35 17.69
N SER E 352 -14.80 8.18 16.42
CA SER E 352 -13.42 7.88 16.05
C SER E 352 -13.01 8.85 14.95
N ASN E 353 -11.69 9.05 14.83
CA ASN E 353 -11.16 9.97 13.83
C ASN E 353 -11.22 9.33 12.45
N ILE E 354 -11.64 10.12 11.47
CA ILE E 354 -11.58 9.72 10.07
C ILE E 354 -10.31 10.32 9.47
N LEU E 355 -9.16 9.77 9.88
CA LEU E 355 -7.85 10.34 9.53
C LEU E 355 -7.51 10.23 8.05
N LYS E 356 -8.27 9.45 7.28
CA LYS E 356 -8.05 9.29 5.85
C LYS E 356 -9.41 9.13 5.19
N PRO E 357 -9.51 9.44 3.89
CA PRO E 357 -10.81 9.32 3.20
C PRO E 357 -11.39 7.92 3.33
N GLU E 358 -12.65 7.86 3.79
CA GLU E 358 -13.29 6.60 4.13
C GLU E 358 -14.80 6.83 4.19
N ILE E 359 -15.57 5.85 3.74
CA ILE E 359 -17.03 5.93 3.75
C ILE E 359 -17.54 5.22 5.00
N VAL E 360 -18.18 5.97 5.88
CA VAL E 360 -18.72 5.46 7.14
C VAL E 360 -20.23 5.35 7.00
N MET E 361 -20.80 4.27 7.52
CA MET E 361 -22.23 4.05 7.44
C MET E 361 -22.89 4.07 8.82
N MET F 1 -49.13 -14.68 31.42
CA MET F 1 -47.69 -14.49 31.52
C MET F 1 -47.23 -13.41 30.55
N LYS F 2 -46.26 -12.60 30.98
CA LYS F 2 -45.77 -11.47 30.20
C LYS F 2 -44.34 -11.73 29.73
N ALA F 3 -43.82 -10.80 28.94
CA ALA F 3 -42.48 -10.90 28.39
C ALA F 3 -42.05 -9.54 27.86
N LEU F 4 -40.73 -9.33 27.82
CA LEU F 4 -40.14 -8.09 27.32
C LEU F 4 -38.91 -8.42 26.49
N ILE F 5 -38.75 -7.72 25.38
CA ILE F 5 -37.64 -7.94 24.45
C ILE F 5 -36.87 -6.63 24.30
N LEU F 6 -35.57 -6.68 24.59
CA LEU F 6 -34.69 -5.53 24.41
C LEU F 6 -34.22 -5.49 22.95
N VAL F 7 -34.62 -4.45 22.22
CA VAL F 7 -34.22 -4.28 20.83
C VAL F 7 -33.04 -3.32 20.73
N GLY F 8 -33.21 -2.11 21.26
CA GLY F 8 -32.18 -1.11 21.14
C GLY F 8 -32.54 -0.04 20.12
N GLY F 9 -31.64 0.23 19.19
CA GLY F 9 -31.85 1.20 18.15
C GLY F 9 -32.36 0.59 16.86
N PHE F 10 -32.03 1.25 15.75
CA PHE F 10 -32.47 0.85 14.42
C PHE F 10 -31.56 -0.19 13.78
N GLY F 11 -30.37 -0.41 14.32
CA GLY F 11 -29.41 -1.30 13.71
C GLY F 11 -28.38 -0.58 12.86
N THR F 12 -27.68 0.39 13.46
CA THR F 12 -26.71 1.18 12.71
C THR F 12 -25.57 0.31 12.20
N ARG F 13 -25.17 -0.70 12.96
CA ARG F 13 -24.08 -1.59 12.58
C ARG F 13 -24.53 -2.69 11.64
N LEU F 14 -25.79 -2.65 11.19
CA LEU F 14 -26.31 -3.65 10.25
C LEU F 14 -26.68 -3.02 8.91
N ARG F 15 -26.27 -1.78 8.66
CA ARG F 15 -26.51 -1.15 7.38
C ARG F 15 -25.75 -1.89 6.29
N PRO F 16 -26.21 -1.80 5.02
CA PRO F 16 -27.35 -1.03 4.51
C PRO F 16 -28.69 -1.74 4.63
N LEU F 17 -28.73 -2.89 5.32
CA LEU F 17 -29.99 -3.61 5.45
C LEU F 17 -30.95 -2.91 6.39
N THR F 18 -30.43 -2.13 7.34
CA THR F 18 -31.26 -1.40 8.29
C THR F 18 -31.43 0.06 7.91
N LEU F 19 -31.08 0.43 6.68
CA LEU F 19 -31.33 1.79 6.22
C LEU F 19 -32.82 2.04 5.98
N SER F 20 -33.58 1.01 5.66
CA SER F 20 -35.01 1.13 5.41
C SER F 20 -35.83 0.42 6.49
N PHE F 21 -35.68 -0.91 6.60
CA PHE F 21 -36.38 -1.63 7.64
C PHE F 21 -35.55 -1.66 8.91
N PRO F 22 -36.16 -1.52 10.08
CA PRO F 22 -35.38 -1.51 11.32
C PRO F 22 -34.76 -2.87 11.60
N LYS F 23 -33.92 -2.90 12.62
CA LYS F 23 -33.19 -4.12 12.97
C LYS F 23 -34.07 -5.35 13.15
N PRO F 24 -35.17 -5.30 13.90
CA PRO F 24 -35.95 -6.53 14.12
C PRO F 24 -36.82 -6.96 12.94
N LEU F 25 -36.93 -6.15 11.88
CA LEU F 25 -37.76 -6.49 10.74
C LEU F 25 -36.97 -7.11 9.59
N VAL F 26 -35.69 -7.37 9.80
CA VAL F 26 -34.87 -7.99 8.77
C VAL F 26 -35.14 -9.49 8.75
N ASP F 27 -35.47 -10.01 7.56
CA ASP F 27 -35.72 -11.44 7.40
C ASP F 27 -34.44 -12.23 7.61
N PHE F 28 -34.41 -13.07 8.64
CA PHE F 28 -33.31 -13.99 8.88
C PHE F 28 -33.81 -15.41 8.68
N ALA F 29 -33.23 -16.10 7.68
CA ALA F 29 -33.68 -17.44 7.29
C ALA F 29 -35.19 -17.44 7.04
N ASN F 30 -35.60 -16.64 6.05
CA ASN F 30 -36.98 -16.48 5.58
C ASN F 30 -37.81 -15.60 6.51
N LYS F 31 -37.72 -15.82 7.83
CA LYS F 31 -38.55 -15.13 8.79
C LYS F 31 -37.85 -13.91 9.37
N PRO F 32 -38.61 -12.86 9.70
CA PRO F 32 -38.00 -11.70 10.37
C PRO F 32 -37.35 -12.11 11.68
N MET F 33 -36.35 -11.32 12.09
CA MET F 33 -35.58 -11.66 13.29
C MET F 33 -36.43 -11.63 14.55
N ILE F 34 -37.51 -10.84 14.55
CA ILE F 34 -38.35 -10.73 15.74
C ILE F 34 -39.21 -11.96 15.94
N LEU F 35 -39.56 -12.67 14.86
CA LEU F 35 -40.44 -13.82 14.97
C LEU F 35 -39.73 -15.07 15.51
N HIS F 36 -38.40 -15.04 15.61
CA HIS F 36 -37.68 -16.21 16.09
C HIS F 36 -37.88 -16.42 17.59
N GLN F 37 -38.15 -15.35 18.33
CA GLN F 37 -38.36 -15.45 19.76
C GLN F 37 -39.80 -15.17 20.18
N ILE F 38 -40.64 -14.63 19.28
CA ILE F 38 -42.04 -14.47 19.61
C ILE F 38 -42.76 -15.82 19.59
N GLU F 39 -42.48 -16.64 18.57
CA GLU F 39 -43.05 -17.98 18.52
C GLU F 39 -42.51 -18.85 19.65
N ALA F 40 -41.27 -18.60 20.09
CA ALA F 40 -40.74 -19.33 21.24
C ALA F 40 -41.44 -18.90 22.52
N LEU F 41 -41.88 -17.64 22.61
CA LEU F 41 -42.68 -17.21 23.76
C LEU F 41 -44.09 -17.75 23.72
N LYS F 42 -44.59 -18.15 22.55
CA LYS F 42 -45.87 -18.83 22.48
C LYS F 42 -45.76 -20.30 22.89
N ALA F 43 -44.55 -20.87 22.86
CA ALA F 43 -44.37 -22.23 23.34
C ALA F 43 -44.57 -22.32 24.84
N VAL F 44 -44.36 -21.22 25.57
CA VAL F 44 -44.65 -21.16 27.00
C VAL F 44 -45.94 -20.41 27.29
N GLY F 45 -46.73 -20.10 26.26
CA GLY F 45 -48.03 -19.49 26.45
C GLY F 45 -47.98 -18.05 26.93
N VAL F 46 -47.18 -17.22 26.27
CA VAL F 46 -47.10 -15.80 26.58
C VAL F 46 -48.07 -15.05 25.66
N ASP F 47 -48.97 -14.28 26.26
CA ASP F 47 -50.01 -13.56 25.53
C ASP F 47 -49.56 -12.19 25.07
N GLU F 48 -48.87 -11.42 25.92
CA GLU F 48 -48.49 -10.06 25.61
C GLU F 48 -46.98 -9.94 25.56
N VAL F 49 -46.49 -9.16 24.60
CA VAL F 49 -45.06 -8.94 24.41
C VAL F 49 -44.82 -7.46 24.18
N VAL F 50 -43.86 -6.89 24.92
CA VAL F 50 -43.52 -5.47 24.82
C VAL F 50 -42.13 -5.35 24.23
N LEU F 51 -41.92 -4.28 23.46
CA LEU F 51 -40.66 -4.03 22.78
C LEU F 51 -40.02 -2.78 23.38
N ALA F 52 -38.82 -2.94 23.95
CA ALA F 52 -38.07 -1.83 24.53
C ALA F 52 -37.16 -1.22 23.46
N ILE F 53 -37.80 -0.52 22.52
CA ILE F 53 -37.11 0.12 21.40
C ILE F 53 -36.64 1.51 21.79
N ASN F 54 -35.82 2.12 20.94
CA ASN F 54 -35.38 3.49 21.13
C ASN F 54 -35.83 4.45 20.03
N TYR F 55 -36.19 3.94 18.85
CA TYR F 55 -36.68 4.76 17.77
C TYR F 55 -38.21 4.83 17.82
N GLN F 56 -38.80 5.52 16.85
CA GLN F 56 -40.25 5.65 16.79
C GLN F 56 -40.86 4.40 16.16
N PRO F 57 -41.87 3.78 16.78
CA PRO F 57 -42.46 2.56 16.23
C PRO F 57 -43.39 2.80 15.04
N GLU F 58 -43.51 4.05 14.58
CA GLU F 58 -44.46 4.38 13.52
C GLU F 58 -44.15 3.67 12.22
N VAL F 59 -42.93 3.20 12.04
CA VAL F 59 -42.55 2.55 10.79
C VAL F 59 -42.84 1.06 10.77
N MET F 60 -43.01 0.44 11.93
CA MET F 60 -43.23 -1.01 12.02
C MET F 60 -44.58 -1.35 12.61
N LEU F 61 -45.47 -0.37 12.80
CA LEU F 61 -46.78 -0.66 13.35
C LEU F 61 -47.57 -1.59 12.45
N ASN F 62 -47.41 -1.45 11.12
CA ASN F 62 -48.09 -2.35 10.22
C ASN F 62 -47.55 -3.77 10.34
N PHE F 63 -46.26 -3.90 10.63
CA PHE F 63 -45.67 -5.22 10.76
C PHE F 63 -46.05 -5.87 12.09
N LEU F 64 -46.00 -5.10 13.18
CA LEU F 64 -46.36 -5.65 14.48
C LEU F 64 -47.86 -5.91 14.58
N LYS F 65 -48.68 -5.18 13.82
CA LYS F 65 -50.11 -5.40 13.84
C LYS F 65 -50.51 -6.64 13.05
N ASP F 66 -49.70 -7.03 12.06
CA ASP F 66 -50.01 -8.22 11.26
C ASP F 66 -49.57 -9.50 11.96
N PHE F 67 -48.72 -9.40 12.97
CA PHE F 67 -48.26 -10.56 13.72
C PHE F 67 -49.07 -10.81 14.98
N GLU F 68 -49.89 -9.85 15.42
CA GLU F 68 -50.70 -10.06 16.62
C GLU F 68 -51.84 -11.04 16.38
N THR F 69 -52.41 -11.06 15.19
CA THR F 69 -53.51 -11.97 14.86
C THR F 69 -53.01 -13.30 14.35
N LYS F 70 -51.95 -13.30 13.55
CA LYS F 70 -51.40 -14.55 13.04
C LYS F 70 -50.88 -15.44 14.16
N LEU F 71 -50.25 -14.84 15.17
CA LEU F 71 -49.63 -15.58 16.26
C LEU F 71 -50.46 -15.58 17.53
N GLU F 72 -51.55 -14.83 17.57
CA GLU F 72 -52.40 -14.70 18.76
C GLU F 72 -51.58 -14.25 19.97
N ILE F 73 -50.97 -13.09 19.83
CA ILE F 73 -50.10 -12.51 20.87
C ILE F 73 -50.30 -11.00 20.84
N LYS F 74 -50.32 -10.40 22.03
CA LYS F 74 -50.44 -8.96 22.16
C LYS F 74 -49.05 -8.33 22.05
N ILE F 75 -48.90 -7.41 21.10
CA ILE F 75 -47.61 -6.77 20.84
C ILE F 75 -47.80 -5.26 20.98
N THR F 76 -47.13 -4.67 21.97
CA THR F 76 -47.16 -3.24 22.21
C THR F 76 -45.74 -2.72 22.31
N CYS F 77 -45.55 -1.45 21.99
CA CYS F 77 -44.24 -0.83 21.94
C CYS F 77 -44.00 0.08 23.15
N SER F 78 -42.72 0.26 23.47
CA SER F 78 -42.29 1.20 24.50
C SER F 78 -41.09 1.97 23.95
N GLN F 79 -41.22 3.29 23.89
CA GLN F 79 -40.18 4.15 23.34
C GLN F 79 -39.63 5.05 24.43
N GLU F 80 -38.32 5.00 24.64
CA GLU F 80 -37.63 5.83 25.62
C GLU F 80 -36.95 7.01 24.94
N THR F 81 -36.92 8.14 25.64
CA THR F 81 -36.24 9.33 25.12
C THR F 81 -34.75 9.09 24.92
N GLU F 82 -34.08 8.55 25.94
CA GLU F 82 -32.67 8.25 25.86
C GLU F 82 -32.42 6.78 26.21
N PRO F 83 -31.38 6.17 25.66
CA PRO F 83 -30.96 4.85 26.13
C PRO F 83 -30.51 4.91 27.58
N LEU F 84 -31.21 4.17 28.43
CA LEU F 84 -30.97 4.20 29.87
C LEU F 84 -30.13 3.01 30.30
N GLY F 85 -28.97 2.87 29.67
CA GLY F 85 -28.11 1.74 29.95
C GLY F 85 -28.71 0.45 29.42
N THR F 86 -28.66 -0.58 30.25
CA THR F 86 -29.24 -1.88 29.90
C THR F 86 -30.48 -2.22 30.71
N ALA F 87 -30.60 -1.72 31.94
CA ALA F 87 -31.75 -2.01 32.80
C ALA F 87 -32.77 -0.89 32.82
N GLY F 88 -32.45 0.27 32.26
CA GLY F 88 -33.36 1.39 32.23
C GLY F 88 -34.67 1.13 31.51
N PRO F 89 -34.61 0.65 30.25
CA PRO F 89 -35.86 0.36 29.51
C PRO F 89 -36.81 -0.58 30.25
N LEU F 90 -36.28 -1.41 31.16
CA LEU F 90 -37.15 -2.26 31.95
C LEU F 90 -37.88 -1.48 33.04
N ALA F 91 -37.29 -0.38 33.51
CA ALA F 91 -37.96 0.43 34.53
C ALA F 91 -39.17 1.14 33.96
N LEU F 92 -39.17 1.44 32.66
CA LEU F 92 -40.30 2.10 32.03
C LEU F 92 -41.43 1.13 31.74
N ALA F 93 -41.10 -0.10 31.37
CA ALA F 93 -42.09 -1.11 31.00
C ALA F 93 -42.58 -1.94 32.17
N ARG F 94 -42.31 -1.51 33.41
CA ARG F 94 -42.77 -2.26 34.57
C ARG F 94 -44.28 -2.24 34.70
N ASP F 95 -44.96 -1.23 34.15
CA ASP F 95 -46.40 -1.16 34.26
C ASP F 95 -47.09 -2.19 33.38
N LYS F 96 -46.51 -2.52 32.23
CA LYS F 96 -47.05 -3.50 31.32
C LYS F 96 -46.63 -4.94 31.64
N LEU F 97 -45.77 -5.13 32.64
CA LEU F 97 -45.27 -6.45 32.99
C LEU F 97 -45.95 -7.04 34.22
N LEU F 98 -46.52 -6.21 35.09
CA LEU F 98 -47.17 -6.68 36.31
C LEU F 98 -48.66 -6.88 36.02
N ASP F 99 -49.08 -8.14 35.93
CA ASP F 99 -50.48 -8.46 35.73
C ASP F 99 -51.22 -8.66 37.05
N GLY F 100 -50.50 -8.80 38.16
CA GLY F 100 -51.08 -9.01 39.47
C GLY F 100 -50.82 -10.39 40.02
N SER F 101 -50.63 -11.38 39.16
CA SER F 101 -50.38 -12.74 39.62
C SER F 101 -48.97 -12.93 40.16
N GLY F 102 -48.06 -12.00 39.89
CA GLY F 102 -46.70 -12.09 40.36
C GLY F 102 -45.93 -13.25 39.78
N GLU F 103 -46.04 -13.45 38.45
CA GLU F 103 -45.32 -14.51 37.78
C GLU F 103 -44.07 -13.98 37.11
N PRO F 104 -43.00 -14.78 37.05
CA PRO F 104 -41.76 -14.31 36.42
C PRO F 104 -41.94 -14.08 34.92
N PHE F 105 -41.29 -13.03 34.42
CA PHE F 105 -41.32 -12.68 33.02
C PHE F 105 -39.94 -12.86 32.40
N PHE F 106 -39.92 -12.99 31.08
CA PHE F 106 -38.71 -13.20 30.30
C PHE F 106 -38.22 -11.87 29.73
N VAL F 107 -36.90 -11.74 29.64
CA VAL F 107 -36.25 -10.58 29.02
C VAL F 107 -35.26 -11.11 27.99
N LEU F 108 -35.52 -10.82 26.72
CA LEU F 108 -34.72 -11.33 25.62
C LEU F 108 -34.06 -10.20 24.84
N ASN F 109 -32.90 -10.49 24.26
CA ASN F 109 -32.18 -9.56 23.42
C ASN F 109 -32.38 -9.94 21.96
N SER F 110 -32.59 -8.92 21.11
CA SER F 110 -32.83 -9.17 19.69
C SER F 110 -31.56 -9.55 18.94
N ASP F 111 -30.39 -9.32 19.53
CA ASP F 111 -29.11 -9.58 18.86
C ASP F 111 -28.55 -10.96 19.17
N VAL F 112 -29.36 -11.88 19.66
CA VAL F 112 -28.91 -13.21 20.08
C VAL F 112 -29.82 -14.26 19.46
N ILE F 113 -29.23 -15.39 19.07
CA ILE F 113 -29.97 -16.54 18.59
C ILE F 113 -29.57 -17.77 19.38
N SER F 114 -30.50 -18.70 19.52
CA SER F 114 -30.29 -19.94 20.28
C SER F 114 -31.45 -20.88 19.96
N GLU F 115 -31.50 -22.01 20.67
CA GLU F 115 -32.58 -22.98 20.51
C GLU F 115 -33.81 -22.65 21.36
N TYR F 116 -33.65 -21.78 22.37
CA TYR F 116 -34.72 -21.30 23.25
C TYR F 116 -35.53 -22.43 23.88
N PRO F 117 -34.99 -23.12 24.87
CA PRO F 117 -35.77 -24.10 25.65
C PRO F 117 -36.48 -23.43 26.83
N LEU F 118 -37.45 -22.57 26.51
CA LEU F 118 -38.11 -21.79 27.55
C LEU F 118 -39.02 -22.65 28.42
N LYS F 119 -39.55 -23.74 27.88
CA LYS F 119 -40.47 -24.57 28.64
C LYS F 119 -39.79 -25.21 29.85
N GLU F 120 -38.67 -25.89 29.61
CA GLU F 120 -37.96 -26.58 30.67
C GLU F 120 -37.13 -25.65 31.55
N MET F 121 -37.29 -24.34 31.39
CA MET F 121 -36.67 -23.37 32.28
C MET F 121 -37.59 -22.98 33.44
N LEU F 122 -38.90 -22.95 33.20
CA LEU F 122 -39.85 -22.71 34.28
C LEU F 122 -39.79 -23.82 35.31
N GLU F 123 -39.68 -25.07 34.86
CA GLU F 123 -39.47 -26.18 35.78
C GLU F 123 -38.14 -26.06 36.51
N PHE F 124 -37.11 -25.52 35.83
CA PHE F 124 -35.87 -25.21 36.51
C PHE F 124 -36.03 -24.04 37.47
N HIS F 125 -37.13 -23.28 37.37
CA HIS F 125 -37.46 -22.20 38.28
C HIS F 125 -38.39 -22.63 39.40
N LYS F 126 -39.39 -23.46 39.09
CA LYS F 126 -40.38 -23.90 40.06
C LYS F 126 -39.93 -25.12 40.85
N SER F 127 -38.62 -25.40 40.88
CA SER F 127 -38.08 -26.54 41.61
C SER F 127 -37.36 -26.12 42.88
N HIS F 128 -36.39 -25.21 42.77
CA HIS F 128 -35.66 -24.72 43.93
C HIS F 128 -36.24 -23.43 44.50
N GLY F 129 -37.13 -22.76 43.78
CA GLY F 129 -37.75 -21.55 44.29
C GLY F 129 -36.88 -20.31 44.25
N GLY F 130 -36.00 -20.19 43.26
CA GLY F 130 -35.16 -19.01 43.14
C GLY F 130 -35.95 -17.77 42.81
N GLU F 131 -35.26 -16.63 42.80
CA GLU F 131 -35.86 -15.34 42.49
C GLU F 131 -35.55 -14.86 41.07
N ALA F 132 -34.30 -15.00 40.62
CA ALA F 132 -33.89 -14.52 39.32
C ALA F 132 -33.11 -15.61 38.59
N SER F 133 -33.28 -15.65 37.26
CA SER F 133 -32.65 -16.66 36.43
C SER F 133 -32.07 -16.03 35.18
N ILE F 134 -30.85 -16.44 34.83
CA ILE F 134 -30.23 -16.06 33.58
C ILE F 134 -29.76 -17.33 32.87
N MET F 135 -29.44 -17.19 31.59
CA MET F 135 -28.91 -18.28 30.78
C MET F 135 -27.44 -18.01 30.47
N VAL F 136 -26.65 -19.08 30.42
CA VAL F 136 -25.21 -18.98 30.28
C VAL F 136 -24.75 -19.97 29.21
N THR F 137 -23.82 -19.54 28.37
CA THR F 137 -23.26 -20.37 27.32
C THR F 137 -21.75 -20.36 27.41
N LYS F 138 -21.13 -21.50 27.09
CA LYS F 138 -19.68 -21.61 27.11
C LYS F 138 -19.08 -20.98 25.86
N VAL F 139 -17.96 -20.28 26.06
CA VAL F 139 -17.24 -19.64 24.96
C VAL F 139 -15.77 -20.03 25.03
N ASP F 140 -15.12 -20.08 23.87
CA ASP F 140 -13.70 -20.40 23.83
C ASP F 140 -12.84 -19.23 24.28
N GLU F 141 -13.33 -18.00 24.13
CA GLU F 141 -12.59 -16.79 24.51
C GLU F 141 -13.28 -16.13 25.69
N PRO F 142 -12.91 -16.46 26.92
CA PRO F 142 -13.55 -15.81 28.07
C PRO F 142 -12.99 -14.44 28.39
N SER F 143 -11.81 -14.10 27.87
CA SER F 143 -11.25 -12.78 28.18
C SER F 143 -11.98 -11.68 27.41
N LYS F 144 -12.37 -11.95 26.16
CA LYS F 144 -13.08 -10.97 25.37
C LYS F 144 -14.51 -10.74 25.83
N TYR F 145 -15.02 -11.57 26.73
CA TYR F 145 -16.40 -11.45 27.21
C TYR F 145 -16.39 -11.26 28.73
N GLY F 146 -17.59 -11.08 29.28
CA GLY F 146 -17.75 -10.99 30.73
C GLY F 146 -18.04 -12.34 31.34
N VAL F 147 -17.11 -12.84 32.14
CA VAL F 147 -17.20 -14.18 32.69
C VAL F 147 -18.09 -14.18 33.93
N VAL F 148 -18.94 -15.20 34.04
CA VAL F 148 -19.78 -15.42 35.20
C VAL F 148 -19.18 -16.58 35.98
N VAL F 149 -18.77 -16.32 37.23
CA VAL F 149 -18.12 -17.31 38.07
C VAL F 149 -19.19 -17.96 38.95
N MET F 150 -19.69 -19.10 38.50
CA MET F 150 -20.67 -19.89 39.22
C MET F 150 -20.04 -21.18 39.73
N ARG F 156 -25.41 -21.04 41.30
CA ARG F 156 -25.44 -19.70 41.88
C ARG F 156 -24.19 -18.93 41.47
N VAL F 157 -24.39 -17.66 41.13
CA VAL F 157 -23.30 -16.81 40.67
C VAL F 157 -22.76 -15.99 41.85
N GLU F 158 -21.55 -15.47 41.70
CA GLU F 158 -20.87 -14.82 42.82
C GLU F 158 -20.31 -13.44 42.46
N LYS F 159 -19.54 -13.35 41.39
CA LYS F 159 -18.84 -12.11 41.06
C LYS F 159 -18.79 -11.94 39.56
N PHE F 160 -18.40 -10.74 39.13
CA PHE F 160 -18.25 -10.42 37.71
C PHE F 160 -16.79 -10.07 37.44
N VAL F 161 -16.15 -10.85 36.57
CA VAL F 161 -14.75 -10.67 36.22
C VAL F 161 -14.71 -10.42 34.72
N GLU F 162 -14.59 -9.16 34.32
CA GLU F 162 -14.50 -8.79 32.91
C GLU F 162 -13.04 -8.76 32.50
N LYS F 163 -12.77 -9.30 31.30
CA LYS F 163 -11.41 -9.43 30.78
C LYS F 163 -10.50 -10.04 31.84
N PRO F 164 -10.64 -11.33 32.15
CA PRO F 164 -9.74 -11.96 33.13
C PRO F 164 -8.42 -12.32 32.45
N LYS F 165 -7.33 -11.73 32.95
CA LYS F 165 -6.01 -12.08 32.43
C LYS F 165 -5.64 -13.51 32.79
N LEU F 166 -5.98 -13.93 34.01
CA LEU F 166 -5.86 -15.32 34.43
C LEU F 166 -7.23 -15.98 34.34
N TYR F 167 -7.23 -17.31 34.39
CA TYR F 167 -8.46 -18.06 34.19
C TYR F 167 -9.25 -18.12 35.50
N VAL F 168 -10.42 -17.47 35.50
CA VAL F 168 -11.40 -17.63 36.56
C VAL F 168 -12.67 -18.30 36.07
N GLY F 169 -12.80 -18.50 34.77
CA GLY F 169 -13.96 -19.17 34.20
C GLY F 169 -14.02 -18.94 32.71
N ASN F 170 -14.99 -19.61 32.09
CA ASN F 170 -15.23 -19.47 30.66
C ASN F 170 -16.70 -19.23 30.35
N LYS F 171 -17.56 -19.15 31.37
CA LYS F 171 -19.00 -19.05 31.19
C LYS F 171 -19.43 -17.59 31.22
N ILE F 172 -20.14 -17.17 30.17
CA ILE F 172 -20.57 -15.79 30.02
C ILE F 172 -22.10 -15.76 29.89
N ASN F 173 -22.65 -14.56 30.02
CA ASN F 173 -24.09 -14.38 29.89
C ASN F 173 -24.51 -14.57 28.43
N ALA F 174 -25.75 -15.05 28.25
CA ALA F 174 -26.26 -15.35 26.91
C ALA F 174 -27.33 -14.36 26.46
N GLY F 175 -27.63 -13.34 27.26
CA GLY F 175 -28.59 -12.31 26.86
C GLY F 175 -30.05 -12.67 27.05
N ILE F 176 -30.36 -13.83 27.62
CA ILE F 176 -31.74 -14.24 27.90
C ILE F 176 -31.89 -14.39 29.40
N TYR F 177 -32.95 -13.79 29.94
CA TYR F 177 -33.16 -13.70 31.38
C TYR F 177 -34.53 -14.25 31.75
N LEU F 178 -34.73 -14.45 33.06
CA LEU F 178 -36.02 -14.86 33.60
C LEU F 178 -36.13 -14.24 34.99
N LEU F 179 -36.95 -13.19 35.11
CA LEU F 179 -36.99 -12.36 36.30
C LEU F 179 -38.38 -12.38 36.94
N ASN F 180 -38.41 -12.51 38.26
CA ASN F 180 -39.64 -12.37 39.03
C ASN F 180 -40.06 -10.91 39.10
N PRO F 181 -41.34 -10.64 39.35
CA PRO F 181 -41.78 -9.25 39.54
C PRO F 181 -41.13 -8.55 40.73
N SER F 182 -40.50 -9.30 41.63
CA SER F 182 -39.87 -8.73 42.80
C SER F 182 -38.52 -8.07 42.49
N VAL F 183 -38.14 -7.98 41.22
CA VAL F 183 -36.87 -7.36 40.84
C VAL F 183 -37.05 -5.97 40.26
N LEU F 184 -38.25 -5.63 39.77
CA LEU F 184 -38.49 -4.34 39.12
C LEU F 184 -38.41 -3.15 40.06
N ASP F 185 -38.20 -3.37 41.36
CA ASP F 185 -38.08 -2.28 42.32
C ASP F 185 -36.65 -1.92 42.67
N LYS F 186 -35.70 -2.83 42.42
CA LYS F 186 -34.31 -2.60 42.81
C LYS F 186 -33.59 -1.64 41.88
N ILE F 187 -34.22 -1.20 40.80
CA ILE F 187 -33.60 -0.31 39.83
C ILE F 187 -33.80 1.13 40.25
N GLU F 188 -32.87 1.98 39.81
CA GLU F 188 -32.94 3.42 40.02
C GLU F 188 -33.46 4.11 38.76
N LEU F 189 -33.72 5.40 38.88
CA LEU F 189 -34.12 6.20 37.73
C LEU F 189 -32.94 6.55 36.81
N ARG F 190 -31.71 6.46 37.32
CA ARG F 190 -30.55 6.77 36.49
C ARG F 190 -30.23 5.58 35.59
N PRO F 191 -29.77 5.84 34.35
CA PRO F 191 -29.34 4.75 33.46
C PRO F 191 -28.39 3.77 34.13
N THR F 192 -28.85 2.54 34.35
CA THR F 192 -28.06 1.50 34.97
C THR F 192 -27.91 0.32 34.02
N SER F 193 -26.68 -0.20 33.92
CA SER F 193 -26.37 -1.36 33.09
C SER F 193 -26.62 -2.64 33.88
N ILE F 194 -27.53 -3.48 33.36
CA ILE F 194 -27.88 -4.71 34.06
C ILE F 194 -26.68 -5.64 34.22
N GLU F 195 -25.70 -5.54 33.32
CA GLU F 195 -24.53 -6.42 33.38
C GLU F 195 -23.46 -5.93 34.35
N LYS F 196 -23.44 -4.64 34.67
CA LYS F 196 -22.38 -4.08 35.51
C LYS F 196 -22.85 -3.64 36.89
N GLU F 197 -24.12 -3.32 37.07
CA GLU F 197 -24.63 -2.81 38.34
C GLU F 197 -25.76 -3.64 38.92
N THR F 198 -26.73 -4.04 38.10
CA THR F 198 -27.92 -4.71 38.63
C THR F 198 -27.64 -6.16 38.99
N PHE F 199 -27.02 -6.92 38.09
CA PHE F 199 -26.70 -8.31 38.37
C PHE F 199 -25.81 -8.50 39.60
N PRO F 200 -24.75 -7.70 39.83
CA PRO F 200 -23.99 -7.86 41.08
C PRO F 200 -24.80 -7.55 42.33
N LYS F 201 -25.86 -6.75 42.22
CA LYS F 201 -26.67 -6.45 43.40
C LYS F 201 -27.43 -7.69 43.88
N ILE F 202 -27.90 -8.52 42.93
CA ILE F 202 -28.58 -9.74 43.31
C ILE F 202 -27.61 -10.90 43.53
N ALA F 203 -26.42 -10.85 42.94
CA ALA F 203 -25.44 -11.90 43.14
C ALA F 203 -24.90 -11.88 44.56
N ALA F 204 -24.62 -10.68 45.09
CA ALA F 204 -24.18 -10.57 46.47
C ALA F 204 -25.29 -10.94 47.44
N ALA F 205 -26.54 -10.88 47.00
CA ALA F 205 -27.67 -11.31 47.82
C ALA F 205 -27.90 -12.81 47.77
N GLN F 206 -27.24 -13.52 46.84
CA GLN F 206 -27.37 -14.96 46.71
C GLN F 206 -28.83 -15.37 46.53
N GLY F 207 -29.57 -14.57 45.77
CA GLY F 207 -30.98 -14.84 45.53
C GLY F 207 -31.24 -15.15 44.07
N LEU F 208 -30.17 -15.49 43.35
CA LEU F 208 -30.26 -15.82 41.93
C LEU F 208 -29.66 -17.19 41.68
N TYR F 209 -29.81 -17.66 40.44
CA TYR F 209 -29.25 -18.93 40.01
C TYR F 209 -29.03 -18.85 38.50
N MET F 211 -28.44 -21.17 34.65
CA MET F 211 -28.65 -22.38 33.87
C MET F 211 -27.71 -22.37 32.66
N VAL F 212 -27.33 -23.56 32.23
CA VAL F 212 -26.42 -23.72 31.09
C VAL F 212 -27.24 -23.87 29.82
N LEU F 213 -26.80 -23.22 28.76
CA LEU F 213 -27.51 -23.27 27.48
C LEU F 213 -27.05 -24.47 26.66
N PRO F 214 -27.93 -25.42 26.36
CA PRO F 214 -27.51 -26.59 25.57
C PRO F 214 -27.64 -26.38 24.07
N GLY F 215 -27.30 -25.19 23.59
CA GLY F 215 -27.46 -24.89 22.18
C GLY F 215 -26.42 -23.93 21.63
N PHE F 216 -26.69 -23.34 20.48
CA PHE F 216 -25.76 -22.43 19.82
C PHE F 216 -26.00 -21.00 20.29
N TRP F 217 -24.94 -20.19 20.22
CA TRP F 217 -25.00 -18.79 20.60
C TRP F 217 -24.24 -17.98 19.57
N MET F 218 -24.82 -16.84 19.18
CA MET F 218 -24.21 -15.97 18.19
C MET F 218 -24.70 -14.55 18.44
N ASP F 219 -23.75 -13.62 18.54
CA ASP F 219 -24.05 -12.19 18.70
C ASP F 219 -24.01 -11.55 17.33
N ILE F 220 -25.18 -11.25 16.78
CA ILE F 220 -25.29 -10.66 15.44
C ILE F 220 -25.21 -9.15 15.61
N GLY F 221 -24.05 -8.58 15.31
CA GLY F 221 -23.86 -7.14 15.38
C GLY F 221 -23.24 -6.58 14.12
N GLN F 222 -23.15 -7.41 13.08
CA GLN F 222 -22.56 -7.02 11.81
C GLN F 222 -23.20 -7.84 10.70
N PRO F 223 -23.35 -7.28 9.51
CA PRO F 223 -24.04 -8.02 8.44
C PRO F 223 -23.35 -9.31 8.00
N ARG F 224 -22.04 -9.44 8.23
CA ARG F 224 -21.35 -10.66 7.81
C ARG F 224 -21.63 -11.84 8.71
N ASP F 225 -22.16 -11.62 9.92
CA ASP F 225 -22.49 -12.74 10.79
C ASP F 225 -23.75 -13.50 10.37
N TYR F 226 -24.46 -13.01 9.35
CA TYR F 226 -25.69 -13.68 8.94
C TYR F 226 -25.41 -15.00 8.23
N ILE F 227 -24.29 -15.11 7.52
CA ILE F 227 -23.99 -16.36 6.83
C ILE F 227 -23.42 -17.40 7.78
N THR F 228 -22.66 -16.97 8.78
CA THR F 228 -22.13 -17.92 9.77
C THR F 228 -23.15 -18.20 10.87
N GLY F 229 -24.02 -17.24 11.16
CA GLY F 229 -25.10 -17.50 12.11
C GLY F 229 -26.19 -18.37 11.55
N LEU F 230 -26.39 -18.34 10.22
CA LEU F 230 -27.37 -19.20 9.59
C LEU F 230 -26.92 -20.67 9.63
N ARG F 231 -25.61 -20.92 9.65
CA ARG F 231 -25.12 -22.27 9.81
C ARG F 231 -25.52 -22.85 11.17
N LEU F 232 -25.28 -22.09 12.24
CA LEU F 232 -25.66 -22.56 13.57
C LEU F 232 -27.15 -22.78 13.67
N TYR F 233 -27.95 -21.98 12.96
CA TYR F 233 -29.40 -22.18 12.97
C TYR F 233 -29.80 -23.42 12.19
N LEU F 234 -29.31 -23.53 10.95
CA LEU F 234 -29.67 -24.69 10.13
C LEU F 234 -29.08 -25.98 10.71
N ASP F 235 -27.95 -25.89 11.41
CA ASP F 235 -27.40 -27.07 12.07
C ASP F 235 -28.33 -27.57 13.17
N SER F 236 -28.82 -26.65 14.00
CA SER F 236 -29.78 -27.04 15.04
C SER F 236 -31.07 -27.56 14.45
N LEU F 237 -31.44 -27.11 13.24
CA LEU F 237 -32.64 -27.63 12.60
C LEU F 237 -32.47 -29.08 12.17
N ARG F 238 -31.27 -29.48 11.76
CA ARG F 238 -31.02 -30.87 11.45
C ARG F 238 -31.24 -31.78 12.65
N LYS F 239 -31.17 -31.23 13.87
CA LYS F 239 -31.41 -31.99 15.09
C LYS F 239 -32.85 -31.92 15.55
N LYS F 240 -33.42 -30.72 15.62
CA LYS F 240 -34.78 -30.55 16.13
C LYS F 240 -35.80 -31.19 15.21
N SER F 241 -35.91 -30.69 13.98
CA SER F 241 -36.87 -31.22 13.00
C SER F 241 -36.16 -31.28 11.65
N PRO F 242 -35.68 -32.46 11.25
CA PRO F 242 -34.92 -32.56 9.99
C PRO F 242 -35.77 -32.51 8.73
N ALA F 243 -37.08 -32.62 8.84
CA ALA F 243 -37.97 -32.55 7.68
C ALA F 243 -38.33 -31.13 7.29
N LYS F 244 -37.83 -30.13 8.01
CA LYS F 244 -38.06 -28.74 7.66
C LYS F 244 -37.01 -28.19 6.70
N LEU F 245 -35.98 -28.96 6.40
CA LEU F 245 -34.92 -28.54 5.47
C LEU F 245 -35.09 -29.32 4.17
N THR F 246 -35.11 -28.59 3.06
CA THR F 246 -35.34 -29.23 1.76
C THR F 246 -34.19 -30.17 1.41
N SER F 247 -34.50 -31.16 0.58
CA SER F 247 -33.53 -32.16 0.15
C SER F 247 -33.80 -32.50 -1.31
N GLY F 248 -32.80 -33.08 -1.96
CA GLY F 248 -32.94 -33.48 -3.34
C GLY F 248 -31.61 -33.70 -4.02
N PRO F 249 -31.65 -33.99 -5.32
CA PRO F 249 -30.41 -34.21 -6.06
C PRO F 249 -29.60 -32.95 -6.30
N HIS F 250 -30.25 -31.78 -6.29
CA HIS F 250 -29.55 -30.51 -6.44
C HIS F 250 -29.30 -29.83 -5.10
N ILE F 251 -29.62 -30.50 -3.99
CA ILE F 251 -29.49 -29.95 -2.65
C ILE F 251 -28.34 -30.64 -1.95
N VAL F 252 -27.47 -29.87 -1.33
CA VAL F 252 -26.32 -30.39 -0.59
C VAL F 252 -26.29 -29.71 0.77
N GLY F 253 -26.15 -30.50 1.83
CA GLY F 253 -26.11 -29.96 3.17
C GLY F 253 -27.47 -29.55 3.67
N ASN F 254 -27.51 -28.41 4.36
CA ASN F 254 -28.75 -27.88 4.95
C ASN F 254 -29.20 -26.68 4.13
N VAL F 255 -30.41 -26.77 3.58
CA VAL F 255 -30.99 -25.69 2.76
C VAL F 255 -32.42 -25.46 3.22
N LEU F 256 -32.77 -24.19 3.46
CA LEU F 256 -34.11 -23.80 3.90
C LEU F 256 -34.78 -22.99 2.79
N VAL F 257 -35.66 -23.63 2.03
CA VAL F 257 -36.36 -22.98 0.93
C VAL F 257 -37.79 -22.68 1.34
N ASP F 258 -38.32 -21.57 0.83
CA ASP F 258 -39.70 -21.16 1.10
C ASP F 258 -40.64 -21.82 0.10
N GLU F 259 -41.88 -22.04 0.54
CA GLU F 259 -42.89 -22.63 -0.35
C GLU F 259 -43.25 -21.69 -1.50
N THR F 260 -43.09 -20.39 -1.30
CA THR F 260 -43.39 -19.45 -2.37
C THR F 260 -42.27 -19.37 -3.39
N ALA F 261 -41.04 -19.61 -2.96
CA ALA F 261 -39.89 -19.54 -3.85
C ALA F 261 -39.93 -20.68 -4.87
N THR F 262 -39.56 -20.36 -6.10
CA THR F 262 -39.49 -21.33 -7.20
C THR F 262 -38.05 -21.40 -7.69
N ILE F 263 -37.55 -22.63 -7.88
CA ILE F 263 -36.17 -22.87 -8.29
C ILE F 263 -36.19 -23.47 -9.69
N GLY F 264 -35.31 -22.96 -10.56
CA GLY F 264 -35.15 -23.52 -11.88
C GLY F 264 -34.42 -24.85 -11.86
N GLU F 265 -34.20 -25.36 -13.07
CA GLU F 265 -33.53 -26.64 -13.26
C GLU F 265 -32.03 -26.42 -13.49
N GLY F 266 -31.25 -27.47 -13.23
CA GLY F 266 -29.83 -27.39 -13.42
C GLY F 266 -29.13 -26.50 -12.44
N CYS F 267 -29.66 -26.40 -11.23
CA CYS F 267 -29.07 -25.58 -10.18
C CYS F 267 -28.36 -26.48 -9.17
N LEU F 268 -27.64 -25.83 -8.26
CA LEU F 268 -26.96 -26.53 -7.17
C LEU F 268 -26.96 -25.58 -5.98
N ILE F 269 -27.72 -25.93 -4.95
CA ILE F 269 -27.95 -25.04 -3.81
C ILE F 269 -27.41 -25.71 -2.56
N GLY F 270 -26.60 -24.97 -1.81
CA GLY F 270 -26.02 -25.49 -0.60
C GLY F 270 -24.51 -25.39 -0.60
N PRO F 271 -23.89 -25.54 0.57
CA PRO F 271 -24.65 -25.74 1.81
C PRO F 271 -25.05 -24.43 2.48
N ASP F 272 -26.03 -24.52 3.38
CA ASP F 272 -26.46 -23.41 4.23
C ASP F 272 -26.91 -22.20 3.40
N VAL F 273 -28.05 -22.41 2.74
CA VAL F 273 -28.69 -21.37 1.93
C VAL F 273 -30.15 -21.29 2.33
N ALA F 274 -30.66 -20.07 2.47
CA ALA F 274 -32.05 -19.83 2.86
C ALA F 274 -32.67 -18.85 1.87
N ILE F 275 -33.65 -19.32 1.10
CA ILE F 275 -34.30 -18.52 0.07
C ILE F 275 -35.68 -18.10 0.58
N GLY F 276 -35.90 -16.78 0.64
CA GLY F 276 -37.14 -16.24 1.12
C GLY F 276 -38.31 -16.52 0.18
N PRO F 277 -39.48 -16.01 0.56
CA PRO F 277 -40.68 -16.19 -0.27
C PRO F 277 -40.71 -15.23 -1.45
N GLY F 278 -41.54 -15.58 -2.42
CA GLY F 278 -41.72 -14.78 -3.62
C GLY F 278 -40.52 -14.71 -4.52
N CYS F 279 -39.48 -15.49 -4.25
CA CYS F 279 -38.30 -15.49 -5.10
C CYS F 279 -38.49 -16.42 -6.29
N ILE F 280 -37.72 -16.15 -7.35
CA ILE F 280 -37.72 -16.94 -8.57
C ILE F 280 -36.27 -17.15 -8.98
N VAL F 281 -35.75 -18.35 -8.76
CA VAL F 281 -34.36 -18.70 -9.07
C VAL F 281 -34.33 -19.35 -10.45
N GLU F 282 -33.51 -18.82 -11.35
CA GLU F 282 -33.40 -19.32 -12.70
C GLU F 282 -32.39 -20.48 -12.76
N SER F 283 -32.10 -20.93 -13.97
CA SER F 283 -31.35 -22.16 -14.20
C SER F 283 -29.84 -21.91 -14.23
N GLY F 284 -29.08 -22.93 -13.89
CA GLY F 284 -27.64 -22.88 -13.96
C GLY F 284 -26.97 -22.17 -12.81
N VAL F 285 -27.67 -21.92 -11.72
CA VAL F 285 -27.14 -21.16 -10.60
C VAL F 285 -26.42 -22.10 -9.64
N ARG F 286 -25.56 -21.52 -8.81
CA ARG F 286 -24.77 -22.27 -7.82
C ARG F 286 -24.73 -21.44 -6.53
N LEU F 287 -25.59 -21.79 -5.57
CA LEU F 287 -25.69 -21.09 -4.30
C LEU F 287 -24.99 -21.87 -3.20
N SER F 288 -24.28 -21.14 -2.33
CA SER F 288 -23.51 -21.76 -1.25
C SER F 288 -23.25 -20.73 -0.17
N ARG F 289 -23.57 -21.08 1.08
CA ARG F 289 -23.25 -20.27 2.26
C ARG F 289 -23.90 -18.89 2.20
N CYS F 290 -24.91 -18.69 1.36
CA CYS F 290 -25.55 -17.40 1.21
C CYS F 290 -26.97 -17.44 1.77
N THR F 291 -27.59 -16.26 1.82
CA THR F 291 -28.99 -16.13 2.23
C THR F 291 -29.69 -15.20 1.26
N VAL F 292 -30.85 -15.63 0.77
CA VAL F 292 -31.63 -14.90 -0.21
C VAL F 292 -32.91 -14.40 0.46
N MET F 293 -33.19 -13.11 0.32
CA MET F 293 -34.38 -12.51 0.90
C MET F 293 -35.50 -12.47 -0.14
N ARG F 294 -36.60 -11.78 0.18
CA ARG F 294 -37.83 -11.90 -0.59
C ARG F 294 -37.71 -11.26 -1.97
N GLY F 295 -38.44 -11.83 -2.92
CA GLY F 295 -38.73 -11.19 -4.19
C GLY F 295 -37.57 -11.00 -5.14
N VAL F 296 -36.34 -11.25 -4.73
CA VAL F 296 -35.19 -11.01 -5.59
C VAL F 296 -35.07 -12.12 -6.62
N ARG F 297 -34.79 -11.73 -7.87
CA ARG F 297 -34.60 -12.66 -8.97
C ARG F 297 -33.12 -12.78 -9.30
N ILE F 298 -32.62 -14.02 -9.33
CA ILE F 298 -31.26 -14.33 -9.74
C ILE F 298 -31.31 -14.98 -11.11
N LYS F 299 -30.64 -14.38 -12.08
CA LYS F 299 -30.71 -14.83 -13.46
C LYS F 299 -29.84 -16.07 -13.67
N LYS F 300 -29.77 -16.52 -14.92
CA LYS F 300 -29.18 -17.81 -15.24
C LYS F 300 -27.66 -17.79 -15.17
N HIS F 301 -27.09 -18.94 -14.79
CA HIS F 301 -25.65 -19.19 -14.84
C HIS F 301 -24.87 -18.28 -13.89
N ALA F 302 -25.52 -17.83 -12.83
CA ALA F 302 -24.88 -17.00 -11.82
C ALA F 302 -24.25 -17.87 -10.74
N CYS F 303 -23.14 -17.38 -10.17
CA CYS F 303 -22.41 -18.09 -9.14
C CYS F 303 -22.26 -17.16 -7.93
N ILE F 304 -23.05 -17.41 -6.89
CA ILE F 304 -23.06 -16.61 -5.67
C ILE F 304 -22.59 -17.48 -4.52
N SER F 305 -21.59 -17.01 -3.78
CA SER F 305 -21.03 -17.73 -2.65
C SER F 305 -20.83 -16.78 -1.47
N SER F 306 -21.30 -17.19 -0.29
CA SER F 306 -21.09 -16.48 0.96
C SER F 306 -21.40 -14.98 0.81
N SER F 307 -22.65 -14.69 0.51
CA SER F 307 -23.09 -13.32 0.28
C SER F 307 -24.49 -13.14 0.86
N ILE F 308 -24.98 -11.90 0.78
CA ILE F 308 -26.29 -11.54 1.31
C ILE F 308 -27.02 -10.74 0.23
N ILE F 309 -28.18 -11.22 -0.17
CA ILE F 309 -28.97 -10.61 -1.23
C ILE F 309 -30.16 -9.90 -0.59
N GLY F 310 -30.36 -8.64 -0.95
CA GLY F 310 -31.44 -7.84 -0.39
C GLY F 310 -32.78 -8.16 -1.01
N TRP F 311 -33.78 -7.38 -0.61
CA TRP F 311 -35.13 -7.57 -1.10
C TRP F 311 -35.28 -7.01 -2.51
N HIS F 312 -35.97 -7.77 -3.35
CA HIS F 312 -36.39 -7.30 -4.68
C HIS F 312 -35.20 -6.81 -5.51
N SER F 313 -34.05 -7.46 -5.36
CA SER F 313 -32.86 -7.13 -6.12
C SER F 313 -32.83 -7.97 -7.40
N THR F 314 -31.73 -7.89 -8.14
CA THR F 314 -31.63 -8.59 -9.41
C THR F 314 -30.17 -8.87 -9.73
N VAL F 315 -29.81 -10.15 -9.80
CA VAL F 315 -28.48 -10.59 -10.20
C VAL F 315 -28.54 -10.99 -11.66
N GLY F 316 -27.75 -10.34 -12.49
CA GLY F 316 -27.76 -10.63 -13.91
C GLY F 316 -27.22 -12.01 -14.23
N GLN F 317 -27.32 -12.37 -15.51
CA GLN F 317 -26.83 -13.67 -15.96
C GLN F 317 -25.31 -13.70 -15.92
N TRP F 318 -24.76 -14.88 -15.63
CA TRP F 318 -23.32 -15.12 -15.59
C TRP F 318 -22.59 -14.20 -14.60
N ALA F 319 -23.31 -13.56 -13.68
CA ALA F 319 -22.66 -12.70 -12.70
C ALA F 319 -22.13 -13.54 -11.55
N ARG F 320 -20.93 -13.22 -11.09
CA ARG F 320 -20.30 -13.94 -10.00
C ARG F 320 -20.23 -13.05 -8.77
N ILE F 321 -20.75 -13.57 -7.67
CA ILE F 321 -20.81 -12.85 -6.40
C ILE F 321 -20.14 -13.73 -5.35
N GLU F 322 -19.17 -13.18 -4.62
CA GLU F 322 -18.46 -13.96 -3.62
C GLU F 322 -17.89 -13.04 -2.56
N ASN F 323 -17.42 -13.65 -1.47
CA ASN F 323 -16.61 -13.01 -0.44
C ASN F 323 -17.39 -11.88 0.26
N MET F 324 -18.48 -12.28 0.92
CA MET F 324 -19.25 -11.40 1.81
C MET F 324 -19.71 -10.12 1.10
N THR F 325 -20.27 -10.28 -0.09
CA THR F 325 -20.84 -9.16 -0.82
C THR F 325 -22.23 -8.85 -0.29
N ILE F 326 -22.46 -7.61 0.12
CA ILE F 326 -23.69 -7.19 0.78
C ILE F 326 -24.45 -6.28 -0.17
N LEU F 327 -25.67 -6.68 -0.52
CA LEU F 327 -26.52 -5.92 -1.43
C LEU F 327 -27.75 -5.39 -0.69
N GLY F 328 -28.13 -4.16 -1.01
CA GLY F 328 -29.32 -3.56 -0.45
C GLY F 328 -30.58 -3.94 -1.21
N GLU F 329 -31.68 -3.33 -0.80
CA GLU F 329 -32.96 -3.58 -1.46
C GLU F 329 -32.96 -2.93 -2.85
N ASP F 330 -33.49 -3.67 -3.83
CA ASP F 330 -33.64 -3.18 -5.20
C ASP F 330 -32.28 -2.77 -5.77
N VAL F 331 -31.40 -3.74 -5.87
CA VAL F 331 -30.08 -3.58 -6.47
C VAL F 331 -30.01 -4.46 -7.71
N HIS F 332 -29.69 -3.85 -8.84
CA HIS F 332 -29.72 -4.53 -10.13
C HIS F 332 -28.30 -4.73 -10.63
N VAL F 333 -27.82 -5.97 -10.53
CA VAL F 333 -26.50 -6.34 -11.02
C VAL F 333 -26.62 -6.75 -12.48
N SER F 334 -25.84 -6.11 -13.33
CA SER F 334 -25.85 -6.45 -14.75
C SER F 334 -25.31 -7.86 -14.96
N ASP F 335 -25.40 -8.32 -16.22
CA ASP F 335 -24.87 -9.62 -16.56
C ASP F 335 -23.33 -9.57 -16.55
N GLU F 336 -22.73 -10.73 -16.27
CA GLU F 336 -21.28 -10.93 -16.36
C GLU F 336 -20.51 -10.03 -15.40
N ILE F 337 -21.14 -9.61 -14.30
CA ILE F 337 -20.54 -8.70 -13.34
C ILE F 337 -19.98 -9.50 -12.17
N TYR F 338 -18.77 -9.14 -11.75
CA TYR F 338 -18.07 -9.80 -10.65
C TYR F 338 -17.97 -8.85 -9.46
N SER F 339 -18.27 -9.35 -8.28
CA SER F 339 -18.22 -8.57 -7.04
C SER F 339 -17.41 -9.33 -6.00
N ASN F 340 -16.38 -8.68 -5.46
CA ASN F 340 -15.53 -9.28 -4.43
C ASN F 340 -15.62 -8.53 -3.11
N GLY F 341 -16.80 -8.53 -2.49
CA GLY F 341 -16.96 -7.88 -1.21
C GLY F 341 -17.45 -6.45 -1.32
N GLY F 342 -18.38 -6.22 -2.22
CA GLY F 342 -18.92 -4.89 -2.42
C GLY F 342 -20.15 -4.62 -1.58
N VAL F 343 -20.02 -3.76 -0.57
CA VAL F 343 -21.14 -3.38 0.29
C VAL F 343 -21.87 -2.24 -0.41
N VAL F 344 -22.97 -2.58 -1.09
CA VAL F 344 -23.67 -1.66 -1.99
C VAL F 344 -24.91 -1.10 -1.31
N LEU F 345 -25.21 0.16 -1.61
CA LEU F 345 -26.40 0.83 -1.12
C LEU F 345 -27.63 0.43 -1.95
N PRO F 346 -28.82 0.56 -1.36
CA PRO F 346 -30.05 0.21 -2.10
C PRO F 346 -30.31 1.14 -3.26
N HIS F 347 -31.13 0.65 -4.19
CA HIS F 347 -31.53 1.39 -5.38
C HIS F 347 -30.31 1.83 -6.18
N LYS F 348 -29.53 0.84 -6.61
CA LYS F 348 -28.29 1.07 -7.34
C LYS F 348 -28.18 0.06 -8.46
N GLU F 349 -27.81 0.53 -9.64
CA GLU F 349 -27.61 -0.32 -10.81
C GLU F 349 -26.11 -0.56 -10.97
N ILE F 350 -25.70 -1.82 -10.86
CA ILE F 350 -24.30 -2.20 -10.93
C ILE F 350 -24.01 -2.69 -12.35
N LYS F 351 -23.24 -1.92 -13.10
CA LYS F 351 -22.84 -2.28 -14.45
C LYS F 351 -21.34 -2.48 -14.59
N SER F 352 -20.59 -2.41 -13.50
CA SER F 352 -19.15 -2.60 -13.52
C SER F 352 -18.75 -3.58 -12.43
N ASN F 353 -17.57 -4.18 -12.62
CA ASN F 353 -17.08 -5.17 -11.66
C ASN F 353 -16.57 -4.50 -10.39
N ILE F 354 -16.95 -5.07 -9.24
CA ILE F 354 -16.38 -4.68 -7.96
C ILE F 354 -15.31 -5.71 -7.62
N LEU F 355 -14.19 -5.64 -8.34
CA LEU F 355 -13.15 -6.67 -8.28
C LEU F 355 -12.46 -6.74 -6.92
N LYS F 356 -12.67 -5.77 -6.04
CA LYS F 356 -12.08 -5.76 -4.71
C LYS F 356 -13.09 -5.17 -3.74
N PRO F 357 -12.95 -5.46 -2.44
CA PRO F 357 -13.90 -4.94 -1.46
C PRO F 357 -14.02 -3.43 -1.53
N GLU F 358 -15.26 -2.96 -1.63
CA GLU F 358 -15.54 -1.55 -1.89
C GLU F 358 -16.98 -1.25 -1.52
N ILE F 359 -17.20 -0.06 -0.95
CA ILE F 359 -18.54 0.38 -0.61
C ILE F 359 -19.06 1.26 -1.74
N VAL F 360 -20.13 0.80 -2.39
CA VAL F 360 -20.72 1.49 -3.53
C VAL F 360 -22.02 2.15 -3.08
N MET F 361 -22.24 3.37 -3.55
CA MET F 361 -23.43 4.13 -3.18
C MET F 361 -24.35 4.40 -4.37
#